data_1WUB
# 
_entry.id   1WUB 
# 
_audit_conform.dict_name       mmcif_pdbx.dic 
_audit_conform.dict_version    5.388 
_audit_conform.dict_location   http://mmcif.pdb.org/dictionaries/ascii/mmcif_pdbx.dic 
# 
loop_
_database_2.database_id 
_database_2.database_code 
_database_2.pdbx_database_accession 
_database_2.pdbx_DOI 
PDB   1WUB         pdb_00001wub 10.2210/pdb1wub/pdb 
RCSB  RCSB024007   ?            ?                   
WWPDB D_1000024007 ?            ?                   
# 
loop_
_pdbx_audit_revision_history.ordinal 
_pdbx_audit_revision_history.data_content_type 
_pdbx_audit_revision_history.major_revision 
_pdbx_audit_revision_history.minor_revision 
_pdbx_audit_revision_history.revision_date 
1 'Structure model' 1 0 2004-12-21 
2 'Structure model' 1 1 2008-04-30 
3 'Structure model' 1 2 2011-07-13 
4 'Structure model' 1 3 2024-03-13 
# 
_pdbx_audit_revision_details.ordinal             1 
_pdbx_audit_revision_details.revision_ordinal    1 
_pdbx_audit_revision_details.data_content_type   'Structure model' 
_pdbx_audit_revision_details.provider            repository 
_pdbx_audit_revision_details.type                'Initial release' 
_pdbx_audit_revision_details.description         ? 
_pdbx_audit_revision_details.details             ? 
# 
loop_
_pdbx_audit_revision_group.ordinal 
_pdbx_audit_revision_group.revision_ordinal 
_pdbx_audit_revision_group.data_content_type 
_pdbx_audit_revision_group.group 
1 2 'Structure model' 'Version format compliance' 
2 3 'Structure model' 'Version format compliance' 
3 4 'Structure model' 'Data collection'           
4 4 'Structure model' 'Database references'       
5 4 'Structure model' 'Derived calculations'      
# 
loop_
_pdbx_audit_revision_category.ordinal 
_pdbx_audit_revision_category.revision_ordinal 
_pdbx_audit_revision_category.data_content_type 
_pdbx_audit_revision_category.category 
1 4 'Structure model' chem_comp_atom 
2 4 'Structure model' chem_comp_bond 
3 4 'Structure model' database_2     
4 4 'Structure model' struct_site    
# 
loop_
_pdbx_audit_revision_item.ordinal 
_pdbx_audit_revision_item.revision_ordinal 
_pdbx_audit_revision_item.data_content_type 
_pdbx_audit_revision_item.item 
1 4 'Structure model' '_database_2.pdbx_DOI'                
2 4 'Structure model' '_database_2.pdbx_database_accession' 
3 4 'Structure model' '_struct_site.pdbx_auth_asym_id'      
4 4 'Structure model' '_struct_site.pdbx_auth_comp_id'      
5 4 'Structure model' '_struct_site.pdbx_auth_seq_id'       
# 
_pdbx_database_PDB_obs_spr.id               SPRSDE 
_pdbx_database_PDB_obs_spr.date             2004-12-21 
_pdbx_database_PDB_obs_spr.pdb_id           1WUB 
_pdbx_database_PDB_obs_spr.replace_pdb_id   1UF6 
_pdbx_database_PDB_obs_spr.details          ? 
# 
_pdbx_database_status.status_code                     REL 
_pdbx_database_status.entry_id                        1WUB 
_pdbx_database_status.recvd_initial_deposition_date   2004-12-03 
_pdbx_database_status.deposit_site                    PDBJ 
_pdbx_database_status.process_site                    PDBJ 
_pdbx_database_status.status_code_sf                  ? 
_pdbx_database_status.status_code_mr                  ? 
_pdbx_database_status.SG_entry                        Y 
_pdbx_database_status.pdb_format_compatible           Y 
_pdbx_database_status.status_code_cs                  ? 
_pdbx_database_status.status_code_nmr_data            ? 
_pdbx_database_status.methods_development_category    ? 
# 
_pdbx_database_related.db_name        TargetDB 
_pdbx_database_related.db_id          ttk003001927 
_pdbx_database_related.details        . 
_pdbx_database_related.content_type   unspecified 
# 
loop_
_audit_author.name 
_audit_author.pdbx_ordinal 
'Handa, N.'                                              1  
'Idaka, M.'                                              2  
'Terada, T.'                                             3  
'Hamana, H.'                                             4  
'Ishizuka, Y.'                                           5  
'Park, S.-Y.'                                            6  
'Tame, J.R.H.'                                           7  
'Doi-Katayama, Y.'                                       8  
'Hirota, H.'                                             9  
'Kuramitsu, S.'                                          10 
'Shirouzu, M.'                                           11 
'Yokoyama, S.'                                           12 
'RIKEN Structural Genomics/Proteomics Initiative (RSGI)' 13 
# 
_citation.id                        primary 
_citation.title                     'Crystal structure of a novel polyisoprenoid-binding protein from Thermus thermophilus HB8' 
_citation.journal_abbrev            'Protein Sci.' 
_citation.journal_volume            14 
_citation.page_first                1004 
_citation.page_last                 1010 
_citation.year                      2005 
_citation.journal_id_ASTM           PRCIEI 
_citation.country                   US 
_citation.journal_id_ISSN           0961-8368 
_citation.journal_id_CSD            0795 
_citation.book_publisher            ? 
_citation.pdbx_database_id_PubMed   15741337 
_citation.pdbx_database_id_DOI      10.1110/ps.041183305 
# 
loop_
_citation_author.citation_id 
_citation_author.name 
_citation_author.ordinal 
_citation_author.identifier_ORCID 
primary 'Handa, N.'        1 ? 
primary 'Terada, T.'       2 ? 
primary 'Doi-Katayama, Y.' 3 ? 
primary 'Hirota, H.'       4 ? 
primary 'Tame, J.R.'       5 ? 
primary 'Park, S.-Y.'      6 ? 
primary 'Kuramitsu, S.'    7 ? 
primary 'Shirouzu, M.'     8 ? 
primary 'Yokoyama, S.'     9 ? 
# 
loop_
_entity.id 
_entity.type 
_entity.src_method 
_entity.pdbx_description 
_entity.formula_weight 
_entity.pdbx_number_of_molecules 
_entity.pdbx_ec 
_entity.pdbx_mutation 
_entity.pdbx_fragment 
_entity.details 
1 polymer     man 'conserved hypothetical protein TT1927b' 19497.998 1   ? ? ? ? 
2 non-polymer syn 
'(2E,6E,10E,14E,18E,22E,26E)-3,7,11,15,19,23,27,31-OCTAMETHYLDOTRIACONTA-2,6,10,14,18,22,26,30-OCTAENYL TRIHYDROGEN DIPHOSPHATE' 
722.911   1   ? ? ? ? 
3 water       nat water 18.015    102 ? ? ? ? 
# 
_entity_name_com.entity_id   1 
_entity_name_com.name        'polyisoprenoid-binding protein TT1927b' 
# 
_entity_poly.entity_id                      1 
_entity_poly.type                           'polypeptide(L)' 
_entity_poly.nstd_linkage                   no 
_entity_poly.nstd_monomer                   no 
_entity_poly.pdbx_seq_one_letter_code       
;MKWNLDPSHTSIDFKVRHMGIASVRGSLKVLSGSVETDEAGRPIQVEAVIDAASIATGEPQRDGHLRSADFLHAEQYPEI
RFVSTQIEPLGGNRYRIQGNLTIRDITKPVTLEAEVSAPIKDPWGMQRVAASASGQINRKDWNLTWNQVLELGALLVGEE
VKFNLEVEAVAPAPVAAQ
;
_entity_poly.pdbx_seq_one_letter_code_can   
;MKWNLDPSHTSIDFKVRHMGIASVRGSLKVLSGSVETDEAGRPIQVEAVIDAASIATGEPQRDGHLRSADFLHAEQYPEI
RFVSTQIEPLGGNRYRIQGNLTIRDITKPVTLEAEVSAPIKDPWGMQRVAASASGQINRKDWNLTWNQVLELGALLVGEE
VKFNLEVEAVAPAPVAAQ
;
_entity_poly.pdbx_strand_id                 A 
_entity_poly.pdbx_target_identifier         'ttk003001927 ' 
# 
loop_
_pdbx_entity_nonpoly.entity_id 
_pdbx_entity_nonpoly.name 
_pdbx_entity_nonpoly.comp_id 
2 '(2E,6E,10E,14E,18E,22E,26E)-3,7,11,15,19,23,27,31-OCTAMETHYLDOTRIACONTA-2,6,10,14,18,22,26,30-OCTAENYL TRIHYDROGEN DIPHOSPHATE' 
OTP 
3 water                                                                                                                            
HOH 
# 
loop_
_entity_poly_seq.entity_id 
_entity_poly_seq.num 
_entity_poly_seq.mon_id 
_entity_poly_seq.hetero 
1 1   MET n 
1 2   LYS n 
1 3   TRP n 
1 4   ASN n 
1 5   LEU n 
1 6   ASP n 
1 7   PRO n 
1 8   SER n 
1 9   HIS n 
1 10  THR n 
1 11  SER n 
1 12  ILE n 
1 13  ASP n 
1 14  PHE n 
1 15  LYS n 
1 16  VAL n 
1 17  ARG n 
1 18  HIS n 
1 19  MET n 
1 20  GLY n 
1 21  ILE n 
1 22  ALA n 
1 23  SER n 
1 24  VAL n 
1 25  ARG n 
1 26  GLY n 
1 27  SER n 
1 28  LEU n 
1 29  LYS n 
1 30  VAL n 
1 31  LEU n 
1 32  SER n 
1 33  GLY n 
1 34  SER n 
1 35  VAL n 
1 36  GLU n 
1 37  THR n 
1 38  ASP n 
1 39  GLU n 
1 40  ALA n 
1 41  GLY n 
1 42  ARG n 
1 43  PRO n 
1 44  ILE n 
1 45  GLN n 
1 46  VAL n 
1 47  GLU n 
1 48  ALA n 
1 49  VAL n 
1 50  ILE n 
1 51  ASP n 
1 52  ALA n 
1 53  ALA n 
1 54  SER n 
1 55  ILE n 
1 56  ALA n 
1 57  THR n 
1 58  GLY n 
1 59  GLU n 
1 60  PRO n 
1 61  GLN n 
1 62  ARG n 
1 63  ASP n 
1 64  GLY n 
1 65  HIS n 
1 66  LEU n 
1 67  ARG n 
1 68  SER n 
1 69  ALA n 
1 70  ASP n 
1 71  PHE n 
1 72  LEU n 
1 73  HIS n 
1 74  ALA n 
1 75  GLU n 
1 76  GLN n 
1 77  TYR n 
1 78  PRO n 
1 79  GLU n 
1 80  ILE n 
1 81  ARG n 
1 82  PHE n 
1 83  VAL n 
1 84  SER n 
1 85  THR n 
1 86  GLN n 
1 87  ILE n 
1 88  GLU n 
1 89  PRO n 
1 90  LEU n 
1 91  GLY n 
1 92  GLY n 
1 93  ASN n 
1 94  ARG n 
1 95  TYR n 
1 96  ARG n 
1 97  ILE n 
1 98  GLN n 
1 99  GLY n 
1 100 ASN n 
1 101 LEU n 
1 102 THR n 
1 103 ILE n 
1 104 ARG n 
1 105 ASP n 
1 106 ILE n 
1 107 THR n 
1 108 LYS n 
1 109 PRO n 
1 110 VAL n 
1 111 THR n 
1 112 LEU n 
1 113 GLU n 
1 114 ALA n 
1 115 GLU n 
1 116 VAL n 
1 117 SER n 
1 118 ALA n 
1 119 PRO n 
1 120 ILE n 
1 121 LYS n 
1 122 ASP n 
1 123 PRO n 
1 124 TRP n 
1 125 GLY n 
1 126 MET n 
1 127 GLN n 
1 128 ARG n 
1 129 VAL n 
1 130 ALA n 
1 131 ALA n 
1 132 SER n 
1 133 ALA n 
1 134 SER n 
1 135 GLY n 
1 136 GLN n 
1 137 ILE n 
1 138 ASN n 
1 139 ARG n 
1 140 LYS n 
1 141 ASP n 
1 142 TRP n 
1 143 ASN n 
1 144 LEU n 
1 145 THR n 
1 146 TRP n 
1 147 ASN n 
1 148 GLN n 
1 149 VAL n 
1 150 LEU n 
1 151 GLU n 
1 152 LEU n 
1 153 GLY n 
1 154 ALA n 
1 155 LEU n 
1 156 LEU n 
1 157 VAL n 
1 158 GLY n 
1 159 GLU n 
1 160 GLU n 
1 161 VAL n 
1 162 LYS n 
1 163 PHE n 
1 164 ASN n 
1 165 LEU n 
1 166 GLU n 
1 167 VAL n 
1 168 GLU n 
1 169 ALA n 
1 170 VAL n 
1 171 ALA n 
1 172 PRO n 
1 173 ALA n 
1 174 PRO n 
1 175 VAL n 
1 176 ALA n 
1 177 ALA n 
1 178 GLN n 
# 
_entity_src_gen.entity_id                          1 
_entity_src_gen.pdbx_src_id                        1 
_entity_src_gen.pdbx_alt_source_flag               sample 
_entity_src_gen.pdbx_seq_type                      ? 
_entity_src_gen.pdbx_beg_seq_num                   ? 
_entity_src_gen.pdbx_end_seq_num                   ? 
_entity_src_gen.gene_src_common_name               ? 
_entity_src_gen.gene_src_genus                     Thermus 
_entity_src_gen.pdbx_gene_src_gene                 ? 
_entity_src_gen.gene_src_species                   ? 
_entity_src_gen.gene_src_strain                    ? 
_entity_src_gen.gene_src_tissue                    ? 
_entity_src_gen.gene_src_tissue_fraction           ? 
_entity_src_gen.gene_src_details                   ? 
_entity_src_gen.pdbx_gene_src_fragment             ? 
_entity_src_gen.pdbx_gene_src_scientific_name      'Thermus thermophilus' 
_entity_src_gen.pdbx_gene_src_ncbi_taxonomy_id     274 
_entity_src_gen.pdbx_gene_src_variant              ? 
_entity_src_gen.pdbx_gene_src_cell_line            ? 
_entity_src_gen.pdbx_gene_src_atcc                 ? 
_entity_src_gen.pdbx_gene_src_organ                ? 
_entity_src_gen.pdbx_gene_src_organelle            ? 
_entity_src_gen.pdbx_gene_src_cell                 ? 
_entity_src_gen.pdbx_gene_src_cellular_location    ? 
_entity_src_gen.host_org_common_name               ? 
_entity_src_gen.pdbx_host_org_scientific_name      'Escherichia coli' 
_entity_src_gen.pdbx_host_org_ncbi_taxonomy_id     562 
_entity_src_gen.host_org_genus                     Escherichia 
_entity_src_gen.pdbx_host_org_gene                 ? 
_entity_src_gen.pdbx_host_org_organ                ? 
_entity_src_gen.host_org_species                   ? 
_entity_src_gen.pdbx_host_org_tissue               ? 
_entity_src_gen.pdbx_host_org_tissue_fraction      ? 
_entity_src_gen.pdbx_host_org_strain               'BL21(DE3)pLysS' 
_entity_src_gen.pdbx_host_org_variant              ? 
_entity_src_gen.pdbx_host_org_cell_line            ? 
_entity_src_gen.pdbx_host_org_atcc                 ? 
_entity_src_gen.pdbx_host_org_culture_collection   ? 
_entity_src_gen.pdbx_host_org_cell                 ? 
_entity_src_gen.pdbx_host_org_organelle            ? 
_entity_src_gen.pdbx_host_org_cellular_location    ? 
_entity_src_gen.pdbx_host_org_vector_type          plasmid 
_entity_src_gen.pdbx_host_org_vector               ? 
_entity_src_gen.host_org_details                   ? 
_entity_src_gen.expression_system_id               ? 
_entity_src_gen.plasmid_name                       pET11a 
_entity_src_gen.plasmid_details                    ? 
_entity_src_gen.pdbx_description                   ? 
# 
loop_
_chem_comp.id 
_chem_comp.type 
_chem_comp.mon_nstd_flag 
_chem_comp.name 
_chem_comp.pdbx_synonyms 
_chem_comp.formula 
_chem_comp.formula_weight 
ALA 'L-peptide linking' y ALANINE ?                          'C3 H7 N O2'     89.093  
ARG 'L-peptide linking' y ARGININE ?                          'C6 H15 N4 O2 1' 175.209 
ASN 'L-peptide linking' y ASPARAGINE ?                          'C4 H8 N2 O3'    132.118 
ASP 'L-peptide linking' y 'ASPARTIC ACID' ?                          'C4 H7 N O4'     133.103 
GLN 'L-peptide linking' y GLUTAMINE ?                          'C5 H10 N2 O3'   146.144 
GLU 'L-peptide linking' y 'GLUTAMIC ACID' ?                          'C5 H9 N O4'     147.129 
GLY 'peptide linking'   y GLYCINE ?                          'C2 H5 N O2'     75.067  
HIS 'L-peptide linking' y HISTIDINE ?                          'C6 H10 N3 O2 1' 156.162 
HOH non-polymer         . WATER ?                          'H2 O'           18.015  
ILE 'L-peptide linking' y ISOLEUCINE ?                          'C6 H13 N O2'    131.173 
LEU 'L-peptide linking' y LEUCINE ?                          'C6 H13 N O2'    131.173 
LYS 'L-peptide linking' y LYSINE ?                          'C6 H15 N2 O2 1' 147.195 
MET 'L-peptide linking' y METHIONINE ?                          'C5 H11 N O2 S'  149.211 
OTP non-polymer         . 
'(2E,6E,10E,14E,18E,22E,26E)-3,7,11,15,19,23,27,31-OCTAMETHYLDOTRIACONTA-2,6,10,14,18,22,26,30-OCTAENYL TRIHYDROGEN DIPHOSPHATE' 
'OCTAPRENYL PYROPHOSPHATE' 'C40 H68 O7 P2'  722.911 
PHE 'L-peptide linking' y PHENYLALANINE ?                          'C9 H11 N O2'    165.189 
PRO 'L-peptide linking' y PROLINE ?                          'C5 H9 N O2'     115.130 
SER 'L-peptide linking' y SERINE ?                          'C3 H7 N O3'     105.093 
THR 'L-peptide linking' y THREONINE ?                          'C4 H9 N O3'     119.119 
TRP 'L-peptide linking' y TRYPTOPHAN ?                          'C11 H12 N2 O2'  204.225 
TYR 'L-peptide linking' y TYROSINE ?                          'C9 H11 N O3'    181.189 
VAL 'L-peptide linking' y VALINE ?                          'C5 H11 N O2'    117.146 
# 
loop_
_pdbx_poly_seq_scheme.asym_id 
_pdbx_poly_seq_scheme.entity_id 
_pdbx_poly_seq_scheme.seq_id 
_pdbx_poly_seq_scheme.mon_id 
_pdbx_poly_seq_scheme.ndb_seq_num 
_pdbx_poly_seq_scheme.pdb_seq_num 
_pdbx_poly_seq_scheme.auth_seq_num 
_pdbx_poly_seq_scheme.pdb_mon_id 
_pdbx_poly_seq_scheme.auth_mon_id 
_pdbx_poly_seq_scheme.pdb_strand_id 
_pdbx_poly_seq_scheme.pdb_ins_code 
_pdbx_poly_seq_scheme.hetero 
A 1 1   MET 1   1   1   MET MET A . n 
A 1 2   LYS 2   2   2   LYS LYS A . n 
A 1 3   TRP 3   3   3   TRP TRP A . n 
A 1 4   ASN 4   4   4   ASN ASN A . n 
A 1 5   LEU 5   5   5   LEU LEU A . n 
A 1 6   ASP 6   6   6   ASP ASP A . n 
A 1 7   PRO 7   7   7   PRO PRO A . n 
A 1 8   SER 8   8   8   SER SER A . n 
A 1 9   HIS 9   9   9   HIS HIS A . n 
A 1 10  THR 10  10  10  THR THR A . n 
A 1 11  SER 11  11  11  SER SER A . n 
A 1 12  ILE 12  12  12  ILE ILE A . n 
A 1 13  ASP 13  13  13  ASP ASP A . n 
A 1 14  PHE 14  14  14  PHE PHE A . n 
A 1 15  LYS 15  15  15  LYS LYS A . n 
A 1 16  VAL 16  16  16  VAL VAL A . n 
A 1 17  ARG 17  17  17  ARG ARG A . n 
A 1 18  HIS 18  18  18  HIS HIS A . n 
A 1 19  MET 19  19  19  MET MET A . n 
A 1 20  GLY 20  20  20  GLY GLY A . n 
A 1 21  ILE 21  21  21  ILE ILE A . n 
A 1 22  ALA 22  22  22  ALA ALA A . n 
A 1 23  SER 23  23  23  SER SER A . n 
A 1 24  VAL 24  24  24  VAL VAL A . n 
A 1 25  ARG 25  25  25  ARG ARG A . n 
A 1 26  GLY 26  26  26  GLY GLY A . n 
A 1 27  SER 27  27  27  SER SER A . n 
A 1 28  LEU 28  28  28  LEU LEU A . n 
A 1 29  LYS 29  29  29  LYS LYS A . n 
A 1 30  VAL 30  30  30  VAL VAL A . n 
A 1 31  LEU 31  31  31  LEU LEU A . n 
A 1 32  SER 32  32  32  SER SER A . n 
A 1 33  GLY 33  33  33  GLY GLY A . n 
A 1 34  SER 34  34  34  SER SER A . n 
A 1 35  VAL 35  35  35  VAL VAL A . n 
A 1 36  GLU 36  36  36  GLU GLU A . n 
A 1 37  THR 37  37  37  THR THR A . n 
A 1 38  ASP 38  38  38  ASP ASP A . n 
A 1 39  GLU 39  39  39  GLU GLU A . n 
A 1 40  ALA 40  40  40  ALA ALA A . n 
A 1 41  GLY 41  41  41  GLY GLY A . n 
A 1 42  ARG 42  42  42  ARG ARG A . n 
A 1 43  PRO 43  43  43  PRO PRO A . n 
A 1 44  ILE 44  44  44  ILE ILE A . n 
A 1 45  GLN 45  45  45  GLN GLN A . n 
A 1 46  VAL 46  46  46  VAL VAL A . n 
A 1 47  GLU 47  47  47  GLU GLU A . n 
A 1 48  ALA 48  48  48  ALA ALA A . n 
A 1 49  VAL 49  49  49  VAL VAL A . n 
A 1 50  ILE 50  50  50  ILE ILE A . n 
A 1 51  ASP 51  51  51  ASP ASP A . n 
A 1 52  ALA 52  52  52  ALA ALA A . n 
A 1 53  ALA 53  53  53  ALA ALA A . n 
A 1 54  SER 54  54  54  SER SER A . n 
A 1 55  ILE 55  55  55  ILE ILE A . n 
A 1 56  ALA 56  56  56  ALA ALA A . n 
A 1 57  THR 57  57  57  THR THR A . n 
A 1 58  GLY 58  58  58  GLY GLY A . n 
A 1 59  GLU 59  59  59  GLU GLU A . n 
A 1 60  PRO 60  60  60  PRO PRO A . n 
A 1 61  GLN 61  61  61  GLN GLN A . n 
A 1 62  ARG 62  62  62  ARG ARG A . n 
A 1 63  ASP 63  63  63  ASP ASP A . n 
A 1 64  GLY 64  64  64  GLY GLY A . n 
A 1 65  HIS 65  65  65  HIS HIS A . n 
A 1 66  LEU 66  66  66  LEU LEU A . n 
A 1 67  ARG 67  67  67  ARG ARG A . n 
A 1 68  SER 68  68  68  SER SER A . n 
A 1 69  ALA 69  69  69  ALA ALA A . n 
A 1 70  ASP 70  70  70  ASP ASP A . n 
A 1 71  PHE 71  71  71  PHE PHE A . n 
A 1 72  LEU 72  72  72  LEU LEU A . n 
A 1 73  HIS 73  73  73  HIS HIS A . n 
A 1 74  ALA 74  74  74  ALA ALA A . n 
A 1 75  GLU 75  75  75  GLU GLU A . n 
A 1 76  GLN 76  76  76  GLN GLN A . n 
A 1 77  TYR 77  77  77  TYR TYR A . n 
A 1 78  PRO 78  78  78  PRO PRO A . n 
A 1 79  GLU 79  79  79  GLU GLU A . n 
A 1 80  ILE 80  80  80  ILE ILE A . n 
A 1 81  ARG 81  81  81  ARG ARG A . n 
A 1 82  PHE 82  82  82  PHE PHE A . n 
A 1 83  VAL 83  83  83  VAL VAL A . n 
A 1 84  SER 84  84  84  SER SER A . n 
A 1 85  THR 85  85  85  THR THR A . n 
A 1 86  GLN 86  86  86  GLN GLN A . n 
A 1 87  ILE 87  87  87  ILE ILE A . n 
A 1 88  GLU 88  88  88  GLU GLU A . n 
A 1 89  PRO 89  89  89  PRO PRO A . n 
A 1 90  LEU 90  90  90  LEU LEU A . n 
A 1 91  GLY 91  91  91  GLY GLY A . n 
A 1 92  GLY 92  92  92  GLY GLY A . n 
A 1 93  ASN 93  93  93  ASN ASN A . n 
A 1 94  ARG 94  94  94  ARG ARG A . n 
A 1 95  TYR 95  95  95  TYR TYR A . n 
A 1 96  ARG 96  96  96  ARG ARG A . n 
A 1 97  ILE 97  97  97  ILE ILE A . n 
A 1 98  GLN 98  98  98  GLN GLN A . n 
A 1 99  GLY 99  99  99  GLY GLY A . n 
A 1 100 ASN 100 100 100 ASN ASN A . n 
A 1 101 LEU 101 101 101 LEU LEU A . n 
A 1 102 THR 102 102 102 THR THR A . n 
A 1 103 ILE 103 103 103 ILE ILE A . n 
A 1 104 ARG 104 104 104 ARG ARG A . n 
A 1 105 ASP 105 105 105 ASP ASP A . n 
A 1 106 ILE 106 106 106 ILE ILE A . n 
A 1 107 THR 107 107 107 THR THR A . n 
A 1 108 LYS 108 108 108 LYS LYS A . n 
A 1 109 PRO 109 109 109 PRO PRO A . n 
A 1 110 VAL 110 110 110 VAL VAL A . n 
A 1 111 THR 111 111 111 THR THR A . n 
A 1 112 LEU 112 112 112 LEU LEU A . n 
A 1 113 GLU 113 113 113 GLU GLU A . n 
A 1 114 ALA 114 114 114 ALA ALA A . n 
A 1 115 GLU 115 115 115 GLU GLU A . n 
A 1 116 VAL 116 116 116 VAL VAL A . n 
A 1 117 SER 117 117 117 SER SER A . n 
A 1 118 ALA 118 118 118 ALA ALA A . n 
A 1 119 PRO 119 119 119 PRO PRO A . n 
A 1 120 ILE 120 120 120 ILE ILE A . n 
A 1 121 LYS 121 121 121 LYS LYS A . n 
A 1 122 ASP 122 122 122 ASP ASP A . n 
A 1 123 PRO 123 123 123 PRO PRO A . n 
A 1 124 TRP 124 124 124 TRP TRP A . n 
A 1 125 GLY 125 125 125 GLY GLY A . n 
A 1 126 MET 126 126 126 MET MET A . n 
A 1 127 GLN 127 127 127 GLN GLN A . n 
A 1 128 ARG 128 128 128 ARG ARG A . n 
A 1 129 VAL 129 129 129 VAL VAL A . n 
A 1 130 ALA 130 130 130 ALA ALA A . n 
A 1 131 ALA 131 131 131 ALA ALA A . n 
A 1 132 SER 132 132 132 SER SER A . n 
A 1 133 ALA 133 133 133 ALA ALA A . n 
A 1 134 SER 134 134 134 SER SER A . n 
A 1 135 GLY 135 135 135 GLY GLY A . n 
A 1 136 GLN 136 136 136 GLN GLN A . n 
A 1 137 ILE 137 137 137 ILE ILE A . n 
A 1 138 ASN 138 138 138 ASN ASN A . n 
A 1 139 ARG 139 139 139 ARG ARG A . n 
A 1 140 LYS 140 140 140 LYS LYS A . n 
A 1 141 ASP 141 141 141 ASP ASP A . n 
A 1 142 TRP 142 142 142 TRP TRP A . n 
A 1 143 ASN 143 143 143 ASN ASN A . n 
A 1 144 LEU 144 144 144 LEU LEU A . n 
A 1 145 THR 145 145 145 THR THR A . n 
A 1 146 TRP 146 146 146 TRP TRP A . n 
A 1 147 ASN 147 147 147 ASN ASN A . n 
A 1 148 GLN 148 148 148 GLN GLN A . n 
A 1 149 VAL 149 149 149 VAL VAL A . n 
A 1 150 LEU 150 150 150 LEU LEU A . n 
A 1 151 GLU 151 151 151 GLU GLU A . n 
A 1 152 LEU 152 152 152 LEU LEU A . n 
A 1 153 GLY 153 153 153 GLY GLY A . n 
A 1 154 ALA 154 154 154 ALA ALA A . n 
A 1 155 LEU 155 155 155 LEU LEU A . n 
A 1 156 LEU 156 156 156 LEU LEU A . n 
A 1 157 VAL 157 157 157 VAL VAL A . n 
A 1 158 GLY 158 158 158 GLY GLY A . n 
A 1 159 GLU 159 159 159 GLU GLU A . n 
A 1 160 GLU 160 160 160 GLU GLU A . n 
A 1 161 VAL 161 161 161 VAL VAL A . n 
A 1 162 LYS 162 162 162 LYS LYS A . n 
A 1 163 PHE 163 163 163 PHE PHE A . n 
A 1 164 ASN 164 164 164 ASN ASN A . n 
A 1 165 LEU 165 165 165 LEU LEU A . n 
A 1 166 GLU 166 166 166 GLU GLU A . n 
A 1 167 VAL 167 167 167 VAL VAL A . n 
A 1 168 GLU 168 168 168 GLU GLU A . n 
A 1 169 ALA 169 169 169 ALA ALA A . n 
A 1 170 VAL 170 170 170 VAL VAL A . n 
A 1 171 ALA 171 171 171 ALA ALA A . n 
A 1 172 PRO 172 172 172 PRO PRO A . n 
A 1 173 ALA 173 173 173 ALA ALA A . n 
A 1 174 PRO 174 174 174 PRO PRO A . n 
A 1 175 VAL 175 175 175 VAL VAL A . n 
A 1 176 ALA 176 176 176 ALA ALA A . n 
A 1 177 ALA 177 177 ?   ?   ?   A . n 
A 1 178 GLN 178 178 ?   ?   ?   A . n 
# 
loop_
_pdbx_nonpoly_scheme.asym_id 
_pdbx_nonpoly_scheme.entity_id 
_pdbx_nonpoly_scheme.mon_id 
_pdbx_nonpoly_scheme.ndb_seq_num 
_pdbx_nonpoly_scheme.pdb_seq_num 
_pdbx_nonpoly_scheme.auth_seq_num 
_pdbx_nonpoly_scheme.pdb_mon_id 
_pdbx_nonpoly_scheme.auth_mon_id 
_pdbx_nonpoly_scheme.pdb_strand_id 
_pdbx_nonpoly_scheme.pdb_ins_code 
B 2 OTP 1   1001 1   OTP DRG A . 
C 3 HOH 1   1002 1   HOH HOH A . 
C 3 HOH 2   1003 2   HOH HOH A . 
C 3 HOH 3   1004 3   HOH HOH A . 
C 3 HOH 4   1005 4   HOH HOH A . 
C 3 HOH 5   1006 5   HOH HOH A . 
C 3 HOH 6   1007 6   HOH HOH A . 
C 3 HOH 7   1008 7   HOH HOH A . 
C 3 HOH 8   1009 8   HOH HOH A . 
C 3 HOH 9   1010 9   HOH HOH A . 
C 3 HOH 10  1011 10  HOH HOH A . 
C 3 HOH 11  1012 11  HOH HOH A . 
C 3 HOH 12  1013 12  HOH HOH A . 
C 3 HOH 13  1014 13  HOH HOH A . 
C 3 HOH 14  1015 14  HOH HOH A . 
C 3 HOH 15  1016 15  HOH HOH A . 
C 3 HOH 16  1017 16  HOH HOH A . 
C 3 HOH 17  1018 17  HOH HOH A . 
C 3 HOH 18  1019 18  HOH HOH A . 
C 3 HOH 19  1020 19  HOH HOH A . 
C 3 HOH 20  1021 20  HOH HOH A . 
C 3 HOH 21  1022 21  HOH HOH A . 
C 3 HOH 22  1023 22  HOH HOH A . 
C 3 HOH 23  1024 23  HOH HOH A . 
C 3 HOH 24  1025 24  HOH HOH A . 
C 3 HOH 25  1026 25  HOH HOH A . 
C 3 HOH 26  1027 26  HOH HOH A . 
C 3 HOH 27  1028 27  HOH HOH A . 
C 3 HOH 28  1029 28  HOH HOH A . 
C 3 HOH 29  1030 29  HOH HOH A . 
C 3 HOH 30  1031 30  HOH HOH A . 
C 3 HOH 31  1032 31  HOH HOH A . 
C 3 HOH 32  1033 32  HOH HOH A . 
C 3 HOH 33  1034 33  HOH HOH A . 
C 3 HOH 34  1035 34  HOH HOH A . 
C 3 HOH 35  1036 35  HOH HOH A . 
C 3 HOH 36  1037 36  HOH HOH A . 
C 3 HOH 37  1038 37  HOH HOH A . 
C 3 HOH 38  1039 38  HOH HOH A . 
C 3 HOH 39  1040 39  HOH HOH A . 
C 3 HOH 40  1041 40  HOH HOH A . 
C 3 HOH 41  1042 41  HOH HOH A . 
C 3 HOH 42  1043 42  HOH HOH A . 
C 3 HOH 43  1044 43  HOH HOH A . 
C 3 HOH 44  1045 44  HOH HOH A . 
C 3 HOH 45  1046 45  HOH HOH A . 
C 3 HOH 46  1047 46  HOH HOH A . 
C 3 HOH 47  1048 47  HOH HOH A . 
C 3 HOH 48  1049 48  HOH HOH A . 
C 3 HOH 49  1050 49  HOH HOH A . 
C 3 HOH 50  1051 50  HOH HOH A . 
C 3 HOH 51  1052 51  HOH HOH A . 
C 3 HOH 52  1053 52  HOH HOH A . 
C 3 HOH 53  1054 53  HOH HOH A . 
C 3 HOH 54  1055 54  HOH HOH A . 
C 3 HOH 55  1056 55  HOH HOH A . 
C 3 HOH 56  1057 56  HOH HOH A . 
C 3 HOH 57  1058 57  HOH HOH A . 
C 3 HOH 58  1059 58  HOH HOH A . 
C 3 HOH 59  1060 59  HOH HOH A . 
C 3 HOH 60  1061 60  HOH HOH A . 
C 3 HOH 61  1062 61  HOH HOH A . 
C 3 HOH 62  1063 62  HOH HOH A . 
C 3 HOH 63  1064 63  HOH HOH A . 
C 3 HOH 64  1065 64  HOH HOH A . 
C 3 HOH 65  1066 65  HOH HOH A . 
C 3 HOH 66  1067 66  HOH HOH A . 
C 3 HOH 67  1068 67  HOH HOH A . 
C 3 HOH 68  1069 68  HOH HOH A . 
C 3 HOH 69  1070 69  HOH HOH A . 
C 3 HOH 70  1071 70  HOH HOH A . 
C 3 HOH 71  1072 71  HOH HOH A . 
C 3 HOH 72  1073 72  HOH HOH A . 
C 3 HOH 73  1074 73  HOH HOH A . 
C 3 HOH 74  1075 74  HOH HOH A . 
C 3 HOH 75  1076 75  HOH HOH A . 
C 3 HOH 76  1077 76  HOH HOH A . 
C 3 HOH 77  1078 77  HOH HOH A . 
C 3 HOH 78  1079 78  HOH HOH A . 
C 3 HOH 79  1080 79  HOH HOH A . 
C 3 HOH 80  1081 80  HOH HOH A . 
C 3 HOH 81  1082 81  HOH HOH A . 
C 3 HOH 82  1083 82  HOH HOH A . 
C 3 HOH 83  1084 83  HOH HOH A . 
C 3 HOH 84  1085 84  HOH HOH A . 
C 3 HOH 85  1086 85  HOH HOH A . 
C 3 HOH 86  1087 86  HOH HOH A . 
C 3 HOH 87  1088 87  HOH HOH A . 
C 3 HOH 88  1089 88  HOH HOH A . 
C 3 HOH 89  1090 89  HOH HOH A . 
C 3 HOH 90  1091 90  HOH HOH A . 
C 3 HOH 91  1092 91  HOH HOH A . 
C 3 HOH 92  1093 92  HOH HOH A . 
C 3 HOH 93  1094 93  HOH HOH A . 
C 3 HOH 94  1095 94  HOH HOH A . 
C 3 HOH 95  1096 95  HOH HOH A . 
C 3 HOH 96  1097 96  HOH HOH A . 
C 3 HOH 97  1098 97  HOH HOH A . 
C 3 HOH 98  1099 98  HOH HOH A . 
C 3 HOH 99  1100 99  HOH HOH A . 
C 3 HOH 100 1101 100 HOH HOH A . 
C 3 HOH 101 1102 101 HOH HOH A . 
C 3 HOH 102 1103 102 HOH HOH A . 
# 
loop_
_software.name 
_software.classification 
_software.version 
_software.citation_id 
_software.pdbx_ordinal 
REFMAC    refinement       5.1.24 ? 1 
HKL-2000  'data reduction' .      ? 2 
SCALEPACK 'data scaling'   .      ? 3 
MOLREP    phasing          .      ? 4 
# 
_cell.entry_id           1WUB 
_cell.length_a           32.561 
_cell.length_b           96.948 
_cell.length_c           109.140 
_cell.angle_alpha        90.00 
_cell.angle_beta         90.00 
_cell.angle_gamma        90.00 
_cell.Z_PDB              8 
_cell.pdbx_unique_axis   ? 
# 
_symmetry.entry_id                         1WUB 
_symmetry.space_group_name_H-M             'C 2 2 21' 
_symmetry.pdbx_full_space_group_name_H-M   ? 
_symmetry.cell_setting                     ? 
_symmetry.Int_Tables_number                20 
_symmetry.space_group_name_Hall            ? 
# 
_exptl.entry_id          1WUB 
_exptl.method            'X-RAY DIFFRACTION' 
_exptl.crystals_number   1 
# 
_exptl_crystal.id                    1 
_exptl_crystal.density_meas          ? 
_exptl_crystal.density_Matthews      2.21 
_exptl_crystal.density_percent_sol   45 
_exptl_crystal.description           ? 
_exptl_crystal.F_000                 ? 
_exptl_crystal.preparation           ? 
# 
_exptl_crystal_grow.crystal_id      1 
_exptl_crystal_grow.method          'VAPOR DIFFUSION, HANGING DROP' 
_exptl_crystal_grow.temp            293.0 
_exptl_crystal_grow.temp_details    ? 
_exptl_crystal_grow.pH              6.7 
_exptl_crystal_grow.pdbx_details    
'1.6M Ammonium Sulfate, 5% Dioxane, 0.1M MES, pH 6.7, VAPOR DIFFUSION, HANGING DROP, temperature 293.0K' 
_exptl_crystal_grow.pdbx_pH_range   . 
# 
_diffrn.id                     1 
_diffrn.ambient_temp           100 
_diffrn.ambient_temp_details   ? 
_diffrn.crystal_id             1 
# 
_diffrn_detector.diffrn_id              1 
_diffrn_detector.detector               CCD 
_diffrn_detector.type                   MARRESEARCH 
_diffrn_detector.pdbx_collection_date   2002-02-05 
_diffrn_detector.details                ? 
# 
_diffrn_radiation.diffrn_id                        1 
_diffrn_radiation.wavelength_id                    1 
_diffrn_radiation.pdbx_monochromatic_or_laue_m_l   M 
_diffrn_radiation.monochromator                    'Si 111' 
_diffrn_radiation.pdbx_diffrn_protocol             'SINGLE WAVELENGTH' 
_diffrn_radiation.pdbx_scattering_type             x-ray 
# 
_diffrn_radiation_wavelength.id           1 
_diffrn_radiation_wavelength.wavelength   0.900 
_diffrn_radiation_wavelength.wt           1.0 
# 
_diffrn_source.diffrn_id                   1 
_diffrn_source.source                      SYNCHROTRON 
_diffrn_source.type                        'SPRING-8 BEAMLINE BL44B2' 
_diffrn_source.pdbx_synchrotron_site       SPring-8 
_diffrn_source.pdbx_synchrotron_beamline   BL44B2 
_diffrn_source.pdbx_wavelength             ? 
_diffrn_source.pdbx_wavelength_list        0.900 
# 
_reflns.entry_id                     1WUB 
_reflns.observed_criterion_sigma_F   ? 
_reflns.observed_criterion_sigma_I   0.0 
_reflns.d_resolution_high            1.65 
_reflns.d_resolution_low             20 
_reflns.number_all                   ? 
_reflns.number_obs                   21643 
_reflns.percent_possible_obs         97.4 
_reflns.pdbx_Rmerge_I_obs            ? 
_reflns.pdbx_Rsym_value              0.034 
_reflns.pdbx_netI_over_sigmaI        43.8 
_reflns.B_iso_Wilson_estimate        ? 
_reflns.pdbx_redundancy              5.2 
_reflns.R_free_details               ? 
_reflns.limit_h_max                  ? 
_reflns.limit_h_min                  ? 
_reflns.limit_k_max                  ? 
_reflns.limit_k_min                  ? 
_reflns.limit_l_max                  ? 
_reflns.limit_l_min                  ? 
_reflns.observed_criterion_F_max     ? 
_reflns.observed_criterion_F_min     ? 
_reflns.pdbx_chi_squared             ? 
_reflns.pdbx_scaling_rejects         ? 
_reflns.pdbx_diffrn_id               1 
_reflns.pdbx_ordinal                 1 
# 
_reflns_shell.d_res_high             1.65 
_reflns_shell.d_res_low              1.71 
_reflns_shell.percent_possible_all   86.4 
_reflns_shell.Rmerge_I_obs           ? 
_reflns_shell.pdbx_Rsym_value        0.23 
_reflns_shell.meanI_over_sigI_obs    4.1 
_reflns_shell.pdbx_redundancy        ? 
_reflns_shell.percent_possible_obs   ? 
_reflns_shell.number_unique_all      ? 
_reflns_shell.number_measured_all    ? 
_reflns_shell.number_measured_obs    ? 
_reflns_shell.number_unique_obs      ? 
_reflns_shell.pdbx_chi_squared       ? 
_reflns_shell.pdbx_diffrn_id         ? 
_reflns_shell.pdbx_ordinal           1 
# 
_refine.entry_id                                 1WUB 
_refine.ls_number_reflns_obs                     19738 
_refine.ls_number_reflns_all                     ? 
_refine.pdbx_ls_sigma_I                          ? 
_refine.pdbx_ls_sigma_F                          ? 
_refine.pdbx_data_cutoff_high_absF               ? 
_refine.pdbx_data_cutoff_low_absF                ? 
_refine.pdbx_data_cutoff_high_rms_absF           ? 
_refine.ls_d_res_low                             19.92 
_refine.ls_d_res_high                            1.65 
_refine.ls_percent_reflns_obs                    100.00 
_refine.ls_R_factor_obs                          0.22078 
_refine.ls_R_factor_all                          ? 
_refine.ls_R_factor_R_work                       0.21867 
_refine.ls_R_factor_R_free                       0.26272 
_refine.ls_R_factor_R_free_error                 ? 
_refine.ls_R_factor_R_free_error_details         ? 
_refine.ls_percent_reflns_R_free                 4.9 
_refine.ls_number_reflns_R_free                  1009 
_refine.ls_number_parameters                     ? 
_refine.ls_number_restraints                     ? 
_refine.occupancy_min                            ? 
_refine.occupancy_max                            ? 
_refine.correlation_coeff_Fo_to_Fc               0.937 
_refine.correlation_coeff_Fo_to_Fc_free          0.913 
_refine.B_iso_mean                               23.994 
_refine.aniso_B[1][1]                            0.18 
_refine.aniso_B[2][2]                            0.24 
_refine.aniso_B[3][3]                            -0.42 
_refine.aniso_B[1][2]                            0.00 
_refine.aniso_B[1][3]                            0.00 
_refine.aniso_B[2][3]                            0.00 
_refine.solvent_model_details                    'BABINET MODEL WITH MASK' 
_refine.solvent_model_param_ksol                 ? 
_refine.solvent_model_param_bsol                 ? 
_refine.pdbx_solvent_vdw_probe_radii             1.40 
_refine.pdbx_solvent_ion_probe_radii             0.80 
_refine.pdbx_solvent_shrinkage_radii             0.80 
_refine.pdbx_ls_cross_valid_method               THROUGHOUT 
_refine.details                                  ? 
_refine.pdbx_starting_model                      ? 
_refine.pdbx_method_to_determine_struct          'MOLECULAR REPLACEMENT' 
_refine.pdbx_isotropic_thermal_model             ? 
_refine.pdbx_stereochemistry_target_values       'MAXIMUM LIKELIHOOD' 
_refine.pdbx_stereochem_target_val_spec_case     ? 
_refine.pdbx_R_Free_selection_details            RANDOM 
_refine.pdbx_overall_ESU_R                       0.122 
_refine.pdbx_overall_ESU_R_Free                  0.122 
_refine.overall_SU_ML                            0.081 
_refine.overall_SU_B                             2.337 
_refine.ls_redundancy_reflns_obs                 ? 
_refine.B_iso_min                                ? 
_refine.B_iso_max                                ? 
_refine.overall_SU_R_Cruickshank_DPI             ? 
_refine.overall_SU_R_free                        ? 
_refine.ls_wR_factor_R_free                      ? 
_refine.ls_wR_factor_R_work                      ? 
_refine.overall_FOM_free_R_set                   ? 
_refine.overall_FOM_work_R_set                   ? 
_refine.pdbx_refine_id                           'X-RAY DIFFRACTION' 
_refine.pdbx_diffrn_id                           1 
_refine.pdbx_TLS_residual_ADP_flag               ? 
_refine.pdbx_overall_phase_error                 ? 
_refine.pdbx_overall_SU_R_free_Cruickshank_DPI   ? 
_refine.pdbx_overall_SU_R_Blow_DPI               ? 
_refine.pdbx_overall_SU_R_free_Blow_DPI          ? 
# 
_refine_hist.pdbx_refine_id                   'X-RAY DIFFRACTION' 
_refine_hist.cycle_id                         LAST 
_refine_hist.pdbx_number_atoms_protein        1358 
_refine_hist.pdbx_number_atoms_nucleic_acid   0 
_refine_hist.pdbx_number_atoms_ligand         49 
_refine_hist.number_atoms_solvent             102 
_refine_hist.number_atoms_total               1509 
_refine_hist.d_res_high                       1.65 
_refine_hist.d_res_low                        19.92 
# 
loop_
_refine_ls_restr.type 
_refine_ls_restr.dev_ideal 
_refine_ls_restr.dev_ideal_target 
_refine_ls_restr.weight 
_refine_ls_restr.number 
_refine_ls_restr.pdbx_refine_id 
_refine_ls_restr.pdbx_restraint_function 
r_bond_refined_d         0.014 0.021 ? 1433 'X-RAY DIFFRACTION' ? 
r_angle_refined_deg      1.830 1.978 ? 1944 'X-RAY DIFFRACTION' ? 
r_dihedral_angle_1_deg   6.498 5.000 ? 175  'X-RAY DIFFRACTION' ? 
r_chiral_restr           0.136 0.200 ? 214  'X-RAY DIFFRACTION' ? 
r_gen_planes_refined     0.008 0.020 ? 1096 'X-RAY DIFFRACTION' ? 
r_nbd_refined            0.228 0.200 ? 577  'X-RAY DIFFRACTION' ? 
r_xyhbond_nbd_refined    0.155 0.200 ? 90   'X-RAY DIFFRACTION' ? 
r_symmetry_vdw_refined   0.292 0.200 ? 58   'X-RAY DIFFRACTION' ? 
r_symmetry_hbond_refined 0.143 0.200 ? 5    'X-RAY DIFFRACTION' ? 
r_mcbond_it              1.126 1.500 ? 876  'X-RAY DIFFRACTION' ? 
r_mcangle_it             2.099 2.000 ? 1414 'X-RAY DIFFRACTION' ? 
r_scbond_it              3.104 3.000 ? 557  'X-RAY DIFFRACTION' ? 
r_scangle_it             5.174 4.500 ? 530  'X-RAY DIFFRACTION' ? 
# 
_refine_ls_shell.pdbx_total_number_of_bins_used   20 
_refine_ls_shell.d_res_high                       1.650 
_refine_ls_shell.d_res_low                        1.693 
_refine_ls_shell.number_reflns_R_work             1219 
_refine_ls_shell.R_factor_R_work                  0.248 
_refine_ls_shell.percent_reflns_obs               ? 
_refine_ls_shell.R_factor_R_free                  0.261 
_refine_ls_shell.R_factor_R_free_error            ? 
_refine_ls_shell.percent_reflns_R_free            ? 
_refine_ls_shell.number_reflns_R_free             59 
_refine_ls_shell.number_reflns_obs                ? 
_refine_ls_shell.redundancy_reflns_obs            ? 
_refine_ls_shell.number_reflns_all                ? 
_refine_ls_shell.pdbx_refine_id                   'X-RAY DIFFRACTION' 
_refine_ls_shell.R_factor_all                     ? 
# 
_struct.entry_id                  1WUB 
_struct.title                     'Crystal structure of the polyisoprenoid-binding protein, TT1927b, from Thermus thermophilus HB8' 
_struct.pdbx_model_details        ? 
_struct.pdbx_CASP_flag            ? 
_struct.pdbx_model_type_details   ? 
# 
_struct_keywords.entry_id        1WUB 
_struct_keywords.pdbx_keywords   'LIPID BINDING PROTEIN' 
_struct_keywords.text            
'beta-barrel, STRUCTURAL GENOMICS, RIKEN Structural Genomics/Proteomics Initiative, RSGI, LIPID BINDING PROTEIN' 
# 
loop_
_struct_asym.id 
_struct_asym.pdbx_blank_PDB_chainid_flag 
_struct_asym.pdbx_modified 
_struct_asym.entity_id 
_struct_asym.details 
A N N 1 ? 
B N N 2 ? 
C N N 3 ? 
# 
_struct_ref.id                         1 
_struct_ref.db_name                    UNP 
_struct_ref.db_code                    P83815_THETH 
_struct_ref.pdbx_db_accession          P83815 
_struct_ref.entity_id                  1 
_struct_ref.pdbx_seq_one_letter_code   
;MKWNLDPSHTSIDFKVRHMGIASVRGSLKVLSGSVETDEAGRPIQVEAVIDAASIATGEPQRDGHLRSADFLHAEQYPEI
RFVSTQIEPLGGNRYRIQGNLTIRDITKPVTLEAEVSAPIKDPWGMQRVAASASGQINRKDWNLTWNQVLELGALLVGEE
VKFNLEVEAVAPAPVAAQ
;
_struct_ref.pdbx_align_begin           1 
_struct_ref.pdbx_db_isoform            ? 
# 
_struct_ref_seq.align_id                      1 
_struct_ref_seq.ref_id                        1 
_struct_ref_seq.pdbx_PDB_id_code              1WUB 
_struct_ref_seq.pdbx_strand_id                A 
_struct_ref_seq.seq_align_beg                 1 
_struct_ref_seq.pdbx_seq_align_beg_ins_code   ? 
_struct_ref_seq.seq_align_end                 178 
_struct_ref_seq.pdbx_seq_align_end_ins_code   ? 
_struct_ref_seq.pdbx_db_accession             P83815 
_struct_ref_seq.db_align_beg                  1 
_struct_ref_seq.pdbx_db_align_beg_ins_code    ? 
_struct_ref_seq.db_align_end                  178 
_struct_ref_seq.pdbx_db_align_end_ins_code    ? 
_struct_ref_seq.pdbx_auth_seq_align_beg       1 
_struct_ref_seq.pdbx_auth_seq_align_end       178 
# 
_pdbx_struct_assembly.id                   1 
_pdbx_struct_assembly.details              author_defined_assembly 
_pdbx_struct_assembly.method_details       ? 
_pdbx_struct_assembly.oligomeric_details   monomeric 
_pdbx_struct_assembly.oligomeric_count     1 
# 
_pdbx_struct_assembly_gen.assembly_id       1 
_pdbx_struct_assembly_gen.oper_expression   1 
_pdbx_struct_assembly_gen.asym_id_list      A,B,C 
# 
_pdbx_struct_oper_list.id                   1 
_pdbx_struct_oper_list.type                 'identity operation' 
_pdbx_struct_oper_list.name                 1_555 
_pdbx_struct_oper_list.symmetry_operation   x,y,z 
_pdbx_struct_oper_list.matrix[1][1]         1.0000000000 
_pdbx_struct_oper_list.matrix[1][2]         0.0000000000 
_pdbx_struct_oper_list.matrix[1][3]         0.0000000000 
_pdbx_struct_oper_list.vector[1]            0.0000000000 
_pdbx_struct_oper_list.matrix[2][1]         0.0000000000 
_pdbx_struct_oper_list.matrix[2][2]         1.0000000000 
_pdbx_struct_oper_list.matrix[2][3]         0.0000000000 
_pdbx_struct_oper_list.vector[2]            0.0000000000 
_pdbx_struct_oper_list.matrix[3][1]         0.0000000000 
_pdbx_struct_oper_list.matrix[3][2]         0.0000000000 
_pdbx_struct_oper_list.matrix[3][3]         1.0000000000 
_pdbx_struct_oper_list.vector[3]            0.0000000000 
# 
_struct_biol.id                    1 
_struct_biol.pdbx_parent_biol_id   ? 
_struct_biol.details               ? 
# 
loop_
_struct_conf.conf_type_id 
_struct_conf.id 
_struct_conf.pdbx_PDB_helix_id 
_struct_conf.beg_label_comp_id 
_struct_conf.beg_label_asym_id 
_struct_conf.beg_label_seq_id 
_struct_conf.pdbx_beg_PDB_ins_code 
_struct_conf.end_label_comp_id 
_struct_conf.end_label_asym_id 
_struct_conf.end_label_seq_id 
_struct_conf.pdbx_end_PDB_ins_code 
_struct_conf.beg_auth_comp_id 
_struct_conf.beg_auth_asym_id 
_struct_conf.beg_auth_seq_id 
_struct_conf.end_auth_comp_id 
_struct_conf.end_auth_asym_id 
_struct_conf.end_auth_seq_id 
_struct_conf.pdbx_PDB_helix_class 
_struct_conf.details 
_struct_conf.pdbx_PDB_helix_length 
HELX_P HELX_P1 1 PRO A 7   ? THR A 10  ? PRO A 7   THR A 10  5 ? 4  
HELX_P HELX_P2 2 GLU A 59  ? SER A 68  ? GLU A 59  SER A 68  1 ? 10 
HELX_P HELX_P3 3 LYS A 140 ? ASN A 143 ? LYS A 140 ASN A 143 5 ? 4  
# 
_struct_conf_type.id          HELX_P 
_struct_conf_type.criteria    ? 
_struct_conf_type.reference   ? 
# 
_struct_sheet.id               A 
_struct_sheet.type             ? 
_struct_sheet.number_strands   13 
_struct_sheet.details          ? 
# 
loop_
_struct_sheet_order.sheet_id 
_struct_sheet_order.range_id_1 
_struct_sheet_order.range_id_2 
_struct_sheet_order.offset 
_struct_sheet_order.sense 
A 1  2  ? anti-parallel 
A 2  3  ? anti-parallel 
A 3  4  ? anti-parallel 
A 4  5  ? anti-parallel 
A 5  6  ? anti-parallel 
A 6  7  ? anti-parallel 
A 7  8  ? anti-parallel 
A 8  9  ? anti-parallel 
A 9  10 ? anti-parallel 
A 10 11 ? anti-parallel 
A 11 12 ? anti-parallel 
A 12 13 ? anti-parallel 
# 
loop_
_struct_sheet_range.sheet_id 
_struct_sheet_range.id 
_struct_sheet_range.beg_label_comp_id 
_struct_sheet_range.beg_label_asym_id 
_struct_sheet_range.beg_label_seq_id 
_struct_sheet_range.pdbx_beg_PDB_ins_code 
_struct_sheet_range.end_label_comp_id 
_struct_sheet_range.end_label_asym_id 
_struct_sheet_range.end_label_seq_id 
_struct_sheet_range.pdbx_end_PDB_ins_code 
_struct_sheet_range.beg_auth_comp_id 
_struct_sheet_range.beg_auth_asym_id 
_struct_sheet_range.beg_auth_seq_id 
_struct_sheet_range.end_auth_comp_id 
_struct_sheet_range.end_auth_asym_id 
_struct_sheet_range.end_auth_seq_id 
A 1  ILE A 120 ? LYS A 121 ? ILE A 120 LYS A 121 
A 2  GLN A 127 ? ASN A 138 ? GLN A 127 ASN A 138 
A 3  GLU A 160 ? ALA A 171 ? GLU A 160 ALA A 171 
A 4  LYS A 2   ? LEU A 5   ? LYS A 2   LEU A 5   
A 5  ALA A 22  ? THR A 37  ? ALA A 22  THR A 37  
A 6  SER A 11  ? HIS A 18  ? SER A 11  HIS A 18  
A 7  GLU A 160 ? ALA A 171 ? GLU A 160 ALA A 171 
A 8  GLN A 127 ? ASN A 138 ? GLN A 127 ASN A 138 
A 9  ILE A 106 ? VAL A 116 ? ILE A 106 VAL A 116 
A 10 ARG A 94  ? ILE A 103 ? ARG A 94  ILE A 103 
A 11 GLU A 79  ? GLY A 91  ? GLU A 79  GLY A 91  
A 12 PRO A 43  ? ALA A 56  ? PRO A 43  ALA A 56  
A 13 ALA A 22  ? THR A 37  ? ALA A 22  THR A 37  
# 
loop_
_pdbx_struct_sheet_hbond.sheet_id 
_pdbx_struct_sheet_hbond.range_id_1 
_pdbx_struct_sheet_hbond.range_id_2 
_pdbx_struct_sheet_hbond.range_1_label_atom_id 
_pdbx_struct_sheet_hbond.range_1_label_comp_id 
_pdbx_struct_sheet_hbond.range_1_label_asym_id 
_pdbx_struct_sheet_hbond.range_1_label_seq_id 
_pdbx_struct_sheet_hbond.range_1_PDB_ins_code 
_pdbx_struct_sheet_hbond.range_1_auth_atom_id 
_pdbx_struct_sheet_hbond.range_1_auth_comp_id 
_pdbx_struct_sheet_hbond.range_1_auth_asym_id 
_pdbx_struct_sheet_hbond.range_1_auth_seq_id 
_pdbx_struct_sheet_hbond.range_2_label_atom_id 
_pdbx_struct_sheet_hbond.range_2_label_comp_id 
_pdbx_struct_sheet_hbond.range_2_label_asym_id 
_pdbx_struct_sheet_hbond.range_2_label_seq_id 
_pdbx_struct_sheet_hbond.range_2_PDB_ins_code 
_pdbx_struct_sheet_hbond.range_2_auth_atom_id 
_pdbx_struct_sheet_hbond.range_2_auth_comp_id 
_pdbx_struct_sheet_hbond.range_2_auth_asym_id 
_pdbx_struct_sheet_hbond.range_2_auth_seq_id 
A 1  2  N ILE A 120 ? N ILE A 120 O ARG A 128 ? O ARG A 128 
A 2  3  O ILE A 137 ? O ILE A 137 N VAL A 161 ? N VAL A 161 
A 3  4  O VAL A 170 ? O VAL A 170 N ASN A 4   ? N ASN A 4   
A 4  5  N LEU A 5   ? N LEU A 5   O GLY A 33  ? O GLY A 33  
A 5  6  N LEU A 28  ? N LEU A 28  O ILE A 12  ? O ILE A 12  
A 6  7  N LYS A 15  ? N LYS A 15  O LYS A 162 ? O LYS A 162 
A 7  8  O ALA A 171 ? O ALA A 171 N GLN A 127 ? N GLN A 127 
A 8  9  O SER A 134 ? O SER A 134 N GLU A 113 ? N GLU A 113 
A 9  10 N ALA A 114 ? N ALA A 114 O TYR A 95  ? O TYR A 95  
A 10 11 N THR A 102 ? N THR A 102 O ARG A 81  ? O ARG A 81  
A 11 12 N SER A 84  ? N SER A 84  O VAL A 46  ? O VAL A 46  
A 12 13 O ALA A 56  ? O ALA A 56  N SER A 27  ? N SER A 27  
# 
_struct_site.id                   AC1 
_struct_site.pdbx_evidence_code   Software 
_struct_site.pdbx_auth_asym_id    A 
_struct_site.pdbx_auth_comp_id    OTP 
_struct_site.pdbx_auth_seq_id     1001 
_struct_site.pdbx_auth_ins_code   ? 
_struct_site.pdbx_num_residues    16 
_struct_site.details              'BINDING SITE FOR RESIDUE OTP A 1001' 
# 
loop_
_struct_site_gen.id 
_struct_site_gen.site_id 
_struct_site_gen.pdbx_num_res 
_struct_site_gen.label_comp_id 
_struct_site_gen.label_asym_id 
_struct_site_gen.label_seq_id 
_struct_site_gen.pdbx_auth_ins_code 
_struct_site_gen.auth_comp_id 
_struct_site_gen.auth_asym_id 
_struct_site_gen.auth_seq_id 
_struct_site_gen.label_atom_id 
_struct_site_gen.label_alt_id 
_struct_site_gen.symmetry 
_struct_site_gen.details 
1  AC1 16 HIS A 9   ? HIS A 9    . ? 4_566 ? 
2  AC1 16 PHE A 14  ? PHE A 14   . ? 1_555 ? 
3  AC1 16 HIS A 18  ? HIS A 18   . ? 1_555 ? 
4  AC1 16 VAL A 24  ? VAL A 24   . ? 1_555 ? 
5  AC1 16 LEU A 28  ? LEU A 28   . ? 1_555 ? 
6  AC1 16 VAL A 46  ? VAL A 46   . ? 1_555 ? 
7  AC1 16 ALA A 48  ? ALA A 48   . ? 1_555 ? 
8  AC1 16 ARG A 62  ? ARG A 62   . ? 1_555 ? 
9  AC1 16 HIS A 65  ? HIS A 65   . ? 1_555 ? 
10 AC1 16 PHE A 82  ? PHE A 82   . ? 1_555 ? 
11 AC1 16 LYS A 121 ? LYS A 121  . ? 5_455 ? 
12 AC1 16 LEU A 144 ? LEU A 144  . ? 1_555 ? 
13 AC1 16 TRP A 146 ? TRP A 146  . ? 1_555 ? 
14 AC1 16 VAL A 157 ? VAL A 157  . ? 1_555 ? 
15 AC1 16 PHE A 163 ? PHE A 163  . ? 1_555 ? 
16 AC1 16 HOH C .   ? HOH A 1097 . ? 1_555 ? 
# 
_pdbx_validate_close_contact.id               1 
_pdbx_validate_close_contact.PDB_model_num    1 
_pdbx_validate_close_contact.auth_atom_id_1   O2 
_pdbx_validate_close_contact.auth_asym_id_1   A 
_pdbx_validate_close_contact.auth_comp_id_1   OTP 
_pdbx_validate_close_contact.auth_seq_id_1    1001 
_pdbx_validate_close_contact.PDB_ins_code_1   ? 
_pdbx_validate_close_contact.label_alt_id_1   ? 
_pdbx_validate_close_contact.auth_atom_id_2   O 
_pdbx_validate_close_contact.auth_asym_id_2   A 
_pdbx_validate_close_contact.auth_comp_id_2   HOH 
_pdbx_validate_close_contact.auth_seq_id_2    1097 
_pdbx_validate_close_contact.PDB_ins_code_2   ? 
_pdbx_validate_close_contact.label_alt_id_2   ? 
_pdbx_validate_close_contact.dist             1.92 
# 
_pdbx_validate_rmsd_angle.id                         1 
_pdbx_validate_rmsd_angle.PDB_model_num              1 
_pdbx_validate_rmsd_angle.auth_atom_id_1             CB 
_pdbx_validate_rmsd_angle.auth_asym_id_1             A 
_pdbx_validate_rmsd_angle.auth_comp_id_1             ASP 
_pdbx_validate_rmsd_angle.auth_seq_id_1              122 
_pdbx_validate_rmsd_angle.PDB_ins_code_1             ? 
_pdbx_validate_rmsd_angle.label_alt_id_1             ? 
_pdbx_validate_rmsd_angle.auth_atom_id_2             CG 
_pdbx_validate_rmsd_angle.auth_asym_id_2             A 
_pdbx_validate_rmsd_angle.auth_comp_id_2             ASP 
_pdbx_validate_rmsd_angle.auth_seq_id_2              122 
_pdbx_validate_rmsd_angle.PDB_ins_code_2             ? 
_pdbx_validate_rmsd_angle.label_alt_id_2             ? 
_pdbx_validate_rmsd_angle.auth_atom_id_3             OD2 
_pdbx_validate_rmsd_angle.auth_asym_id_3             A 
_pdbx_validate_rmsd_angle.auth_comp_id_3             ASP 
_pdbx_validate_rmsd_angle.auth_seq_id_3              122 
_pdbx_validate_rmsd_angle.PDB_ins_code_3             ? 
_pdbx_validate_rmsd_angle.label_alt_id_3             ? 
_pdbx_validate_rmsd_angle.angle_value                125.53 
_pdbx_validate_rmsd_angle.angle_target_value         118.30 
_pdbx_validate_rmsd_angle.angle_deviation            7.23 
_pdbx_validate_rmsd_angle.angle_standard_deviation   0.90 
_pdbx_validate_rmsd_angle.linker_flag                N 
# 
loop_
_pdbx_validate_torsion.id 
_pdbx_validate_torsion.PDB_model_num 
_pdbx_validate_torsion.auth_comp_id 
_pdbx_validate_torsion.auth_asym_id 
_pdbx_validate_torsion.auth_seq_id 
_pdbx_validate_torsion.PDB_ins_code 
_pdbx_validate_torsion.label_alt_id 
_pdbx_validate_torsion.phi 
_pdbx_validate_torsion.psi 
1  1 PHE A 71  ? ? -142.14 -102.92 
2  1 ARG A 104 ? ? 53.49   -124.46 
3  1 PRO A 123 ? ? -64.68  2.91    
4  1 TRP A 146 ? ? -112.78 -74.21  
5  1 GLN A 148 ? ? -60.18  2.96    
6  1 VAL A 149 ? ? -26.81  130.84  
7  1 GLU A 151 ? ? -155.91 -37.94  
8  1 LEU A 152 ? ? -171.08 12.68   
9  1 ALA A 154 ? ? -49.48  177.72  
10 1 ALA A 173 ? ? -18.05  -158.66 
11 1 PRO A 174 ? ? -69.41  22.50   
# 
_pdbx_SG_project.id                    1 
_pdbx_SG_project.project_name          ? 
_pdbx_SG_project.full_name_of_center   'RIKEN Structural Genomics/Proteomics Initiative' 
_pdbx_SG_project.initial_of_center     RSGI 
# 
loop_
_pdbx_unobs_or_zero_occ_residues.id 
_pdbx_unobs_or_zero_occ_residues.PDB_model_num 
_pdbx_unobs_or_zero_occ_residues.polymer_flag 
_pdbx_unobs_or_zero_occ_residues.occupancy_flag 
_pdbx_unobs_or_zero_occ_residues.auth_asym_id 
_pdbx_unobs_or_zero_occ_residues.auth_comp_id 
_pdbx_unobs_or_zero_occ_residues.auth_seq_id 
_pdbx_unobs_or_zero_occ_residues.PDB_ins_code 
_pdbx_unobs_or_zero_occ_residues.label_asym_id 
_pdbx_unobs_or_zero_occ_residues.label_comp_id 
_pdbx_unobs_or_zero_occ_residues.label_seq_id 
1 1 Y 1 A ALA 177 ? A ALA 177 
2 1 Y 1 A GLN 178 ? A GLN 178 
# 
loop_
_chem_comp_atom.comp_id 
_chem_comp_atom.atom_id 
_chem_comp_atom.type_symbol 
_chem_comp_atom.pdbx_aromatic_flag 
_chem_comp_atom.pdbx_stereo_config 
_chem_comp_atom.pdbx_ordinal 
ALA N    N N N 1   
ALA CA   C N S 2   
ALA C    C N N 3   
ALA O    O N N 4   
ALA CB   C N N 5   
ALA OXT  O N N 6   
ALA H    H N N 7   
ALA H2   H N N 8   
ALA HA   H N N 9   
ALA HB1  H N N 10  
ALA HB2  H N N 11  
ALA HB3  H N N 12  
ALA HXT  H N N 13  
ARG N    N N N 14  
ARG CA   C N S 15  
ARG C    C N N 16  
ARG O    O N N 17  
ARG CB   C N N 18  
ARG CG   C N N 19  
ARG CD   C N N 20  
ARG NE   N N N 21  
ARG CZ   C N N 22  
ARG NH1  N N N 23  
ARG NH2  N N N 24  
ARG OXT  O N N 25  
ARG H    H N N 26  
ARG H2   H N N 27  
ARG HA   H N N 28  
ARG HB2  H N N 29  
ARG HB3  H N N 30  
ARG HG2  H N N 31  
ARG HG3  H N N 32  
ARG HD2  H N N 33  
ARG HD3  H N N 34  
ARG HE   H N N 35  
ARG HH11 H N N 36  
ARG HH12 H N N 37  
ARG HH21 H N N 38  
ARG HH22 H N N 39  
ARG HXT  H N N 40  
ASN N    N N N 41  
ASN CA   C N S 42  
ASN C    C N N 43  
ASN O    O N N 44  
ASN CB   C N N 45  
ASN CG   C N N 46  
ASN OD1  O N N 47  
ASN ND2  N N N 48  
ASN OXT  O N N 49  
ASN H    H N N 50  
ASN H2   H N N 51  
ASN HA   H N N 52  
ASN HB2  H N N 53  
ASN HB3  H N N 54  
ASN HD21 H N N 55  
ASN HD22 H N N 56  
ASN HXT  H N N 57  
ASP N    N N N 58  
ASP CA   C N S 59  
ASP C    C N N 60  
ASP O    O N N 61  
ASP CB   C N N 62  
ASP CG   C N N 63  
ASP OD1  O N N 64  
ASP OD2  O N N 65  
ASP OXT  O N N 66  
ASP H    H N N 67  
ASP H2   H N N 68  
ASP HA   H N N 69  
ASP HB2  H N N 70  
ASP HB3  H N N 71  
ASP HD2  H N N 72  
ASP HXT  H N N 73  
GLN N    N N N 74  
GLN CA   C N S 75  
GLN C    C N N 76  
GLN O    O N N 77  
GLN CB   C N N 78  
GLN CG   C N N 79  
GLN CD   C N N 80  
GLN OE1  O N N 81  
GLN NE2  N N N 82  
GLN OXT  O N N 83  
GLN H    H N N 84  
GLN H2   H N N 85  
GLN HA   H N N 86  
GLN HB2  H N N 87  
GLN HB3  H N N 88  
GLN HG2  H N N 89  
GLN HG3  H N N 90  
GLN HE21 H N N 91  
GLN HE22 H N N 92  
GLN HXT  H N N 93  
GLU N    N N N 94  
GLU CA   C N S 95  
GLU C    C N N 96  
GLU O    O N N 97  
GLU CB   C N N 98  
GLU CG   C N N 99  
GLU CD   C N N 100 
GLU OE1  O N N 101 
GLU OE2  O N N 102 
GLU OXT  O N N 103 
GLU H    H N N 104 
GLU H2   H N N 105 
GLU HA   H N N 106 
GLU HB2  H N N 107 
GLU HB3  H N N 108 
GLU HG2  H N N 109 
GLU HG3  H N N 110 
GLU HE2  H N N 111 
GLU HXT  H N N 112 
GLY N    N N N 113 
GLY CA   C N N 114 
GLY C    C N N 115 
GLY O    O N N 116 
GLY OXT  O N N 117 
GLY H    H N N 118 
GLY H2   H N N 119 
GLY HA2  H N N 120 
GLY HA3  H N N 121 
GLY HXT  H N N 122 
HIS N    N N N 123 
HIS CA   C N S 124 
HIS C    C N N 125 
HIS O    O N N 126 
HIS CB   C N N 127 
HIS CG   C Y N 128 
HIS ND1  N Y N 129 
HIS CD2  C Y N 130 
HIS CE1  C Y N 131 
HIS NE2  N Y N 132 
HIS OXT  O N N 133 
HIS H    H N N 134 
HIS H2   H N N 135 
HIS HA   H N N 136 
HIS HB2  H N N 137 
HIS HB3  H N N 138 
HIS HD1  H N N 139 
HIS HD2  H N N 140 
HIS HE1  H N N 141 
HIS HE2  H N N 142 
HIS HXT  H N N 143 
HOH O    O N N 144 
HOH H1   H N N 145 
HOH H2   H N N 146 
ILE N    N N N 147 
ILE CA   C N S 148 
ILE C    C N N 149 
ILE O    O N N 150 
ILE CB   C N S 151 
ILE CG1  C N N 152 
ILE CG2  C N N 153 
ILE CD1  C N N 154 
ILE OXT  O N N 155 
ILE H    H N N 156 
ILE H2   H N N 157 
ILE HA   H N N 158 
ILE HB   H N N 159 
ILE HG12 H N N 160 
ILE HG13 H N N 161 
ILE HG21 H N N 162 
ILE HG22 H N N 163 
ILE HG23 H N N 164 
ILE HD11 H N N 165 
ILE HD12 H N N 166 
ILE HD13 H N N 167 
ILE HXT  H N N 168 
LEU N    N N N 169 
LEU CA   C N S 170 
LEU C    C N N 171 
LEU O    O N N 172 
LEU CB   C N N 173 
LEU CG   C N N 174 
LEU CD1  C N N 175 
LEU CD2  C N N 176 
LEU OXT  O N N 177 
LEU H    H N N 178 
LEU H2   H N N 179 
LEU HA   H N N 180 
LEU HB2  H N N 181 
LEU HB3  H N N 182 
LEU HG   H N N 183 
LEU HD11 H N N 184 
LEU HD12 H N N 185 
LEU HD13 H N N 186 
LEU HD21 H N N 187 
LEU HD22 H N N 188 
LEU HD23 H N N 189 
LEU HXT  H N N 190 
LYS N    N N N 191 
LYS CA   C N S 192 
LYS C    C N N 193 
LYS O    O N N 194 
LYS CB   C N N 195 
LYS CG   C N N 196 
LYS CD   C N N 197 
LYS CE   C N N 198 
LYS NZ   N N N 199 
LYS OXT  O N N 200 
LYS H    H N N 201 
LYS H2   H N N 202 
LYS HA   H N N 203 
LYS HB2  H N N 204 
LYS HB3  H N N 205 
LYS HG2  H N N 206 
LYS HG3  H N N 207 
LYS HD2  H N N 208 
LYS HD3  H N N 209 
LYS HE2  H N N 210 
LYS HE3  H N N 211 
LYS HZ1  H N N 212 
LYS HZ2  H N N 213 
LYS HZ3  H N N 214 
LYS HXT  H N N 215 
MET N    N N N 216 
MET CA   C N S 217 
MET C    C N N 218 
MET O    O N N 219 
MET CB   C N N 220 
MET CG   C N N 221 
MET SD   S N N 222 
MET CE   C N N 223 
MET OXT  O N N 224 
MET H    H N N 225 
MET H2   H N N 226 
MET HA   H N N 227 
MET HB2  H N N 228 
MET HB3  H N N 229 
MET HG2  H N N 230 
MET HG3  H N N 231 
MET HE1  H N N 232 
MET HE2  H N N 233 
MET HE3  H N N 234 
MET HXT  H N N 235 
OTP O7   O N N 236 
OTP P2   P N N 237 
OTP O5   O N N 238 
OTP O6   O N N 239 
OTP O4   O N N 240 
OTP P1   P N S 241 
OTP O2   O N N 242 
OTP O3   O N N 243 
OTP O1   O N N 244 
OTP C40  C N N 245 
OTP C39  C N N 246 
OTP C37  C N N 247 
OTP C38  C N N 248 
OTP C36  C N N 249 
OTP C35  C N N 250 
OTP C34  C N N 251 
OTP C32  C N N 252 
OTP C33  C N N 253 
OTP C31  C N N 254 
OTP C30  C N N 255 
OTP C29  C N N 256 
OTP C27  C N N 257 
OTP C28  C N N 258 
OTP C26  C N N 259 
OTP C25  C N N 260 
OTP C24  C N N 261 
OTP C22  C N N 262 
OTP C23  C N N 263 
OTP C21  C N N 264 
OTP C20  C N N 265 
OTP C19  C N N 266 
OTP C17  C N N 267 
OTP C18  C N N 268 
OTP C16  C N N 269 
OTP C15  C N N 270 
OTP C14  C N N 271 
OTP C12  C N N 272 
OTP C13  C N N 273 
OTP C11  C N N 274 
OTP C10  C N N 275 
OTP C9   C N N 276 
OTP C7   C N N 277 
OTP C8   C N N 278 
OTP C6   C N N 279 
OTP C5   C N N 280 
OTP C4   C N N 281 
OTP C2   C N N 282 
OTP C3   C N N 283 
OTP C1   C N N 284 
OTP HO7  H N N 285 
OTP HO6  H N N 286 
OTP HO3  H N N 287 
OTP H401 H N N 288 
OTP H402 H N N 289 
OTP H39  H N N 290 
OTP H381 H N N 291 
OTP H382 H N N 292 
OTP H383 H N N 293 
OTP H361 H N N 294 
OTP H362 H N N 295 
OTP H351 H N N 296 
OTP H352 H N N 297 
OTP H34  H N N 298 
OTP H331 H N N 299 
OTP H332 H N N 300 
OTP H333 H N N 301 
OTP H311 H N N 302 
OTP H312 H N N 303 
OTP H301 H N N 304 
OTP H302 H N N 305 
OTP H29  H N N 306 
OTP H281 H N N 307 
OTP H282 H N N 308 
OTP H283 H N N 309 
OTP H261 H N N 310 
OTP H262 H N N 311 
OTP H251 H N N 312 
OTP H252 H N N 313 
OTP H24  H N N 314 
OTP H231 H N N 315 
OTP H232 H N N 316 
OTP H233 H N N 317 
OTP H211 H N N 318 
OTP H212 H N N 319 
OTP H201 H N N 320 
OTP H202 H N N 321 
OTP H19  H N N 322 
OTP H181 H N N 323 
OTP H182 H N N 324 
OTP H183 H N N 325 
OTP H161 H N N 326 
OTP H162 H N N 327 
OTP H151 H N N 328 
OTP H152 H N N 329 
OTP H14  H N N 330 
OTP H131 H N N 331 
OTP H132 H N N 332 
OTP H133 H N N 333 
OTP H111 H N N 334 
OTP H112 H N N 335 
OTP H101 H N N 336 
OTP H102 H N N 337 
OTP H9   H N N 338 
OTP H81  H N N 339 
OTP H82  H N N 340 
OTP H83  H N N 341 
OTP H61  H N N 342 
OTP H62  H N N 343 
OTP H51  H N N 344 
OTP H52  H N N 345 
OTP H4   H N N 346 
OTP H31  H N N 347 
OTP H32  H N N 348 
OTP H33  H N N 349 
OTP H11  H N N 350 
OTP H12  H N N 351 
OTP H13  H N N 352 
PHE N    N N N 353 
PHE CA   C N S 354 
PHE C    C N N 355 
PHE O    O N N 356 
PHE CB   C N N 357 
PHE CG   C Y N 358 
PHE CD1  C Y N 359 
PHE CD2  C Y N 360 
PHE CE1  C Y N 361 
PHE CE2  C Y N 362 
PHE CZ   C Y N 363 
PHE OXT  O N N 364 
PHE H    H N N 365 
PHE H2   H N N 366 
PHE HA   H N N 367 
PHE HB2  H N N 368 
PHE HB3  H N N 369 
PHE HD1  H N N 370 
PHE HD2  H N N 371 
PHE HE1  H N N 372 
PHE HE2  H N N 373 
PHE HZ   H N N 374 
PHE HXT  H N N 375 
PRO N    N N N 376 
PRO CA   C N S 377 
PRO C    C N N 378 
PRO O    O N N 379 
PRO CB   C N N 380 
PRO CG   C N N 381 
PRO CD   C N N 382 
PRO OXT  O N N 383 
PRO H    H N N 384 
PRO HA   H N N 385 
PRO HB2  H N N 386 
PRO HB3  H N N 387 
PRO HG2  H N N 388 
PRO HG3  H N N 389 
PRO HD2  H N N 390 
PRO HD3  H N N 391 
PRO HXT  H N N 392 
SER N    N N N 393 
SER CA   C N S 394 
SER C    C N N 395 
SER O    O N N 396 
SER CB   C N N 397 
SER OG   O N N 398 
SER OXT  O N N 399 
SER H    H N N 400 
SER H2   H N N 401 
SER HA   H N N 402 
SER HB2  H N N 403 
SER HB3  H N N 404 
SER HG   H N N 405 
SER HXT  H N N 406 
THR N    N N N 407 
THR CA   C N S 408 
THR C    C N N 409 
THR O    O N N 410 
THR CB   C N R 411 
THR OG1  O N N 412 
THR CG2  C N N 413 
THR OXT  O N N 414 
THR H    H N N 415 
THR H2   H N N 416 
THR HA   H N N 417 
THR HB   H N N 418 
THR HG1  H N N 419 
THR HG21 H N N 420 
THR HG22 H N N 421 
THR HG23 H N N 422 
THR HXT  H N N 423 
TRP N    N N N 424 
TRP CA   C N S 425 
TRP C    C N N 426 
TRP O    O N N 427 
TRP CB   C N N 428 
TRP CG   C Y N 429 
TRP CD1  C Y N 430 
TRP CD2  C Y N 431 
TRP NE1  N Y N 432 
TRP CE2  C Y N 433 
TRP CE3  C Y N 434 
TRP CZ2  C Y N 435 
TRP CZ3  C Y N 436 
TRP CH2  C Y N 437 
TRP OXT  O N N 438 
TRP H    H N N 439 
TRP H2   H N N 440 
TRP HA   H N N 441 
TRP HB2  H N N 442 
TRP HB3  H N N 443 
TRP HD1  H N N 444 
TRP HE1  H N N 445 
TRP HE3  H N N 446 
TRP HZ2  H N N 447 
TRP HZ3  H N N 448 
TRP HH2  H N N 449 
TRP HXT  H N N 450 
TYR N    N N N 451 
TYR CA   C N S 452 
TYR C    C N N 453 
TYR O    O N N 454 
TYR CB   C N N 455 
TYR CG   C Y N 456 
TYR CD1  C Y N 457 
TYR CD2  C Y N 458 
TYR CE1  C Y N 459 
TYR CE2  C Y N 460 
TYR CZ   C Y N 461 
TYR OH   O N N 462 
TYR OXT  O N N 463 
TYR H    H N N 464 
TYR H2   H N N 465 
TYR HA   H N N 466 
TYR HB2  H N N 467 
TYR HB3  H N N 468 
TYR HD1  H N N 469 
TYR HD2  H N N 470 
TYR HE1  H N N 471 
TYR HE2  H N N 472 
TYR HH   H N N 473 
TYR HXT  H N N 474 
VAL N    N N N 475 
VAL CA   C N S 476 
VAL C    C N N 477 
VAL O    O N N 478 
VAL CB   C N N 479 
VAL CG1  C N N 480 
VAL CG2  C N N 481 
VAL OXT  O N N 482 
VAL H    H N N 483 
VAL H2   H N N 484 
VAL HA   H N N 485 
VAL HB   H N N 486 
VAL HG11 H N N 487 
VAL HG12 H N N 488 
VAL HG13 H N N 489 
VAL HG21 H N N 490 
VAL HG22 H N N 491 
VAL HG23 H N N 492 
VAL HXT  H N N 493 
# 
loop_
_chem_comp_bond.comp_id 
_chem_comp_bond.atom_id_1 
_chem_comp_bond.atom_id_2 
_chem_comp_bond.value_order 
_chem_comp_bond.pdbx_aromatic_flag 
_chem_comp_bond.pdbx_stereo_config 
_chem_comp_bond.pdbx_ordinal 
ALA N   CA   sing N N 1   
ALA N   H    sing N N 2   
ALA N   H2   sing N N 3   
ALA CA  C    sing N N 4   
ALA CA  CB   sing N N 5   
ALA CA  HA   sing N N 6   
ALA C   O    doub N N 7   
ALA C   OXT  sing N N 8   
ALA CB  HB1  sing N N 9   
ALA CB  HB2  sing N N 10  
ALA CB  HB3  sing N N 11  
ALA OXT HXT  sing N N 12  
ARG N   CA   sing N N 13  
ARG N   H    sing N N 14  
ARG N   H2   sing N N 15  
ARG CA  C    sing N N 16  
ARG CA  CB   sing N N 17  
ARG CA  HA   sing N N 18  
ARG C   O    doub N N 19  
ARG C   OXT  sing N N 20  
ARG CB  CG   sing N N 21  
ARG CB  HB2  sing N N 22  
ARG CB  HB3  sing N N 23  
ARG CG  CD   sing N N 24  
ARG CG  HG2  sing N N 25  
ARG CG  HG3  sing N N 26  
ARG CD  NE   sing N N 27  
ARG CD  HD2  sing N N 28  
ARG CD  HD3  sing N N 29  
ARG NE  CZ   sing N N 30  
ARG NE  HE   sing N N 31  
ARG CZ  NH1  sing N N 32  
ARG CZ  NH2  doub N N 33  
ARG NH1 HH11 sing N N 34  
ARG NH1 HH12 sing N N 35  
ARG NH2 HH21 sing N N 36  
ARG NH2 HH22 sing N N 37  
ARG OXT HXT  sing N N 38  
ASN N   CA   sing N N 39  
ASN N   H    sing N N 40  
ASN N   H2   sing N N 41  
ASN CA  C    sing N N 42  
ASN CA  CB   sing N N 43  
ASN CA  HA   sing N N 44  
ASN C   O    doub N N 45  
ASN C   OXT  sing N N 46  
ASN CB  CG   sing N N 47  
ASN CB  HB2  sing N N 48  
ASN CB  HB3  sing N N 49  
ASN CG  OD1  doub N N 50  
ASN CG  ND2  sing N N 51  
ASN ND2 HD21 sing N N 52  
ASN ND2 HD22 sing N N 53  
ASN OXT HXT  sing N N 54  
ASP N   CA   sing N N 55  
ASP N   H    sing N N 56  
ASP N   H2   sing N N 57  
ASP CA  C    sing N N 58  
ASP CA  CB   sing N N 59  
ASP CA  HA   sing N N 60  
ASP C   O    doub N N 61  
ASP C   OXT  sing N N 62  
ASP CB  CG   sing N N 63  
ASP CB  HB2  sing N N 64  
ASP CB  HB3  sing N N 65  
ASP CG  OD1  doub N N 66  
ASP CG  OD2  sing N N 67  
ASP OD2 HD2  sing N N 68  
ASP OXT HXT  sing N N 69  
GLN N   CA   sing N N 70  
GLN N   H    sing N N 71  
GLN N   H2   sing N N 72  
GLN CA  C    sing N N 73  
GLN CA  CB   sing N N 74  
GLN CA  HA   sing N N 75  
GLN C   O    doub N N 76  
GLN C   OXT  sing N N 77  
GLN CB  CG   sing N N 78  
GLN CB  HB2  sing N N 79  
GLN CB  HB3  sing N N 80  
GLN CG  CD   sing N N 81  
GLN CG  HG2  sing N N 82  
GLN CG  HG3  sing N N 83  
GLN CD  OE1  doub N N 84  
GLN CD  NE2  sing N N 85  
GLN NE2 HE21 sing N N 86  
GLN NE2 HE22 sing N N 87  
GLN OXT HXT  sing N N 88  
GLU N   CA   sing N N 89  
GLU N   H    sing N N 90  
GLU N   H2   sing N N 91  
GLU CA  C    sing N N 92  
GLU CA  CB   sing N N 93  
GLU CA  HA   sing N N 94  
GLU C   O    doub N N 95  
GLU C   OXT  sing N N 96  
GLU CB  CG   sing N N 97  
GLU CB  HB2  sing N N 98  
GLU CB  HB3  sing N N 99  
GLU CG  CD   sing N N 100 
GLU CG  HG2  sing N N 101 
GLU CG  HG3  sing N N 102 
GLU CD  OE1  doub N N 103 
GLU CD  OE2  sing N N 104 
GLU OE2 HE2  sing N N 105 
GLU OXT HXT  sing N N 106 
GLY N   CA   sing N N 107 
GLY N   H    sing N N 108 
GLY N   H2   sing N N 109 
GLY CA  C    sing N N 110 
GLY CA  HA2  sing N N 111 
GLY CA  HA3  sing N N 112 
GLY C   O    doub N N 113 
GLY C   OXT  sing N N 114 
GLY OXT HXT  sing N N 115 
HIS N   CA   sing N N 116 
HIS N   H    sing N N 117 
HIS N   H2   sing N N 118 
HIS CA  C    sing N N 119 
HIS CA  CB   sing N N 120 
HIS CA  HA   sing N N 121 
HIS C   O    doub N N 122 
HIS C   OXT  sing N N 123 
HIS CB  CG   sing N N 124 
HIS CB  HB2  sing N N 125 
HIS CB  HB3  sing N N 126 
HIS CG  ND1  sing Y N 127 
HIS CG  CD2  doub Y N 128 
HIS ND1 CE1  doub Y N 129 
HIS ND1 HD1  sing N N 130 
HIS CD2 NE2  sing Y N 131 
HIS CD2 HD2  sing N N 132 
HIS CE1 NE2  sing Y N 133 
HIS CE1 HE1  sing N N 134 
HIS NE2 HE2  sing N N 135 
HIS OXT HXT  sing N N 136 
HOH O   H1   sing N N 137 
HOH O   H2   sing N N 138 
ILE N   CA   sing N N 139 
ILE N   H    sing N N 140 
ILE N   H2   sing N N 141 
ILE CA  C    sing N N 142 
ILE CA  CB   sing N N 143 
ILE CA  HA   sing N N 144 
ILE C   O    doub N N 145 
ILE C   OXT  sing N N 146 
ILE CB  CG1  sing N N 147 
ILE CB  CG2  sing N N 148 
ILE CB  HB   sing N N 149 
ILE CG1 CD1  sing N N 150 
ILE CG1 HG12 sing N N 151 
ILE CG1 HG13 sing N N 152 
ILE CG2 HG21 sing N N 153 
ILE CG2 HG22 sing N N 154 
ILE CG2 HG23 sing N N 155 
ILE CD1 HD11 sing N N 156 
ILE CD1 HD12 sing N N 157 
ILE CD1 HD13 sing N N 158 
ILE OXT HXT  sing N N 159 
LEU N   CA   sing N N 160 
LEU N   H    sing N N 161 
LEU N   H2   sing N N 162 
LEU CA  C    sing N N 163 
LEU CA  CB   sing N N 164 
LEU CA  HA   sing N N 165 
LEU C   O    doub N N 166 
LEU C   OXT  sing N N 167 
LEU CB  CG   sing N N 168 
LEU CB  HB2  sing N N 169 
LEU CB  HB3  sing N N 170 
LEU CG  CD1  sing N N 171 
LEU CG  CD2  sing N N 172 
LEU CG  HG   sing N N 173 
LEU CD1 HD11 sing N N 174 
LEU CD1 HD12 sing N N 175 
LEU CD1 HD13 sing N N 176 
LEU CD2 HD21 sing N N 177 
LEU CD2 HD22 sing N N 178 
LEU CD2 HD23 sing N N 179 
LEU OXT HXT  sing N N 180 
LYS N   CA   sing N N 181 
LYS N   H    sing N N 182 
LYS N   H2   sing N N 183 
LYS CA  C    sing N N 184 
LYS CA  CB   sing N N 185 
LYS CA  HA   sing N N 186 
LYS C   O    doub N N 187 
LYS C   OXT  sing N N 188 
LYS CB  CG   sing N N 189 
LYS CB  HB2  sing N N 190 
LYS CB  HB3  sing N N 191 
LYS CG  CD   sing N N 192 
LYS CG  HG2  sing N N 193 
LYS CG  HG3  sing N N 194 
LYS CD  CE   sing N N 195 
LYS CD  HD2  sing N N 196 
LYS CD  HD3  sing N N 197 
LYS CE  NZ   sing N N 198 
LYS CE  HE2  sing N N 199 
LYS CE  HE3  sing N N 200 
LYS NZ  HZ1  sing N N 201 
LYS NZ  HZ2  sing N N 202 
LYS NZ  HZ3  sing N N 203 
LYS OXT HXT  sing N N 204 
MET N   CA   sing N N 205 
MET N   H    sing N N 206 
MET N   H2   sing N N 207 
MET CA  C    sing N N 208 
MET CA  CB   sing N N 209 
MET CA  HA   sing N N 210 
MET C   O    doub N N 211 
MET C   OXT  sing N N 212 
MET CB  CG   sing N N 213 
MET CB  HB2  sing N N 214 
MET CB  HB3  sing N N 215 
MET CG  SD   sing N N 216 
MET CG  HG2  sing N N 217 
MET CG  HG3  sing N N 218 
MET SD  CE   sing N N 219 
MET CE  HE1  sing N N 220 
MET CE  HE2  sing N N 221 
MET CE  HE3  sing N N 222 
MET OXT HXT  sing N N 223 
OTP O7  P2   sing N N 224 
OTP O7  HO7  sing N N 225 
OTP P2  O5   doub N N 226 
OTP P2  O6   sing N N 227 
OTP P2  O4   sing N N 228 
OTP O6  HO6  sing N N 229 
OTP O4  P1   sing N N 230 
OTP P1  O2   doub N N 231 
OTP P1  O3   sing N N 232 
OTP P1  O1   sing N N 233 
OTP O3  HO3  sing N N 234 
OTP O1  C40  sing N N 235 
OTP C40 C39  sing N N 236 
OTP C40 H401 sing N N 237 
OTP C40 H402 sing N N 238 
OTP C39 C37  doub N E 239 
OTP C39 H39  sing N N 240 
OTP C37 C38  sing N N 241 
OTP C37 C36  sing N N 242 
OTP C38 H381 sing N N 243 
OTP C38 H382 sing N N 244 
OTP C38 H383 sing N N 245 
OTP C36 C35  sing N N 246 
OTP C36 H361 sing N N 247 
OTP C36 H362 sing N N 248 
OTP C35 C34  sing N N 249 
OTP C35 H351 sing N N 250 
OTP C35 H352 sing N N 251 
OTP C34 C32  doub N E 252 
OTP C34 H34  sing N N 253 
OTP C32 C33  sing N N 254 
OTP C32 C31  sing N N 255 
OTP C33 H331 sing N N 256 
OTP C33 H332 sing N N 257 
OTP C33 H333 sing N N 258 
OTP C31 C30  sing N N 259 
OTP C31 H311 sing N N 260 
OTP C31 H312 sing N N 261 
OTP C30 C29  sing N N 262 
OTP C30 H301 sing N N 263 
OTP C30 H302 sing N N 264 
OTP C29 C27  doub N E 265 
OTP C29 H29  sing N N 266 
OTP C27 C28  sing N N 267 
OTP C27 C26  sing N N 268 
OTP C28 H281 sing N N 269 
OTP C28 H282 sing N N 270 
OTP C28 H283 sing N N 271 
OTP C26 C25  sing N N 272 
OTP C26 H261 sing N N 273 
OTP C26 H262 sing N N 274 
OTP C25 C24  sing N N 275 
OTP C25 H251 sing N N 276 
OTP C25 H252 sing N N 277 
OTP C24 C22  doub N E 278 
OTP C24 H24  sing N N 279 
OTP C22 C23  sing N N 280 
OTP C22 C21  sing N N 281 
OTP C23 H231 sing N N 282 
OTP C23 H232 sing N N 283 
OTP C23 H233 sing N N 284 
OTP C21 C20  sing N N 285 
OTP C21 H211 sing N N 286 
OTP C21 H212 sing N N 287 
OTP C20 C19  sing N N 288 
OTP C20 H201 sing N N 289 
OTP C20 H202 sing N N 290 
OTP C19 C17  doub N E 291 
OTP C19 H19  sing N N 292 
OTP C17 C18  sing N N 293 
OTP C17 C16  sing N N 294 
OTP C18 H181 sing N N 295 
OTP C18 H182 sing N N 296 
OTP C18 H183 sing N N 297 
OTP C16 C15  sing N N 298 
OTP C16 H161 sing N N 299 
OTP C16 H162 sing N N 300 
OTP C15 C14  sing N N 301 
OTP C15 H151 sing N N 302 
OTP C15 H152 sing N N 303 
OTP C14 C12  doub N E 304 
OTP C14 H14  sing N N 305 
OTP C12 C13  sing N N 306 
OTP C12 C11  sing N N 307 
OTP C13 H131 sing N N 308 
OTP C13 H132 sing N N 309 
OTP C13 H133 sing N N 310 
OTP C11 C10  sing N N 311 
OTP C11 H111 sing N N 312 
OTP C11 H112 sing N N 313 
OTP C10 C9   sing N N 314 
OTP C10 H101 sing N N 315 
OTP C10 H102 sing N N 316 
OTP C9  C7   doub N E 317 
OTP C9  H9   sing N N 318 
OTP C7  C8   sing N N 319 
OTP C7  C6   sing N N 320 
OTP C8  H81  sing N N 321 
OTP C8  H82  sing N N 322 
OTP C8  H83  sing N N 323 
OTP C6  C5   sing N N 324 
OTP C6  H61  sing N N 325 
OTP C6  H62  sing N N 326 
OTP C5  C4   sing N N 327 
OTP C5  H51  sing N N 328 
OTP C5  H52  sing N N 329 
OTP C4  C2   doub N N 330 
OTP C4  H4   sing N N 331 
OTP C2  C3   sing N N 332 
OTP C2  C1   sing N N 333 
OTP C3  H31  sing N N 334 
OTP C3  H32  sing N N 335 
OTP C3  H33  sing N N 336 
OTP C1  H11  sing N N 337 
OTP C1  H12  sing N N 338 
OTP C1  H13  sing N N 339 
PHE N   CA   sing N N 340 
PHE N   H    sing N N 341 
PHE N   H2   sing N N 342 
PHE CA  C    sing N N 343 
PHE CA  CB   sing N N 344 
PHE CA  HA   sing N N 345 
PHE C   O    doub N N 346 
PHE C   OXT  sing N N 347 
PHE CB  CG   sing N N 348 
PHE CB  HB2  sing N N 349 
PHE CB  HB3  sing N N 350 
PHE CG  CD1  doub Y N 351 
PHE CG  CD2  sing Y N 352 
PHE CD1 CE1  sing Y N 353 
PHE CD1 HD1  sing N N 354 
PHE CD2 CE2  doub Y N 355 
PHE CD2 HD2  sing N N 356 
PHE CE1 CZ   doub Y N 357 
PHE CE1 HE1  sing N N 358 
PHE CE2 CZ   sing Y N 359 
PHE CE2 HE2  sing N N 360 
PHE CZ  HZ   sing N N 361 
PHE OXT HXT  sing N N 362 
PRO N   CA   sing N N 363 
PRO N   CD   sing N N 364 
PRO N   H    sing N N 365 
PRO CA  C    sing N N 366 
PRO CA  CB   sing N N 367 
PRO CA  HA   sing N N 368 
PRO C   O    doub N N 369 
PRO C   OXT  sing N N 370 
PRO CB  CG   sing N N 371 
PRO CB  HB2  sing N N 372 
PRO CB  HB3  sing N N 373 
PRO CG  CD   sing N N 374 
PRO CG  HG2  sing N N 375 
PRO CG  HG3  sing N N 376 
PRO CD  HD2  sing N N 377 
PRO CD  HD3  sing N N 378 
PRO OXT HXT  sing N N 379 
SER N   CA   sing N N 380 
SER N   H    sing N N 381 
SER N   H2   sing N N 382 
SER CA  C    sing N N 383 
SER CA  CB   sing N N 384 
SER CA  HA   sing N N 385 
SER C   O    doub N N 386 
SER C   OXT  sing N N 387 
SER CB  OG   sing N N 388 
SER CB  HB2  sing N N 389 
SER CB  HB3  sing N N 390 
SER OG  HG   sing N N 391 
SER OXT HXT  sing N N 392 
THR N   CA   sing N N 393 
THR N   H    sing N N 394 
THR N   H2   sing N N 395 
THR CA  C    sing N N 396 
THR CA  CB   sing N N 397 
THR CA  HA   sing N N 398 
THR C   O    doub N N 399 
THR C   OXT  sing N N 400 
THR CB  OG1  sing N N 401 
THR CB  CG2  sing N N 402 
THR CB  HB   sing N N 403 
THR OG1 HG1  sing N N 404 
THR CG2 HG21 sing N N 405 
THR CG2 HG22 sing N N 406 
THR CG2 HG23 sing N N 407 
THR OXT HXT  sing N N 408 
TRP N   CA   sing N N 409 
TRP N   H    sing N N 410 
TRP N   H2   sing N N 411 
TRP CA  C    sing N N 412 
TRP CA  CB   sing N N 413 
TRP CA  HA   sing N N 414 
TRP C   O    doub N N 415 
TRP C   OXT  sing N N 416 
TRP CB  CG   sing N N 417 
TRP CB  HB2  sing N N 418 
TRP CB  HB3  sing N N 419 
TRP CG  CD1  doub Y N 420 
TRP CG  CD2  sing Y N 421 
TRP CD1 NE1  sing Y N 422 
TRP CD1 HD1  sing N N 423 
TRP CD2 CE2  doub Y N 424 
TRP CD2 CE3  sing Y N 425 
TRP NE1 CE2  sing Y N 426 
TRP NE1 HE1  sing N N 427 
TRP CE2 CZ2  sing Y N 428 
TRP CE3 CZ3  doub Y N 429 
TRP CE3 HE3  sing N N 430 
TRP CZ2 CH2  doub Y N 431 
TRP CZ2 HZ2  sing N N 432 
TRP CZ3 CH2  sing Y N 433 
TRP CZ3 HZ3  sing N N 434 
TRP CH2 HH2  sing N N 435 
TRP OXT HXT  sing N N 436 
TYR N   CA   sing N N 437 
TYR N   H    sing N N 438 
TYR N   H2   sing N N 439 
TYR CA  C    sing N N 440 
TYR CA  CB   sing N N 441 
TYR CA  HA   sing N N 442 
TYR C   O    doub N N 443 
TYR C   OXT  sing N N 444 
TYR CB  CG   sing N N 445 
TYR CB  HB2  sing N N 446 
TYR CB  HB3  sing N N 447 
TYR CG  CD1  doub Y N 448 
TYR CG  CD2  sing Y N 449 
TYR CD1 CE1  sing Y N 450 
TYR CD1 HD1  sing N N 451 
TYR CD2 CE2  doub Y N 452 
TYR CD2 HD2  sing N N 453 
TYR CE1 CZ   doub Y N 454 
TYR CE1 HE1  sing N N 455 
TYR CE2 CZ   sing Y N 456 
TYR CE2 HE2  sing N N 457 
TYR CZ  OH   sing N N 458 
TYR OH  HH   sing N N 459 
TYR OXT HXT  sing N N 460 
VAL N   CA   sing N N 461 
VAL N   H    sing N N 462 
VAL N   H2   sing N N 463 
VAL CA  C    sing N N 464 
VAL CA  CB   sing N N 465 
VAL CA  HA   sing N N 466 
VAL C   O    doub N N 467 
VAL C   OXT  sing N N 468 
VAL CB  CG1  sing N N 469 
VAL CB  CG2  sing N N 470 
VAL CB  HB   sing N N 471 
VAL CG1 HG11 sing N N 472 
VAL CG1 HG12 sing N N 473 
VAL CG1 HG13 sing N N 474 
VAL CG2 HG21 sing N N 475 
VAL CG2 HG22 sing N N 476 
VAL CG2 HG23 sing N N 477 
VAL OXT HXT  sing N N 478 
# 
_atom_sites.entry_id                    1WUB 
_atom_sites.fract_transf_matrix[1][1]   0.00317402 
_atom_sites.fract_transf_matrix[1][2]   0.02917815 
_atom_sites.fract_transf_matrix[1][3]   -0.00904369 
_atom_sites.fract_transf_matrix[2][1]   0.00266264 
_atom_sites.fract_transf_matrix[2][2]   -0.00321341 
_atom_sites.fract_transf_matrix[2][3]   -0.00943311 
_atom_sites.fract_transf_matrix[3][1]   -0.00880166 
_atom_sites.fract_transf_matrix[3][2]   0.00016952 
_atom_sites.fract_transf_matrix[3][3]   -0.00254215 
_atom_sites.fract_transf_vector[1]      0.148539 
_atom_sites.fract_transf_vector[2]      0.464317 
_atom_sites.fract_transf_vector[3]      0.389738 
# 
loop_
_atom_type.symbol 
C 
N 
O 
P 
S 
# 
loop_
_atom_site.group_PDB 
_atom_site.id 
_atom_site.type_symbol 
_atom_site.label_atom_id 
_atom_site.label_alt_id 
_atom_site.label_comp_id 
_atom_site.label_asym_id 
_atom_site.label_entity_id 
_atom_site.label_seq_id 
_atom_site.pdbx_PDB_ins_code 
_atom_site.Cartn_x 
_atom_site.Cartn_y 
_atom_site.Cartn_z 
_atom_site.occupancy 
_atom_site.B_iso_or_equiv 
_atom_site.pdbx_formal_charge 
_atom_site.auth_seq_id 
_atom_site.auth_comp_id 
_atom_site.auth_asym_id 
_atom_site.auth_atom_id 
_atom_site.pdbx_PDB_model_num 
ATOM   1    N N   . MET A 1 1   ? 1.893   10.199  19.770  1.00 28.17 ? 1    MET A N   1 
ATOM   2    C CA  . MET A 1 1   ? 0.954   9.114   20.136  1.00 27.55 ? 1    MET A CA  1 
ATOM   3    C C   . MET A 1 1   ? 0.926   8.034   19.058  1.00 26.82 ? 1    MET A C   1 
ATOM   4    O O   . MET A 1 1   ? 1.222   8.331   17.906  1.00 25.76 ? 1    MET A O   1 
ATOM   5    C CB  . MET A 1 1   ? -0.429  9.689   20.427  1.00 28.21 ? 1    MET A CB  1 
ATOM   6    C CG  . MET A 1 1   ? -1.347  10.024  19.280  1.00 29.84 ? 1    MET A CG  1 
ATOM   7    S SD  . MET A 1 1   ? -3.035  10.264  19.943  1.00 36.39 ? 1    MET A SD  1 
ATOM   8    C CE  . MET A 1 1   ? -3.183  8.816   21.031  1.00 35.34 ? 1    MET A CE  1 
ATOM   9    N N   . LYS A 1 2   ? 0.620   6.793   19.453  1.00 24.48 ? 2    LYS A N   1 
ATOM   10   C CA  . LYS A 1 2   ? 0.574   5.660   18.522  1.00 23.81 ? 2    LYS A CA  1 
ATOM   11   C C   . LYS A 1 2   ? -0.861  5.335   18.100  1.00 21.96 ? 2    LYS A C   1 
ATOM   12   O O   . LYS A 1 2   ? -1.771  5.186   18.939  1.00 21.89 ? 2    LYS A O   1 
ATOM   13   C CB  . LYS A 1 2   ? 1.250   4.425   19.138  1.00 24.09 ? 2    LYS A CB  1 
ATOM   14   C CG  . LYS A 1 2   ? 0.925   3.123   18.439  1.00 27.52 ? 2    LYS A CG  1 
ATOM   15   C CD  . LYS A 1 2   ? 2.083   2.149   18.442  1.00 29.96 ? 2    LYS A CD  1 
ATOM   16   C CE  . LYS A 1 2   ? 1.699   0.871   17.713  1.00 32.50 ? 2    LYS A CE  1 
ATOM   17   N NZ  . LYS A 1 2   ? 2.666   -0.232  18.010  1.00 34.18 ? 2    LYS A NZ  1 
ATOM   18   N N   . TRP A 1 3   ? -1.056  5.251   16.789  1.00 20.12 ? 3    TRP A N   1 
ATOM   19   C CA  . TRP A 1 3   ? -2.335  4.819   16.226  1.00 18.98 ? 3    TRP A CA  1 
ATOM   20   C C   . TRP A 1 3   ? -2.159  3.468   15.575  1.00 17.96 ? 3    TRP A C   1 
ATOM   21   O O   . TRP A 1 3   ? -1.131  3.235   14.958  1.00 20.04 ? 3    TRP A O   1 
ATOM   22   C CB  . TRP A 1 3   ? -2.743  5.808   15.140  1.00 18.59 ? 3    TRP A CB  1 
ATOM   23   C CG  . TRP A 1 3   ? -2.981  7.200   15.646  1.00 18.56 ? 3    TRP A CG  1 
ATOM   24   C CD1 . TRP A 1 3   ? -2.045  8.159   15.901  1.00 20.17 ? 3    TRP A CD1 1 
ATOM   25   C CD2 . TRP A 1 3   ? -4.249  7.798   15.914  1.00 18.57 ? 3    TRP A CD2 1 
ATOM   26   N NE1 . TRP A 1 3   ? -2.655  9.314   16.341  1.00 22.10 ? 3    TRP A NE1 1 
ATOM   27   C CE2 . TRP A 1 3   ? -4.010  9.109   16.373  1.00 21.77 ? 3    TRP A CE2 1 
ATOM   28   C CE3 . TRP A 1 3   ? -5.575  7.333   15.863  1.00 21.48 ? 3    TRP A CE3 1 
ATOM   29   C CZ2 . TRP A 1 3   ? -5.045  9.974   16.738  1.00 22.29 ? 3    TRP A CZ2 1 
ATOM   30   C CZ3 . TRP A 1 3   ? -6.606  8.204   16.238  1.00 20.38 ? 3    TRP A CZ3 1 
ATOM   31   C CH2 . TRP A 1 3   ? -6.323  9.504   16.646  1.00 21.72 ? 3    TRP A CH2 1 
ATOM   32   N N   . ASN A 1 4   ? -3.135  2.574   15.694  1.00 16.33 ? 4    ASN A N   1 
ATOM   33   C CA  . ASN A 1 4   ? -3.005  1.298   14.995  1.00 16.12 ? 4    ASN A CA  1 
ATOM   34   C C   . ASN A 1 4   ? -3.923  1.217   13.806  1.00 14.66 ? 4    ASN A C   1 
ATOM   35   O O   . ASN A 1 4   ? -5.058  1.598   13.912  1.00 15.75 ? 4    ASN A O   1 
ATOM   36   C CB  . ASN A 1 4   ? -3.303  0.149   15.935  1.00 17.03 ? 4    ASN A CB  1 
ATOM   37   C CG  . ASN A 1 4   ? -2.191  -0.029  16.927  1.00 20.16 ? 4    ASN A CG  1 
ATOM   38   O OD1 . ASN A 1 4   ? -1.080  -0.412  16.560  1.00 24.12 ? 4    ASN A OD1 1 
ATOM   39   N ND2 . ASN A 1 4   ? -2.453  0.340   18.168  1.00 28.29 ? 4    ASN A ND2 1 
ATOM   40   N N   . LEU A 1 5   ? -3.403  0.781   12.649  1.00 13.54 ? 5    LEU A N   1 
ATOM   41   C CA  . LEU A 1 5   ? -4.230  0.691   11.458  1.00 14.45 ? 5    LEU A CA  1 
ATOM   42   C C   . LEU A 1 5   ? -5.350  -0.304  11.665  1.00 14.72 ? 5    LEU A C   1 
ATOM   43   O O   . LEU A 1 5   ? -5.112  -1.356  12.190  1.00 14.96 ? 5    LEU A O   1 
ATOM   44   C CB  . LEU A 1 5   ? -3.355  0.214   10.288  1.00 15.20 ? 5    LEU A CB  1 
ATOM   45   C CG  . LEU A 1 5   ? -3.018  1.318   9.265   1.00 21.77 ? 5    LEU A CG  1 
ATOM   46   C CD1 . LEU A 1 5   ? -2.555  2.631   9.887   1.00 20.38 ? 5    LEU A CD1 1 
ATOM   47   C CD2 . LEU A 1 5   ? -1.963  0.844   8.224   1.00 22.21 ? 5    LEU A CD2 1 
ATOM   48   N N   . ASP A 1 6   ? -6.555  0.013   11.208  1.00 14.52 ? 6    ASP A N   1 
ATOM   49   C CA  . ASP A 1 6   ? -7.663  -0.972  11.296  1.00 15.58 ? 6    ASP A CA  1 
ATOM   50   C C   . ASP A 1 6   ? -7.736  -1.745  9.972   1.00 14.96 ? 6    ASP A C   1 
ATOM   51   O O   . ASP A 1 6   ? -8.147  -1.177  8.959   1.00 15.81 ? 6    ASP A O   1 
ATOM   52   C CB  . ASP A 1 6   ? -8.945  -0.173  11.513  1.00 15.22 ? 6    ASP A CB  1 
ATOM   53   C CG  . ASP A 1 6   ? -10.207 -1.003  11.464  1.00 17.45 ? 6    ASP A CG  1 
ATOM   54   O OD1 . ASP A 1 6   ? -10.146 -2.242  11.293  1.00 17.27 ? 6    ASP A OD1 1 
ATOM   55   O OD2 . ASP A 1 6   ? -11.314 -0.435  11.643  1.00 18.94 ? 6    ASP A OD2 1 
ATOM   56   N N   . PRO A 1 7   ? -7.342  -3.021  9.959   1.00 16.34 ? 7    PRO A N   1 
ATOM   57   C CA  . PRO A 1 7   ? -7.307  -3.789  8.695   1.00 17.57 ? 7    PRO A CA  1 
ATOM   58   C C   . PRO A 1 7   ? -8.666  -3.862  8.021   1.00 18.14 ? 7    PRO A C   1 
ATOM   59   O O   . PRO A 1 7   ? -8.752  -4.008  6.799   1.00 19.34 ? 7    PRO A O   1 
ATOM   60   C CB  . PRO A 1 7   ? -6.898  -5.186  9.160   1.00 17.24 ? 7    PRO A CB  1 
ATOM   61   C CG  . PRO A 1 7   ? -6.102  -4.951  10.416  1.00 19.15 ? 7    PRO A CG  1 
ATOM   62   C CD  . PRO A 1 7   ? -6.881  -3.814  11.110  1.00 16.65 ? 7    PRO A CD  1 
ATOM   63   N N   . SER A 1 8   ? -9.737  -3.771  8.808   1.00 18.69 ? 8    SER A N   1 
ATOM   64   C CA  . SER A 1 8   ? -11.093 -3.892  8.255   1.00 19.96 ? 8    SER A CA  1 
ATOM   65   C C   . SER A 1 8   ? -11.564 -2.654  7.507   1.00 19.23 ? 8    SER A C   1 
ATOM   66   O O   . SER A 1 8   ? -12.592 -2.670  6.811   1.00 21.32 ? 8    SER A O   1 
ATOM   67   C CB  . SER A 1 8   ? -12.091 -4.152  9.393   1.00 20.22 ? 8    SER A CB  1 
ATOM   68   O OG  . SER A 1 8   ? -11.901 -5.422  9.946   1.00 28.85 ? 8    SER A OG  1 
ATOM   69   N N   . HIS A 1 9   ? -10.864 -1.530  7.672   1.00 18.01 ? 9    HIS A N   1 
ATOM   70   C CA  . HIS A 1 9   ? -11.229 -0.308  6.964   1.00 18.86 ? 9    HIS A CA  1 
ATOM   71   C C   . HIS A 1 9   ? -10.007 0.348   6.339   1.00 19.09 ? 9    HIS A C   1 
ATOM   72   O O   . HIS A 1 9   ? -9.929  1.579   6.193   1.00 20.12 ? 9    HIS A O   1 
ATOM   73   C CB  . HIS A 1 9   ? -11.971 0.673   7.877   1.00 18.51 ? 9    HIS A CB  1 
ATOM   74   C CG  . HIS A 1 9   ? -13.260 0.129   8.418   1.00 20.90 ? 9    HIS A CG  1 
ATOM   75   N ND1 . HIS A 1 9   ? -13.348 -0.484  9.644   1.00 22.73 ? 9    HIS A ND1 1 
ATOM   76   C CD2 . HIS A 1 9   ? -14.507 0.088   7.888   1.00 25.23 ? 9    HIS A CD2 1 
ATOM   77   C CE1 . HIS A 1 9   ? -14.592 -0.864  9.864   1.00 24.91 ? 9    HIS A CE1 1 
ATOM   78   N NE2 . HIS A 1 9   ? -15.309 -0.542  8.808   1.00 22.94 ? 9    HIS A NE2 1 
ATOM   79   N N   . THR A 1 10  ? -9.045  -0.488  5.973   1.00 17.58 ? 10   THR A N   1 
ATOM   80   C CA  . THR A 1 10  ? -7.908  -0.014  5.212   1.00 18.08 ? 10   THR A CA  1 
ATOM   81   C C   . THR A 1 10  ? -7.964  -0.724  3.866   1.00 17.73 ? 10   THR A C   1 
ATOM   82   O O   . THR A 1 10  ? -8.182  -1.957  3.822   1.00 19.15 ? 10   THR A O   1 
ATOM   83   C CB  . THR A 1 10  ? -6.657  -0.302  5.994   1.00 16.30 ? 10   THR A CB  1 
ATOM   84   O OG1 . THR A 1 10  ? -6.662  0.523   7.186   1.00 17.27 ? 10   THR A OG1 1 
ATOM   85   C CG2 . THR A 1 10  ? -5.405  0.166   5.197   1.00 19.43 ? 10   THR A CG2 1 
ATOM   86   N N   . SER A 1 11  ? -7.821  0.029   2.786   1.00 17.91 ? 11   SER A N   1 
ATOM   87   C CA  . SER A 1 11  ? -7.807  -0.598  1.464   1.00 18.67 ? 11   SER A CA  1 
ATOM   88   C C   . SER A 1 11  ? -6.579  -0.218  0.705   1.00 18.57 ? 11   SER A C   1 
ATOM   89   O O   . SER A 1 11  ? -6.095  0.933   0.786   1.00 18.48 ? 11   SER A O   1 
ATOM   90   C CB  . SER A 1 11  ? -9.031  -0.256  0.635   1.00 19.24 ? 11   SER A CB  1 
ATOM   91   O OG  . SER A 1 11  ? -9.213  1.131   0.574   1.00 20.06 ? 11   SER A OG  1 
ATOM   92   N N   . ILE A 1 12  ? -6.091  -1.197  -0.049  1.00 17.36 ? 12   ILE A N   1 
ATOM   93   C CA  . ILE A 1 12  ? -4.993  -0.951  -0.955  1.00 16.54 ? 12   ILE A CA  1 
ATOM   94   C C   . ILE A 1 12  ? -5.470  -1.363  -2.332  1.00 16.64 ? 12   ILE A C   1 
ATOM   95   O O   . ILE A 1 12  ? -5.772  -2.537  -2.547  1.00 15.50 ? 12   ILE A O   1 
ATOM   96   C CB  . ILE A 1 12  ? -3.790  -1.775  -0.545  1.00 16.86 ? 12   ILE A CB  1 
ATOM   97   C CG1 . ILE A 1 12  ? -3.343  -1.359  0.864   1.00 16.80 ? 12   ILE A CG1 1 
ATOM   98   C CG2 . ILE A 1 12  ? -2.657  -1.586  -1.555  1.00 19.40 ? 12   ILE A CG2 1 
ATOM   99   C CD1 . ILE A 1 12  ? -2.162  -2.163  1.304   1.00 17.43 ? 12   ILE A CD1 1 
ATOM   100  N N   . ASP A 1 13  ? -5.599  -0.400  -3.233  1.00 16.77 ? 13   ASP A N   1 
ATOM   101  C CA  . ASP A 1 13  ? -6.039  -0.697  -4.596  1.00 17.19 ? 13   ASP A CA  1 
ATOM   102  C C   . ASP A 1 13  ? -5.009  -0.291  -5.610  1.00 17.41 ? 13   ASP A C   1 
ATOM   103  O O   . ASP A 1 13  ? -4.405  0.751   -5.465  1.00 19.34 ? 13   ASP A O   1 
ATOM   104  C CB  . ASP A 1 13  ? -7.392  -0.045  -4.908  1.00 18.63 ? 13   ASP A CB  1 
ATOM   105  C CG  . ASP A 1 13  ? -8.514  -0.706  -4.136  1.00 21.42 ? 13   ASP A CG  1 
ATOM   106  O OD1 . ASP A 1 13  ? -9.116  -1.713  -4.613  1.00 26.11 ? 13   ASP A OD1 1 
ATOM   107  O OD2 . ASP A 1 13  ? -8.790  -0.354  -2.963  1.00 25.79 ? 13   ASP A OD2 1 
ATOM   108  N N   . PHE A 1 14  ? -4.808  -1.115  -6.629  1.00 16.13 ? 14   PHE A N   1 
ATOM   109  C CA  . PHE A 1 14  ? -3.771  -0.834  -7.621  1.00 15.81 ? 14   PHE A CA  1 
ATOM   110  C C   . PHE A 1 14  ? -4.306  -0.981  -9.052  1.00 17.09 ? 14   PHE A C   1 
ATOM   111  O O   . PHE A 1 14  ? -5.373  -1.552  -9.246  1.00 17.03 ? 14   PHE A O   1 
ATOM   112  C CB  . PHE A 1 14  ? -2.521  -1.701  -7.393  1.00 15.26 ? 14   PHE A CB  1 
ATOM   113  C CG  . PHE A 1 14  ? -2.743  -3.171  -7.536  1.00 13.30 ? 14   PHE A CG  1 
ATOM   114  C CD1 . PHE A 1 14  ? -2.807  -3.760  -8.819  1.00 15.36 ? 14   PHE A CD1 1 
ATOM   115  C CD2 . PHE A 1 14  ? -2.883  -4.013  -6.391  1.00 13.11 ? 14   PHE A CD2 1 
ATOM   116  C CE1 . PHE A 1 14  ? -2.997  -5.134  -8.954  1.00 13.59 ? 14   PHE A CE1 1 
ATOM   117  C CE2 . PHE A 1 14  ? -3.078  -5.397  -6.553  1.00 15.58 ? 14   PHE A CE2 1 
ATOM   118  C CZ  . PHE A 1 14  ? -3.136  -5.934  -7.853  1.00 16.09 ? 14   PHE A CZ  1 
ATOM   119  N N   . LYS A 1 15  ? -3.595  -0.402  -10.018 1.00 17.16 ? 15   LYS A N   1 
ATOM   120  C CA  . LYS A 1 15  ? -3.983  -0.503  -11.428 1.00 19.06 ? 15   LYS A CA  1 
ATOM   121  C C   . LYS A 1 15  ? -2.727  -0.744  -12.245 1.00 19.28 ? 15   LYS A C   1 
ATOM   122  O O   . LYS A 1 15  ? -1.699  -0.111  -11.982 1.00 19.03 ? 15   LYS A O   1 
ATOM   123  C CB  . LYS A 1 15  ? -4.625  0.780   -11.944 1.00 19.52 ? 15   LYS A CB  1 
ATOM   124  C CG  . LYS A 1 15  ? -5.987  1.179   -11.382 1.00 26.29 ? 15   LYS A CG  1 
ATOM   125  C CD  . LYS A 1 15  ? -6.579  2.280   -12.275 1.00 33.54 ? 15   LYS A CD  1 
ATOM   126  C CE  . LYS A 1 15  ? -5.892  3.625   -12.017 1.00 35.19 ? 15   LYS A CE  1 
ATOM   127  N NZ  . LYS A 1 15  ? -6.669  4.757   -12.611 1.00 37.26 ? 15   LYS A NZ  1 
ATOM   128  N N   . VAL A 1 16  ? -2.832  -1.602  -13.266 1.00 19.01 ? 16   VAL A N   1 
ATOM   129  C CA  . VAL A 1 16  ? -1.718  -1.877  -14.195 1.00 20.30 ? 16   VAL A CA  1 
ATOM   130  C C   . VAL A 1 16  ? -2.301  -1.824  -15.603 1.00 19.92 ? 16   VAL A C   1 
ATOM   131  O O   . VAL A 1 16  ? -3.413  -2.312  -15.830 1.00 20.59 ? 16   VAL A O   1 
ATOM   132  C CB  . VAL A 1 16  ? -1.040  -3.254  -13.882 1.00 20.75 ? 16   VAL A CB  1 
ATOM   133  C CG1 . VAL A 1 16  ? 0.161   -3.521  -14.787 1.00 20.11 ? 16   VAL A CG1 1 
ATOM   134  C CG2 . VAL A 1 16  ? -0.565  -3.320  -12.387 1.00 22.62 ? 16   VAL A CG2 1 
ATOM   135  N N   . ARG A 1 17  ? -1.584  -1.211  -16.537 1.00 19.32 ? 17   ARG A N   1 
ATOM   136  C CA  . ARG A 1 17  ? -2.076  -1.136  -17.914 1.00 20.44 ? 17   ARG A CA  1 
ATOM   137  C C   . ARG A 1 17  ? -2.073  -2.519  -18.572 1.00 20.04 ? 17   ARG A C   1 
ATOM   138  O O   . ARG A 1 17  ? -1.165  -3.310  -18.374 1.00 19.12 ? 17   ARG A O   1 
ATOM   139  C CB  . ARG A 1 17  ? -1.272  -0.127  -18.724 1.00 20.20 ? 17   ARG A CB  1 
ATOM   140  C CG  . ARG A 1 17  ? -1.563  1.318   -18.322 1.00 24.47 ? 17   ARG A CG  1 
ATOM   141  C CD  . ARG A 1 17  ? -0.617  2.343   -18.940 1.00 29.57 ? 17   ARG A CD  1 
ATOM   142  N NE  . ARG A 1 17  ? -0.845  3.716   -18.443 1.00 35.94 ? 17   ARG A NE  1 
ATOM   143  C CZ  . ARG A 1 17  ? -0.366  4.215   -17.293 1.00 38.78 ? 17   ARG A CZ  1 
ATOM   144  N NH1 . ARG A 1 17  ? 0.373   3.463   -16.466 1.00 39.81 ? 17   ARG A NH1 1 
ATOM   145  N NH2 . ARG A 1 17  ? -0.633  5.472   -16.960 1.00 39.11 ? 17   ARG A NH2 1 
ATOM   146  N N   . HIS A 1 18  ? -3.122  -2.814  -19.339 1.00 19.95 ? 18   HIS A N   1 
ATOM   147  C CA  . HIS A 1 18  ? -3.256  -4.094  -20.023 1.00 19.59 ? 18   HIS A CA  1 
ATOM   148  C C   . HIS A 1 18  ? -3.362  -3.842  -21.530 1.00 20.93 ? 18   HIS A C   1 
ATOM   149  O O   . HIS A 1 18  ? -4.260  -3.110  -21.991 1.00 20.33 ? 18   HIS A O   1 
ATOM   150  C CB  . HIS A 1 18  ? -4.492  -4.838  -19.513 1.00 19.36 ? 18   HIS A CB  1 
ATOM   151  C CG  . HIS A 1 18  ? -4.707  -6.158  -20.170 1.00 18.43 ? 18   HIS A CG  1 
ATOM   152  N ND1 . HIS A 1 18  ? -5.889  -6.491  -20.803 1.00 20.51 ? 18   HIS A ND1 1 
ATOM   153  C CD2 . HIS A 1 18  ? -3.914  -7.256  -20.247 1.00 19.39 ? 18   HIS A CD2 1 
ATOM   154  C CE1 . HIS A 1 18  ? -5.793  -7.718  -21.285 1.00 20.83 ? 18   HIS A CE1 1 
ATOM   155  N NE2 . HIS A 1 18  ? -4.603  -8.205  -20.965 1.00 20.68 ? 18   HIS A NE2 1 
ATOM   156  N N   . MET A 1 19  ? -2.415  -4.407  -22.273 1.00 21.01 ? 19   MET A N   1 
ATOM   157  C CA  . MET A 1 19  ? -2.349  -4.276  -23.754 1.00 24.09 ? 19   MET A CA  1 
ATOM   158  C C   . MET A 1 19  ? -2.424  -2.836  -24.256 1.00 25.03 ? 19   MET A C   1 
ATOM   159  O O   . MET A 1 19  ? -2.888  -2.594  -25.373 1.00 25.93 ? 19   MET A O   1 
ATOM   160  C CB  . MET A 1 19  ? -3.478  -5.070  -24.413 1.00 23.92 ? 19   MET A CB  1 
ATOM   161  C CG  . MET A 1 19  ? -3.633  -6.481  -23.953 1.00 26.88 ? 19   MET A CG  1 
ATOM   162  S SD  . MET A 1 19  ? -4.743  -7.377  -25.073 1.00 32.91 ? 19   MET A SD  1 
ATOM   163  C CE  . MET A 1 19  ? -4.403  -6.584  -26.545 1.00 34.02 ? 19   MET A CE  1 
ATOM   164  N N   . GLY A 1 20  ? -2.065  -1.889  -23.399 1.00 26.52 ? 20   GLY A N   1 
ATOM   165  C CA  . GLY A 1 20  ? -2.054  -0.476  -23.738 1.00 28.62 ? 20   GLY A CA  1 
ATOM   166  C C   . GLY A 1 20  ? -3.398  0.224   -23.824 1.00 30.40 ? 20   GLY A C   1 
ATOM   167  O O   . GLY A 1 20  ? -3.441  1.466   -23.896 1.00 31.50 ? 20   GLY A O   1 
ATOM   168  N N   . ILE A 1 21  ? -4.490  -0.548  -23.799 1.00 31.37 ? 21   ILE A N   1 
ATOM   169  C CA  . ILE A 1 21  ? -5.849  -0.012  -24.087 1.00 32.31 ? 21   ILE A CA  1 
ATOM   170  C C   . ILE A 1 21  ? -6.747  0.076   -22.856 1.00 31.74 ? 21   ILE A C   1 
ATOM   171  O O   . ILE A 1 21  ? -7.730  0.827   -22.846 1.00 30.47 ? 21   ILE A O   1 
ATOM   172  C CB  . ILE A 1 21  ? -6.547  -0.818  -25.227 1.00 32.21 ? 21   ILE A CB  1 
ATOM   173  C CG1 . ILE A 1 21  ? -6.287  -2.315  -25.069 1.00 35.09 ? 21   ILE A CG1 1 
ATOM   174  C CG2 . ILE A 1 21  ? -6.041  -0.348  -26.592 1.00 34.62 ? 21   ILE A CG2 1 
ATOM   175  C CD1 . ILE A 1 21  ? -7.519  -3.156  -24.772 1.00 32.86 ? 21   ILE A CD1 1 
ATOM   176  N N   . ALA A 1 22  ? -6.383  -0.661  -21.811 1.00 31.22 ? 22   ALA A N   1 
ATOM   177  C CA  . ALA A 1 22  ? -7.205  -0.778  -20.611 1.00 31.61 ? 22   ALA A CA  1 
ATOM   178  C C   . ALA A 1 22  ? -6.357  -0.916  -19.350 1.00 31.30 ? 22   ALA A C   1 
ATOM   179  O O   . ALA A 1 22  ? -5.128  -0.887  -19.419 1.00 31.18 ? 22   ALA A O   1 
ATOM   180  C CB  . ALA A 1 22  ? -8.163  -1.965  -20.752 1.00 31.84 ? 22   ALA A CB  1 
ATOM   181  N N   . SER A 1 23  ? -7.017  -1.016  -18.202 1.00 30.64 ? 23   SER A N   1 
ATOM   182  C CA  . SER A 1 23  ? -6.351  -1.295  -16.947 1.00 30.26 ? 23   SER A CA  1 
ATOM   183  C C   . SER A 1 23  ? -6.936  -2.561  -16.323 1.00 29.08 ? 23   SER A C   1 
ATOM   184  O O   . SER A 1 23  ? -8.138  -2.813  -16.465 1.00 30.00 ? 23   SER A O   1 
ATOM   185  C CB  . SER A 1 23  ? -6.529  -0.129  -15.980 1.00 31.67 ? 23   SER A CB  1 
ATOM   186  O OG  . SER A 1 23  ? -5.297  0.542   -15.796 1.00 33.44 ? 23   SER A OG  1 
ATOM   187  N N   . VAL A 1 24  ? -6.084  -3.351  -15.674 1.00 26.44 ? 24   VAL A N   1 
ATOM   188  C CA  . VAL A 1 24  ? -6.501  -4.375  -14.714 1.00 25.30 ? 24   VAL A CA  1 
ATOM   189  C C   . VAL A 1 24  ? -6.399  -3.780  -13.310 1.00 23.52 ? 24   VAL A C   1 
ATOM   190  O O   . VAL A 1 24  ? -5.387  -3.187  -12.964 1.00 21.30 ? 24   VAL A O   1 
ATOM   191  C CB  . VAL A 1 24  ? -5.644  -5.670  -14.822 1.00 25.48 ? 24   VAL A CB  1 
ATOM   192  C CG1 . VAL A 1 24  ? -5.772  -6.575  -13.596 1.00 23.93 ? 24   VAL A CG1 1 
ATOM   193  C CG2 . VAL A 1 24  ? -6.040  -6.431  -16.084 1.00 26.87 ? 24   VAL A CG2 1 
ATOM   194  N N   . ARG A 1 25  ? -7.455  -3.920  -12.520 1.00 22.69 ? 25   ARG A N   1 
ATOM   195  C CA  . ARG A 1 25  ? -7.428  -3.444  -11.135 1.00 21.38 ? 25   ARG A CA  1 
ATOM   196  C C   . ARG A 1 25  ? -7.340  -4.596  -10.158 1.00 20.03 ? 25   ARG A C   1 
ATOM   197  O O   . ARG A 1 25  ? -7.899  -5.658  -10.400 1.00 19.01 ? 25   ARG A O   1 
ATOM   198  C CB  . ARG A 1 25  ? -8.688  -2.626  -10.844 1.00 22.48 ? 25   ARG A CB  1 
ATOM   199  C CG  . ARG A 1 25  ? -8.838  -1.425  -11.716 1.00 25.45 ? 25   ARG A CG  1 
ATOM   200  C CD  . ARG A 1 25  ? -10.005 -0.566  -11.310 1.00 32.73 ? 25   ARG A CD  1 
ATOM   201  N NE  . ARG A 1 25  ? -9.950  -0.292  -9.875  1.00 39.42 ? 25   ARG A NE  1 
ATOM   202  C CZ  . ARG A 1 25  ? -9.514  0.842   -9.338  1.00 42.63 ? 25   ARG A CZ  1 
ATOM   203  N NH1 . ARG A 1 25  ? -9.105  1.857   -10.107 1.00 43.61 ? 25   ARG A NH1 1 
ATOM   204  N NH2 . ARG A 1 25  ? -9.495  0.963   -8.021  1.00 45.22 ? 25   ARG A NH2 1 
ATOM   205  N N   . GLY A 1 26  ? -6.702  -4.360  -9.008  1.00 17.40 ? 26   GLY A N   1 
ATOM   206  C CA  . GLY A 1 26  ? -6.562  -5.359  -8.010  1.00 16.86 ? 26   GLY A CA  1 
ATOM   207  C C   . GLY A 1 26  ? -6.483  -4.731  -6.626  1.00 15.61 ? 26   GLY A C   1 
ATOM   208  O O   . GLY A 1 26  ? -6.429  -3.494  -6.504  1.00 16.66 ? 26   GLY A O   1 
ATOM   209  N N   . SER A 1 27  ? -6.543  -5.576  -5.616  1.00 15.86 ? 27   SER A N   1 
ATOM   210  C CA  . SER A 1 27  ? -6.374  -5.129  -4.225  1.00 16.24 ? 27   SER A CA  1 
ATOM   211  C C   . SER A 1 27  ? -5.446  -6.042  -3.436  1.00 15.75 ? 27   SER A C   1 
ATOM   212  O O   . SER A 1 27  ? -5.166  -7.212  -3.826  1.00 16.24 ? 27   SER A O   1 
ATOM   213  C CB  . SER A 1 27  ? -7.735  -5.066  -3.501  1.00 16.97 ? 27   SER A CB  1 
ATOM   214  O OG  . SER A 1 27  ? -8.331  -6.355  -3.515  1.00 19.18 ? 27   SER A OG  1 
ATOM   215  N N   . LEU A 1 28  ? -4.980  -5.500  -2.299  1.00 14.27 ? 28   LEU A N   1 
ATOM   216  C CA  . LEU A 1 28  ? -4.239  -6.236  -1.318  1.00 15.60 ? 28   LEU A CA  1 
ATOM   217  C C   . LEU A 1 28  ? -4.824  -5.956  0.070   1.00 14.86 ? 28   LEU A C   1 
ATOM   218  O O   . LEU A 1 28  ? -5.311  -4.854  0.318   1.00 16.25 ? 28   LEU A O   1 
ATOM   219  C CB  . LEU A 1 28  ? -2.772  -5.735  -1.345  1.00 14.62 ? 28   LEU A CB  1 
ATOM   220  C CG  . LEU A 1 28  ? -1.968  -6.204  -2.539  1.00 15.47 ? 28   LEU A CG  1 
ATOM   221  C CD1 . LEU A 1 28  ? -0.823  -5.258  -2.768  1.00 16.47 ? 28   LEU A CD1 1 
ATOM   222  C CD2 . LEU A 1 28  ? -1.486  -7.613  -2.173  1.00 14.83 ? 28   LEU A CD2 1 
ATOM   223  N N   . LYS A 1 29  ? -4.758  -6.928  0.962   1.00 14.69 ? 29   LYS A N   1 
ATOM   224  C CA  . LYS A 1 29  ? -5.218  -6.751  2.355   1.00 16.74 ? 29   LYS A CA  1 
ATOM   225  C C   . LYS A 1 29  ? -4.068  -6.411  3.277   1.00 15.92 ? 29   LYS A C   1 
ATOM   226  O O   . LYS A 1 29  ? -2.992  -7.003  3.180   1.00 16.54 ? 29   LYS A O   1 
ATOM   227  C CB  . LYS A 1 29  ? -5.906  -8.027  2.862   1.00 18.28 ? 29   LYS A CB  1 
ATOM   228  C CG  . LYS A 1 29  ? -7.313  -8.193  2.261   1.00 23.36 ? 29   LYS A CG  1 
ATOM   229  C CD  . LYS A 1 29  ? -7.991  -9.447  2.794   1.00 29.94 ? 29   LYS A CD  1 
ATOM   230  C CE  . LYS A 1 29  ? -8.829  -10.129 1.718   1.00 31.93 ? 29   LYS A CE  1 
ATOM   231  N NZ  . LYS A 1 29  ? -8.238  -11.481 1.404   1.00 37.81 ? 29   LYS A NZ  1 
ATOM   232  N N   . VAL A 1 30  ? -4.289  -5.474  4.209   1.00 14.83 ? 30   VAL A N   1 
ATOM   233  C CA  . VAL A 1 30  ? -3.290  -5.178  5.235   1.00 15.20 ? 30   VAL A CA  1 
ATOM   234  C C   . VAL A 1 30  ? -3.463  -6.159  6.423   1.00 13.79 ? 30   VAL A C   1 
ATOM   235  O O   . VAL A 1 30  ? -4.607  -6.428  6.861   1.00 14.84 ? 30   VAL A O   1 
ATOM   236  C CB  . VAL A 1 30  ? -3.490  -3.705  5.727   1.00 15.60 ? 30   VAL A CB  1 
ATOM   237  C CG1 . VAL A 1 30  ? -2.709  -3.424  7.013   1.00 18.08 ? 30   VAL A CG1 1 
ATOM   238  C CG2 . VAL A 1 30  ? -3.088  -2.738  4.630   1.00 18.16 ? 30   VAL A CG2 1 
ATOM   239  N N   . LEU A 1 31  ? -2.356  -6.654  6.957   1.00 12.72 ? 31   LEU A N   1 
ATOM   240  C CA  . LEU A 1 31  ? -2.367  -7.468  8.162   1.00 13.17 ? 31   LEU A CA  1 
ATOM   241  C C   . LEU A 1 31  ? -2.320  -6.607  9.435   1.00 14.20 ? 31   LEU A C   1 
ATOM   242  O O   . LEU A 1 31  ? -3.077  -6.836  10.418  1.00 14.88 ? 31   LEU A O   1 
ATOM   243  C CB  . LEU A 1 31  ? -1.173  -8.450  8.130   1.00 14.55 ? 31   LEU A CB  1 
ATOM   244  C CG  . LEU A 1 31  ? -1.319  -9.571  7.093   1.00 14.02 ? 31   LEU A CG  1 
ATOM   245  C CD1 . LEU A 1 31  ? -0.035  -10.362 7.106   1.00 16.91 ? 31   LEU A CD1 1 
ATOM   246  C CD2 . LEU A 1 31  ? -2.473  -10.478 7.430   1.00 17.24 ? 31   LEU A CD2 1 
ATOM   247  N N   . SER A 1 32  ? -1.427  -5.632  9.419   1.00 12.98 ? 32   SER A N   1 
ATOM   248  C CA  . SER A 1 32  ? -1.251  -4.715  10.541  1.00 12.29 ? 32   SER A CA  1 
ATOM   249  C C   . SER A 1 32  ? -0.572  -3.436  10.066  1.00 11.39 ? 32   SER A C   1 
ATOM   250  O O   . SER A 1 32  ? 0.001   -3.355  8.969   1.00 11.56 ? 32   SER A O   1 
ATOM   251  C CB  . SER A 1 32  ? -0.359  -5.305  11.656  1.00 13.38 ? 32   SER A CB  1 
ATOM   252  O OG  . SER A 1 32  ? 0.971   -5.485  11.184  1.00 14.49 ? 32   SER A OG  1 
ATOM   253  N N   . GLY A 1 33  ? -0.658  -2.445  10.934  1.00 13.46 ? 33   GLY A N   1 
ATOM   254  C CA  . GLY A 1 33  ? 0.241   -1.304  10.747  1.00 13.39 ? 33   GLY A CA  1 
ATOM   255  C C   . GLY A 1 33  ? 0.094   -0.305  11.859  1.00 14.77 ? 33   GLY A C   1 
ATOM   256  O O   . GLY A 1 33  ? -0.790  -0.438  12.733  1.00 14.19 ? 33   GLY A O   1 
ATOM   257  N N   . SER A 1 34  ? 0.968   0.703   11.862  1.00 14.96 ? 34   SER A N   1 
ATOM   258  C CA  . SER A 1 34  ? 0.771   1.765   12.846  1.00 15.21 ? 34   SER A CA  1 
ATOM   259  C C   . SER A 1 34  ? 1.295   3.080   12.354  1.00 15.47 ? 34   SER A C   1 
ATOM   260  O O   . SER A 1 34  ? 2.086   3.135   11.396  1.00 15.06 ? 34   SER A O   1 
ATOM   261  C CB  . SER A 1 34  ? 1.442   1.422   14.153  1.00 16.54 ? 34   SER A CB  1 
ATOM   262  O OG  . SER A 1 34  ? 2.793   1.170   13.907  1.00 18.19 ? 34   SER A OG  1 
ATOM   263  N N   . VAL A 1 35  ? 0.870   4.143   13.022  1.00 15.16 ? 35   VAL A N   1 
ATOM   264  C CA  . VAL A 1 35  ? 1.371   5.489   12.715  1.00 16.11 ? 35   VAL A CA  1 
ATOM   265  C C   . VAL A 1 35  ? 1.735   6.129   14.045  1.00 17.22 ? 35   VAL A C   1 
ATOM   266  O O   . VAL A 1 35  ? 0.925   6.055   15.000  1.00 15.47 ? 35   VAL A O   1 
ATOM   267  C CB  . VAL A 1 35  ? 0.301   6.350   12.013  1.00 17.63 ? 35   VAL A CB  1 
ATOM   268  C CG1 . VAL A 1 35  ? 0.886   7.728   11.652  1.00 16.76 ? 35   VAL A CG1 1 
ATOM   269  C CG2 . VAL A 1 35  ? -0.193  5.660   10.768  1.00 18.33 ? 35   VAL A CG2 1 
ATOM   270  N N   . GLU A 1 36  ? 2.920   6.736   14.126  1.00 18.22 ? 36   GLU A N   1 
ATOM   271  C CA  . GLU A 1 36  ? 3.243   7.565   15.294  1.00 21.85 ? 36   GLU A CA  1 
ATOM   272  C C   . GLU A 1 36  ? 3.091   9.028   14.902  1.00 23.34 ? 36   GLU A C   1 
ATOM   273  O O   . GLU A 1 36  ? 3.472   9.424   13.784  1.00 23.44 ? 36   GLU A O   1 
ATOM   274  C CB  . GLU A 1 36  ? 4.643   7.278   15.840  1.00 22.75 ? 36   GLU A CB  1 
ATOM   275  C CG  . GLU A 1 36  ? 5.013   8.122   17.069  1.00 27.97 ? 36   GLU A CG  1 
ATOM   276  C CD  . GLU A 1 36  ? 6.401   7.804   17.609  1.00 35.39 ? 36   GLU A CD  1 
ATOM   277  O OE1 . GLU A 1 36  ? 6.620   7.915   18.845  1.00 40.16 ? 36   GLU A OE1 1 
ATOM   278  O OE2 . GLU A 1 36  ? 7.291   7.449   16.803  1.00 40.09 ? 36   GLU A OE2 1 
ATOM   279  N N   . THR A 1 37  ? 2.487   9.810   15.803  1.00 25.08 ? 37   THR A N   1 
ATOM   280  C CA  . THR A 1 37  ? 2.319   11.242  15.575  1.00 27.96 ? 37   THR A CA  1 
ATOM   281  C C   . THR A 1 37  ? 3.090   12.041  16.627  1.00 29.68 ? 37   THR A C   1 
ATOM   282  O O   . THR A 1 37  ? 3.280   11.594  17.769  1.00 30.38 ? 37   THR A O   1 
ATOM   283  C CB  . THR A 1 37  ? 0.829   11.660  15.489  1.00 27.09 ? 37   THR A CB  1 
ATOM   284  O OG1 . THR A 1 37  ? 0.124   11.238  16.662  1.00 29.81 ? 37   THR A OG1 1 
ATOM   285  C CG2 . THR A 1 37  ? 0.097   10.912  14.363  1.00 28.71 ? 37   THR A CG2 1 
ATOM   286  N N   . ASP A 1 38  ? 3.588   13.204  16.229  1.00 31.21 ? 38   ASP A N   1 
ATOM   287  C CA  . ASP A 1 38  ? 4.313   14.032  17.184  1.00 32.23 ? 38   ASP A CA  1 
ATOM   288  C C   . ASP A 1 38  ? 3.335   14.795  18.097  1.00 33.47 ? 38   ASP A C   1 
ATOM   289  O O   . ASP A 1 38  ? 2.104   14.639  18.004  1.00 32.88 ? 38   ASP A O   1 
ATOM   290  C CB  . ASP A 1 38  ? 5.281   14.981  16.470  1.00 32.42 ? 38   ASP A CB  1 
ATOM   291  C CG  . ASP A 1 38  ? 4.581   15.954  15.555  1.00 32.04 ? 38   ASP A CG  1 
ATOM   292  O OD1 . ASP A 1 38  ? 3.347   16.132  15.687  1.00 33.15 ? 38   ASP A OD1 1 
ATOM   293  O OD2 . ASP A 1 38  ? 5.188   16.588  14.660  1.00 33.23 ? 38   ASP A OD2 1 
ATOM   294  N N   . GLU A 1 39  ? 3.894   15.646  18.960  1.00 34.73 ? 39   GLU A N   1 
ATOM   295  C CA  . GLU A 1 39  ? 3.076   16.411  19.901  1.00 35.73 ? 39   GLU A CA  1 
ATOM   296  C C   . GLU A 1 39  ? 2.040   17.259  19.172  1.00 35.64 ? 39   GLU A C   1 
ATOM   297  O O   . GLU A 1 39  ? 0.914   17.411  19.656  1.00 36.96 ? 39   GLU A O   1 
ATOM   298  C CB  . GLU A 1 39  ? 3.948   17.252  20.838  1.00 36.22 ? 39   GLU A CB  1 
ATOM   299  C CG  . GLU A 1 39  ? 4.843   16.434  21.767  1.00 39.25 ? 39   GLU A CG  1 
ATOM   300  C CD  . GLU A 1 39  ? 4.344   15.012  22.016  1.00 44.67 ? 39   GLU A CD  1 
ATOM   301  O OE1 . GLU A 1 39  ? 4.915   14.067  21.423  1.00 47.63 ? 39   GLU A OE1 1 
ATOM   302  O OE2 . GLU A 1 39  ? 3.386   14.830  22.804  1.00 46.07 ? 39   GLU A OE2 1 
ATOM   303  N N   . ALA A 1 40  ? 2.407   17.764  17.991  1.00 35.32 ? 40   ALA A N   1 
ATOM   304  C CA  . ALA A 1 40  ? 1.487   18.508  17.105  1.00 34.61 ? 40   ALA A CA  1 
ATOM   305  C C   . ALA A 1 40  ? 0.479   17.646  16.324  1.00 34.54 ? 40   ALA A C   1 
ATOM   306  O O   . ALA A 1 40  ? -0.333  18.190  15.564  1.00 34.76 ? 40   ALA A O   1 
ATOM   307  C CB  . ALA A 1 40  ? 2.284   19.383  16.123  1.00 34.97 ? 40   ALA A CB  1 
ATOM   308  N N   . GLY A 1 41  ? 0.560   16.319  16.457  1.00 33.17 ? 41   GLY A N   1 
ATOM   309  C CA  . GLY A 1 41  ? -0.358  15.414  15.776  1.00 31.48 ? 41   GLY A CA  1 
ATOM   310  C C   . GLY A 1 41  ? -0.060  15.208  14.302  1.00 30.11 ? 41   GLY A C   1 
ATOM   311  O O   . GLY A 1 41  ? -0.926  14.778  13.522  1.00 30.10 ? 41   GLY A O   1 
ATOM   312  N N   . ARG A 1 42  ? 1.173   15.499  13.915  1.00 28.33 ? 42   ARG A N   1 
ATOM   313  C CA  . ARG A 1 42  ? 1.623   15.241  12.556  1.00 26.92 ? 42   ARG A CA  1 
ATOM   314  C C   . ARG A 1 42  ? 2.190   13.830  12.512  1.00 24.27 ? 42   ARG A C   1 
ATOM   315  O O   . ARG A 1 42  ? 2.968   13.445  13.380  1.00 23.75 ? 42   ARG A O   1 
ATOM   316  C CB  . ARG A 1 42  ? 2.701   16.258  12.145  1.00 27.83 ? 42   ARG A CB  1 
ATOM   317  C CG  . ARG A 1 42  ? 2.212   17.705  11.985  1.00 30.49 ? 42   ARG A CG  1 
ATOM   318  C CD  . ARG A 1 42  ? 2.499   18.245  10.609  1.00 36.55 ? 42   ARG A CD  1 
ATOM   319  N NE  . ARG A 1 42  ? 2.929   19.638  10.518  1.00 41.12 ? 42   ARG A NE  1 
ATOM   320  C CZ  . ARG A 1 42  ? 2.312   20.566  9.772   1.00 41.63 ? 42   ARG A CZ  1 
ATOM   321  N NH1 . ARG A 1 42  ? 2.795   21.804  9.722   1.00 40.60 ? 42   ARG A NH1 1 
ATOM   322  N NH2 . ARG A 1 42  ? 1.214   20.261  9.078   1.00 41.31 ? 42   ARG A NH2 1 
ATOM   323  N N   . PRO A 1 43  ? 1.846   13.048  11.496  1.00 23.04 ? 43   PRO A N   1 
ATOM   324  C CA  . PRO A 1 43  ? 2.462   11.717  11.394  1.00 22.18 ? 43   PRO A CA  1 
ATOM   325  C C   . PRO A 1 43  ? 3.994   11.832  11.236  1.00 22.67 ? 43   PRO A C   1 
ATOM   326  O O   . PRO A 1 43  ? 4.447   12.617  10.413  1.00 22.16 ? 43   PRO A O   1 
ATOM   327  C CB  . PRO A 1 43  ? 1.811   11.089  10.144  1.00 22.71 ? 43   PRO A CB  1 
ATOM   328  C CG  . PRO A 1 43  ? 1.015   12.188  9.441   1.00 24.44 ? 43   PRO A CG  1 
ATOM   329  C CD  . PRO A 1 43  ? 0.877   13.338  10.426  1.00 22.44 ? 43   PRO A CD  1 
ATOM   330  N N   . ILE A 1 44  ? 4.757   11.104  12.051  1.00 21.73 ? 44   ILE A N   1 
ATOM   331  C CA  . ILE A 1 44  ? 6.218   11.032  11.964  1.00 22.73 ? 44   ILE A CA  1 
ATOM   332  C C   . ILE A 1 44  ? 6.808   9.689   11.541  1.00 21.83 ? 44   ILE A C   1 
ATOM   333  O O   . ILE A 1 44  ? 7.915   9.647   10.985  1.00 22.01 ? 44   ILE A O   1 
ATOM   334  C CB  . ILE A 1 44  ? 6.851   11.453  13.282  1.00 23.00 ? 44   ILE A CB  1 
ATOM   335  C CG1 . ILE A 1 44  ? 6.650   12.957  13.517  1.00 25.36 ? 44   ILE A CG1 1 
ATOM   336  C CG2 . ILE A 1 44  ? 8.325   11.028  13.342  1.00 26.10 ? 44   ILE A CG2 1 
ATOM   337  C CD1 . ILE A 1 44  ? 6.996   13.852  12.374  1.00 31.61 ? 44   ILE A CD1 1 
ATOM   338  N N   . GLN A 1 45  ? 6.121   8.596   11.860  1.00 20.62 ? 45   GLN A N   1 
ATOM   339  C CA  . GLN A 1 45  ? 6.603   7.267   11.452  1.00 19.43 ? 45   GLN A CA  1 
ATOM   340  C C   . GLN A 1 45  ? 5.375   6.441   11.072  1.00 17.73 ? 45   GLN A C   1 
ATOM   341  O O   . GLN A 1 45  ? 4.334   6.562   11.712  1.00 16.25 ? 45   GLN A O   1 
ATOM   342  C CB  . GLN A 1 45  ? 7.465   6.609   12.541  1.00 21.68 ? 45   GLN A CB  1 
ATOM   343  C CG  . GLN A 1 45  ? 7.436   5.062   12.694  1.00 26.72 ? 45   GLN A CG  1 
ATOM   344  C CD  . GLN A 1 45  ? 8.114   4.196   11.611  1.00 33.22 ? 45   GLN A CD  1 
ATOM   345  O OE1 . GLN A 1 45  ? 8.986   4.638   10.828  1.00 34.11 ? 45   GLN A OE1 1 
ATOM   346  N NE2 . GLN A 1 45  ? 7.719   2.918   11.595  1.00 31.60 ? 45   GLN A NE2 1 
ATOM   347  N N   . VAL A 1 46  ? 5.502   5.644   10.012  1.00 15.35 ? 46   VAL A N   1 
ATOM   348  C CA  . VAL A 1 46  ? 4.397   4.757   9.640   1.00 15.27 ? 46   VAL A CA  1 
ATOM   349  C C   . VAL A 1 46  ? 4.942   3.439   9.149   1.00 14.61 ? 46   VAL A C   1 
ATOM   350  O O   . VAL A 1 46  ? 5.960   3.409   8.520   1.00 14.43 ? 46   VAL A O   1 
ATOM   351  C CB  . VAL A 1 46  ? 3.229   5.415   8.780   1.00 17.91 ? 46   VAL A CB  1 
ATOM   352  C CG1 . VAL A 1 46  ? 3.347   6.898   8.462   1.00 18.41 ? 46   VAL A CG1 1 
ATOM   353  C CG2 . VAL A 1 46  ? 2.521   4.525   7.765   1.00 16.71 ? 46   VAL A CG2 1 
ATOM   354  N N   . GLU A 1 47  ? 4.287   2.347   9.508   1.00 13.65 ? 47   GLU A N   1 
ATOM   355  C CA  . GLU A 1 47  ? 4.726   1.018   9.024   1.00 14.01 ? 47   GLU A CA  1 
ATOM   356  C C   . GLU A 1 47  ? 3.489   0.198   8.727   1.00 14.36 ? 47   GLU A C   1 
ATOM   357  O O   . GLU A 1 47  ? 2.445   0.383   9.372   1.00 14.25 ? 47   GLU A O   1 
ATOM   358  C CB  . GLU A 1 47  ? 5.628   0.269   10.040  1.00 14.91 ? 47   GLU A CB  1 
ATOM   359  C CG  . GLU A 1 47  ? 5.094   0.092   11.478  1.00 18.16 ? 47   GLU A CG  1 
ATOM   360  C CD  . GLU A 1 47  ? 4.177   -1.108  11.654  1.00 23.86 ? 47   GLU A CD  1 
ATOM   361  O OE1 . GLU A 1 47  ? 4.232   -2.041  10.827  1.00 27.46 ? 47   GLU A OE1 1 
ATOM   362  O OE2 . GLU A 1 47  ? 3.391   -1.142  12.645  1.00 27.09 ? 47   GLU A OE2 1 
ATOM   363  N N   . ALA A 1 48  ? 3.595   -0.692  7.734   1.00 14.36 ? 48   ALA A N   1 
ATOM   364  C CA  . ALA A 1 48  ? 2.474   -1.615  7.497   1.00 13.82 ? 48   ALA A CA  1 
ATOM   365  C C   . ALA A 1 48  ? 2.984   -2.939  6.998   1.00 14.41 ? 48   ALA A C   1 
ATOM   366  O O   . ALA A 1 48  ? 4.048   -3.016  6.407   1.00 14.75 ? 48   ALA A O   1 
ATOM   367  C CB  . ALA A 1 48  ? 1.450   -1.012  6.480   1.00 12.78 ? 48   ALA A CB  1 
ATOM   368  N N   . VAL A 1 49  ? 2.220   -3.993  7.290   1.00 11.77 ? 49   VAL A N   1 
ATOM   369  C CA  . VAL A 1 49  ? 2.491   -5.350  6.793   1.00 12.43 ? 49   VAL A CA  1 
ATOM   370  C C   . VAL A 1 49  ? 1.260   -5.773  5.980   1.00 12.12 ? 49   VAL A C   1 
ATOM   371  O O   . VAL A 1 49  ? 0.113   -5.653  6.438   1.00 12.79 ? 49   VAL A O   1 
ATOM   372  C CB  . VAL A 1 49  ? 2.709   -6.308  7.929   1.00 12.24 ? 49   VAL A CB  1 
ATOM   373  C CG1 . VAL A 1 49  ? 3.000   -7.769  7.376   1.00 13.51 ? 49   VAL A CG1 1 
ATOM   374  C CG2 . VAL A 1 49  ? 3.846   -5.814  8.818   1.00 14.41 ? 49   VAL A CG2 1 
ATOM   375  N N   . ILE A 1 50  ? 1.523   -6.228  4.772   1.00 12.23 ? 50   ILE A N   1 
ATOM   376  C CA  . ILE A 1 50  ? 0.478   -6.566  3.818   1.00 12.54 ? 50   ILE A CA  1 
ATOM   377  C C   . ILE A 1 50  ? 0.519   -8.067  3.544   1.00 12.57 ? 50   ILE A C   1 
ATOM   378  O O   . ILE A 1 50  ? 1.587   -8.680  3.467   1.00 13.54 ? 50   ILE A O   1 
ATOM   379  C CB  . ILE A 1 50  ? 0.661   -5.722  2.487   1.00 13.08 ? 50   ILE A CB  1 
ATOM   380  C CG1 . ILE A 1 50  ? 0.325   -4.250  2.728   1.00 14.74 ? 50   ILE A CG1 1 
ATOM   381  C CG2 . ILE A 1 50  ? -0.129  -6.333  1.297   1.00 13.55 ? 50   ILE A CG2 1 
ATOM   382  C CD1 . ILE A 1 50  ? 1.137   -3.317  1.814   1.00 19.10 ? 50   ILE A CD1 1 
ATOM   383  N N   . ASP A 1 51  ? -0.655  -8.682  3.422   1.00 12.78 ? 51   ASP A N   1 
ATOM   384  C CA  . ASP A 1 51  ? -0.707  -10.109 3.094   1.00 13.74 ? 51   ASP A CA  1 
ATOM   385  C C   . ASP A 1 51  ? -0.499  -10.356 1.586   1.00 12.62 ? 51   ASP A C   1 
ATOM   386  O O   . ASP A 1 51  ? -1.394  -10.075 0.743   1.00 13.39 ? 51   ASP A O   1 
ATOM   387  C CB  . ASP A 1 51  ? -2.091  -10.615 3.551   1.00 14.86 ? 51   ASP A CB  1 
ATOM   388  C CG  . ASP A 1 51  ? -2.312  -12.063 3.267   1.00 21.11 ? 51   ASP A CG  1 
ATOM   389  O OD1 . ASP A 1 51  ? -3.397  -12.547 3.703   1.00 21.75 ? 51   ASP A OD1 1 
ATOM   390  O OD2 . ASP A 1 51  ? -1.466  -12.765 2.638   1.00 20.27 ? 51   ASP A OD2 1 
ATOM   391  N N   . ALA A 1 52  ? 0.687   -10.870 1.211   1.00 13.50 ? 52   ALA A N   1 
ATOM   392  C CA  . ALA A 1 52  ? 0.978   -11.051 -0.207  1.00 14.74 ? 52   ALA A CA  1 
ATOM   393  C C   . ALA A 1 52  ? -0.001  -12.012 -0.867  1.00 14.74 ? 52   ALA A C   1 
ATOM   394  O O   . ALA A 1 52  ? -0.343  -11.840 -2.023  1.00 15.64 ? 52   ALA A O   1 
ATOM   395  C CB  . ALA A 1 52  ? 2.427   -11.557 -0.417  1.00 14.36 ? 52   ALA A CB  1 
ATOM   396  N N   . ALA A 1 53  ? -0.430  -13.012 -0.095  1.00 15.49 ? 53   ALA A N   1 
ATOM   397  C CA  . ALA A 1 53  ? -1.314  -14.033 -0.665  1.00 15.82 ? 53   ALA A CA  1 
ATOM   398  C C   . ALA A 1 53  ? -2.722  -13.503 -0.939  1.00 16.46 ? 53   ALA A C   1 
ATOM   399  O O   . ALA A 1 53  ? -3.546  -14.203 -1.580  1.00 16.80 ? 53   ALA A O   1 
ATOM   400  C CB  . ALA A 1 53  ? -1.330  -15.272 0.223   1.00 15.69 ? 53   ALA A CB  1 
ATOM   401  N N   . SER A 1 54  ? -3.003  -12.274 -0.479  1.00 16.29 ? 54   SER A N   1 
ATOM   402  C CA  . SER A 1 54  ? -4.340  -11.674 -0.586  1.00 16.38 ? 54   SER A CA  1 
ATOM   403  C C   . SER A 1 54  ? -4.548  -10.994 -1.935  1.00 16.07 ? 54   SER A C   1 
ATOM   404  O O   . SER A 1 54  ? -5.682  -10.577 -2.257  1.00 17.11 ? 54   SER A O   1 
ATOM   405  C CB  . SER A 1 54  ? -4.615  -10.679 0.581   1.00 17.48 ? 54   SER A CB  1 
ATOM   406  O OG  . SER A 1 54  ? -3.901  -9.450  0.380   1.00 18.21 ? 54   SER A OG  1 
ATOM   407  N N   . ILE A 1 55  ? -3.491  -10.910 -2.756  1.00 15.48 ? 55   ILE A N   1 
ATOM   408  C CA  . ILE A 1 55  ? -3.610  -10.172 -4.031  1.00 16.17 ? 55   ILE A CA  1 
ATOM   409  C C   . ILE A 1 55  ? -4.783  -10.709 -4.845  1.00 18.04 ? 55   ILE A C   1 
ATOM   410  O O   . ILE A 1 55  ? -4.925  -11.904 -5.022  1.00 19.39 ? 55   ILE A O   1 
ATOM   411  C CB  . ILE A 1 55  ? -2.280  -10.200 -4.843  1.00 16.61 ? 55   ILE A CB  1 
ATOM   412  C CG1 . ILE A 1 55  ? -2.338  -9.194  -5.981  1.00 16.85 ? 55   ILE A CG1 1 
ATOM   413  C CG2 . ILE A 1 55  ? -1.868  -11.644 -5.299  1.00 17.05 ? 55   ILE A CG2 1 
ATOM   414  C CD1 . ILE A 1 55  ? -0.936  -8.776  -6.469  1.00 16.12 ? 55   ILE A CD1 1 
ATOM   415  N N   . ALA A 1 56  ? -5.604  -9.802  -5.353  1.00 18.57 ? 56   ALA A N   1 
ATOM   416  C CA  . ALA A 1 56  ? -6.874  -10.196 -5.966  1.00 20.03 ? 56   ALA A CA  1 
ATOM   417  C C   . ALA A 1 56  ? -7.176  -9.266  -7.098  1.00 19.64 ? 56   ALA A C   1 
ATOM   418  O O   . ALA A 1 56  ? -7.162  -8.031  -6.932  1.00 19.10 ? 56   ALA A O   1 
ATOM   419  C CB  . ALA A 1 56  ? -7.995  -10.167 -4.913  1.00 20.26 ? 56   ALA A CB  1 
ATOM   420  N N   . THR A 1 57  ? -7.412  -9.845  -8.280  1.00 19.92 ? 57   THR A N   1 
ATOM   421  C CA  . THR A 1 57  ? -7.707  -9.060  -9.475  1.00 21.68 ? 57   THR A CA  1 
ATOM   422  C C   . THR A 1 57  ? -8.998  -9.536  -10.142 1.00 22.66 ? 57   THR A C   1 
ATOM   423  O O   . THR A 1 57  ? -9.327  -9.071  -11.221 1.00 25.09 ? 57   THR A O   1 
ATOM   424  C CB  . THR A 1 57  ? -6.585  -9.089  -10.529 1.00 21.84 ? 57   THR A CB  1 
ATOM   425  O OG1 . THR A 1 57  ? -6.369  -10.443 -10.989 1.00 22.44 ? 57   THR A OG1 1 
ATOM   426  C CG2 . THR A 1 57  ? -5.243  -8.636  -9.953  1.00 20.69 ? 57   THR A CG2 1 
ATOM   427  N N   . GLY A 1 58  ? -9.681  -10.471 -9.501  1.00 24.16 ? 58   GLY A N   1 
ATOM   428  C CA  . GLY A 1 58  ? -10.989 -10.913 -9.949  1.00 24.86 ? 58   GLY A CA  1 
ATOM   429  C C   . GLY A 1 58  ? -10.988 -12.030 -10.963 1.00 25.69 ? 58   GLY A C   1 
ATOM   430  O O   . GLY A 1 58  ? -12.033 -12.293 -11.593 1.00 28.23 ? 58   GLY A O   1 
ATOM   431  N N   . GLU A 1 59  ? -9.835  -12.667 -11.171 1.00 24.46 ? 59   GLU A N   1 
ATOM   432  C CA  . GLU A 1 59  ? -9.779  -13.906 -11.949 1.00 23.59 ? 59   GLU A CA  1 
ATOM   433  C C   . GLU A 1 59  ? -8.852  -14.928 -11.256 1.00 23.42 ? 59   GLU A C   1 
ATOM   434  O O   . GLU A 1 59  ? -7.664  -14.699 -11.085 1.00 20.72 ? 59   GLU A O   1 
ATOM   435  C CB  . GLU A 1 59  ? -9.423  -13.623 -13.421 1.00 24.44 ? 59   GLU A CB  1 
ATOM   436  C CG  . GLU A 1 59  ? -9.813  -14.772 -14.364 1.00 27.45 ? 59   GLU A CG  1 
ATOM   437  C CD  . GLU A 1 59  ? -8.914  -15.987 -14.194 1.00 30.56 ? 59   GLU A CD  1 
ATOM   438  O OE1 . GLU A 1 59  ? -7.679  -15.834 -14.377 1.00 32.37 ? 59   GLU A OE1 1 
ATOM   439  O OE2 . GLU A 1 59  ? -9.423  -17.089 -13.870 1.00 32.60 ? 59   GLU A OE2 1 
ATOM   440  N N   . PRO A 1 60  ? -9.405  -16.046 -10.806 1.00 23.32 ? 60   PRO A N   1 
ATOM   441  C CA  . PRO A 1 60  ? -8.624  -16.965 -9.966  1.00 23.94 ? 60   PRO A CA  1 
ATOM   442  C C   . PRO A 1 60  ? -7.343  -17.496 -10.601 1.00 22.62 ? 60   PRO A C   1 
ATOM   443  O O   . PRO A 1 60  ? -6.375  -17.682 -9.894  1.00 22.99 ? 60   PRO A O   1 
ATOM   444  C CB  . PRO A 1 60  ? -9.600  -18.117 -9.692  1.00 23.81 ? 60   PRO A CB  1 
ATOM   445  C CG  . PRO A 1 60  ? -10.670 -17.966 -10.716 1.00 24.77 ? 60   PRO A CG  1 
ATOM   446  C CD  . PRO A 1 60  ? -10.812 -16.492 -10.967 1.00 24.15 ? 60   PRO A CD  1 
ATOM   447  N N   . GLN A 1 61  ? -7.337  -17.760 -11.900 1.00 23.16 ? 61   GLN A N   1 
ATOM   448  C CA  . GLN A 1 61  ? -6.133  -18.301 -12.537 1.00 23.74 ? 61   GLN A CA  1 
ATOM   449  C C   . GLN A 1 61  ? -5.065  -17.233 -12.570 1.00 22.41 ? 61   GLN A C   1 
ATOM   450  O O   . GLN A 1 61  ? -3.902  -17.502 -12.228 1.00 21.74 ? 61   GLN A O   1 
ATOM   451  C CB  . GLN A 1 61  ? -6.423  -18.838 -13.936 1.00 24.96 ? 61   GLN A CB  1 
ATOM   452  C CG  . GLN A 1 61  ? -7.094  -20.203 -13.901 1.00 31.16 ? 61   GLN A CG  1 
ATOM   453  C CD  . GLN A 1 61  ? -7.370  -20.777 -15.276 1.00 37.51 ? 61   GLN A CD  1 
ATOM   454  O OE1 . GLN A 1 61  ? -7.049  -20.164 -16.299 1.00 41.25 ? 61   GLN A OE1 1 
ATOM   455  N NE2 . GLN A 1 61  ? -7.996  -21.960 -15.305 1.00 40.59 ? 61   GLN A NE2 1 
ATOM   456  N N   . ARG A 1 62  ? -5.462  -16.000 -12.900 1.00 20.97 ? 62   ARG A N   1 
ATOM   457  C CA  . ARG A 1 62  ? -4.490  -14.900 -12.910 1.00 18.83 ? 62   ARG A CA  1 
ATOM   458  C C   . ARG A 1 62  ? -3.937  -14.657 -11.499 1.00 18.69 ? 62   ARG A C   1 
ATOM   459  O O   . ARG A 1 62  ? -2.723  -14.467 -11.324 1.00 17.60 ? 62   ARG A O   1 
ATOM   460  C CB  . ARG A 1 62  ? -5.122  -13.618 -13.462 1.00 18.18 ? 62   ARG A CB  1 
ATOM   461  C CG  . ARG A 1 62  ? -4.253  -12.370 -13.352 1.00 18.26 ? 62   ARG A CG  1 
ATOM   462  C CD  . ARG A 1 62  ? -4.799  -11.209 -14.184 1.00 21.04 ? 62   ARG A CD  1 
ATOM   463  N NE  . ARG A 1 62  ? -6.105  -10.783 -13.716 1.00 22.53 ? 62   ARG A NE  1 
ATOM   464  C CZ  . ARG A 1 62  ? -7.197  -10.733 -14.464 1.00 24.28 ? 62   ARG A CZ  1 
ATOM   465  N NH1 . ARG A 1 62  ? -8.333  -10.328 -13.927 1.00 20.93 ? 62   ARG A NH1 1 
ATOM   466  N NH2 . ARG A 1 62  ? -7.166  -11.091 -15.748 1.00 24.80 ? 62   ARG A NH2 1 
ATOM   467  N N   . ASP A 1 63  ? -4.828  -14.638 -10.505 1.00 17.44 ? 63   ASP A N   1 
ATOM   468  C CA  . ASP A 1 63  ? -4.414  -14.501 -9.099  1.00 17.26 ? 63   ASP A CA  1 
ATOM   469  C C   . ASP A 1 63  ? -3.504  -15.630 -8.633  1.00 17.46 ? 63   ASP A C   1 
ATOM   470  O O   . ASP A 1 63  ? -2.525  -15.368 -7.937  1.00 16.90 ? 63   ASP A O   1 
ATOM   471  C CB  . ASP A 1 63  ? -5.623  -14.319 -8.187  1.00 17.41 ? 63   ASP A CB  1 
ATOM   472  C CG  . ASP A 1 63  ? -6.365  -13.033 -8.488  1.00 20.52 ? 63   ASP A CG  1 
ATOM   473  O OD1 . ASP A 1 63  ? -5.810  -12.173 -9.205  1.00 24.64 ? 63   ASP A OD1 1 
ATOM   474  O OD2 . ASP A 1 63  ? -7.489  -12.828 -8.054  1.00 23.16 ? 63   ASP A OD2 1 
ATOM   475  N N   . GLY A 1 64  ? -3.801  -16.871 -9.042  1.00 16.36 ? 64   GLY A N   1 
ATOM   476  C CA  . GLY A 1 64  ? -2.844  -17.958 -8.841  1.00 17.64 ? 64   GLY A CA  1 
ATOM   477  C C   . GLY A 1 64  ? -1.461  -17.673 -9.399  1.00 17.17 ? 64   GLY A C   1 
ATOM   478  O O   . GLY A 1 64  ? -0.458  -17.940 -8.729  1.00 16.89 ? 64   GLY A O   1 
ATOM   479  N N   . HIS A 1 65  ? -1.398  -17.134 -10.623 1.00 17.83 ? 65   HIS A N   1 
ATOM   480  C CA  . HIS A 1 65  ? -0.142  -16.824 -11.298 1.00 18.74 ? 65   HIS A CA  1 
ATOM   481  C C   . HIS A 1 65  ? 0.588   -15.730 -10.505 1.00 17.99 ? 65   HIS A C   1 
ATOM   482  O O   . HIS A 1 65  ? 1.793   -15.814 -10.246 1.00 17.71 ? 65   HIS A O   1 
ATOM   483  C CB  . HIS A 1 65  ? -0.494  -16.310 -12.706 1.00 19.82 ? 65   HIS A CB  1 
ATOM   484  C CG  . HIS A 1 65  ? 0.669   -16.116 -13.627 1.00 25.33 ? 65   HIS A CG  1 
ATOM   485  N ND1 . HIS A 1 65  ? 1.949   -16.541 -13.342 1.00 27.90 ? 65   HIS A ND1 1 
ATOM   486  C CD2 . HIS A 1 65  ? 0.719   -15.575 -14.873 1.00 29.82 ? 65   HIS A CD2 1 
ATOM   487  C CE1 . HIS A 1 65  ? 2.745   -16.248 -14.354 1.00 30.34 ? 65   HIS A CE1 1 
ATOM   488  N NE2 . HIS A 1 65  ? 2.023   -15.674 -15.303 1.00 33.70 ? 65   HIS A NE2 1 
ATOM   489  N N   . LEU A 1 66  ? -0.170  -14.719 -10.078 1.00 17.25 ? 66   LEU A N   1 
ATOM   490  C CA  . LEU A 1 66  ? 0.399   -13.635 -9.267  1.00 16.51 ? 66   LEU A CA  1 
ATOM   491  C C   . LEU A 1 66  ? 1.020   -14.128 -7.966  1.00 16.94 ? 66   LEU A C   1 
ATOM   492  O O   . LEU A 1 66  ? 2.053   -13.616 -7.561  1.00 16.48 ? 66   LEU A O   1 
ATOM   493  C CB  . LEU A 1 66  ? -0.646  -12.568 -8.984  1.00 16.04 ? 66   LEU A CB  1 
ATOM   494  C CG  . LEU A 1 66  ? -1.050  -11.783 -10.230 1.00 17.42 ? 66   LEU A CG  1 
ATOM   495  C CD1 . LEU A 1 66  ? -2.187  -10.797 -9.895  1.00 17.07 ? 66   LEU A CD1 1 
ATOM   496  C CD2 . LEU A 1 66  ? 0.183   -11.021 -10.785 1.00 21.61 ? 66   LEU A CD2 1 
ATOM   497  N N   . ARG A 1 67  ? 0.382   -15.111 -7.315  1.00 15.15 ? 67   ARG A N   1 
ATOM   498  C CA  . ARG A 1 67  ? 0.860   -15.633 -6.037  1.00 14.66 ? 67   ARG A CA  1 
ATOM   499  C C   . ARG A 1 67  ? 1.987   -16.654 -6.221  1.00 16.66 ? 67   ARG A C   1 
ATOM   500  O O   . ARG A 1 67  ? 2.702   -16.938 -5.277  1.00 15.45 ? 67   ARG A O   1 
ATOM   501  C CB  . ARG A 1 67  ? -0.269  -16.333 -5.297  1.00 15.64 ? 67   ARG A CB  1 
ATOM   502  C CG  . ARG A 1 67  ? -1.345  -15.420 -4.770  1.00 18.48 ? 67   ARG A CG  1 
ATOM   503  C CD  . ARG A 1 67  ? -2.365  -16.182 -3.969  1.00 25.14 ? 67   ARG A CD  1 
ATOM   504  N NE  . ARG A 1 67  ? -3.690  -15.912 -4.509  1.00 32.35 ? 67   ARG A NE  1 
ATOM   505  C CZ  . ARG A 1 67  ? -4.458  -16.818 -5.111  1.00 30.65 ? 67   ARG A CZ  1 
ATOM   506  N NH1 . ARG A 1 67  ? -4.054  -18.082 -5.239  1.00 36.77 ? 67   ARG A NH1 1 
ATOM   507  N NH2 . ARG A 1 67  ? -5.648  -16.458 -5.567  1.00 33.00 ? 67   ARG A NH2 1 
ATOM   508  N N   . SER A 1 68  ? 2.108   -17.227 -7.424  1.00 17.31 ? 68   SER A N   1 
ATOM   509  C CA  . SER A 1 68  ? 3.018   -18.342 -7.687  1.00 19.11 ? 68   SER A CA  1 
ATOM   510  C C   . SER A 1 68  ? 4.494   -17.999 -7.600  1.00 20.40 ? 68   SER A C   1 
ATOM   511  O O   . SER A 1 68  ? 4.893   -16.841 -7.575  1.00 20.55 ? 68   SER A O   1 
ATOM   512  C CB  . SER A 1 68  ? 2.763   -18.922 -9.088  1.00 17.97 ? 68   SER A CB  1 
ATOM   513  O OG  . SER A 1 68  ? 3.272   -18.056 -10.090 1.00 18.99 ? 68   SER A OG  1 
ATOM   514  N N   . ALA A 1 69  ? 5.303   -19.058 -7.642  1.00 22.48 ? 69   ALA A N   1 
ATOM   515  C CA  . ALA A 1 69  ? 6.746   -18.935 -7.658  1.00 24.23 ? 69   ALA A CA  1 
ATOM   516  C C   . ALA A 1 69  ? 7.234   -18.163 -8.889  1.00 25.35 ? 69   ALA A C   1 
ATOM   517  O O   . ALA A 1 69  ? 8.368   -17.694 -8.915  1.00 27.24 ? 69   ALA A O   1 
ATOM   518  C CB  . ALA A 1 69  ? 7.374   -20.350 -7.568  1.00 24.92 ? 69   ALA A CB  1 
ATOM   519  N N   . ASP A 1 70  ? 6.366   -18.014 -9.894  1.00 25.66 ? 70   ASP A N   1 
ATOM   520  C CA  . ASP A 1 70  ? 6.617   -17.234 -11.108 1.00 26.50 ? 70   ASP A CA  1 
ATOM   521  C C   . ASP A 1 70  ? 6.510   -15.735 -10.901 1.00 25.34 ? 70   ASP A C   1 
ATOM   522  O O   . ASP A 1 70  ? 6.927   -14.938 -11.760 1.00 26.72 ? 70   ASP A O   1 
ATOM   523  C CB  . ASP A 1 70  ? 5.625   -17.617 -12.219 1.00 27.70 ? 70   ASP A CB  1 
ATOM   524  C CG  . ASP A 1 70  ? 6.099   -18.786 -13.039 1.00 32.24 ? 70   ASP A CG  1 
ATOM   525  O OD1 . ASP A 1 70  ? 5.895   -19.937 -12.600 1.00 36.73 ? 70   ASP A OD1 1 
ATOM   526  O OD2 . ASP A 1 70  ? 6.699   -18.640 -14.131 1.00 38.18 ? 70   ASP A OD2 1 
ATOM   527  N N   . PHE A 1 71  ? 5.934   -15.328 -9.775  1.00 23.12 ? 71   PHE A N   1 
ATOM   528  C CA  . PHE A 1 71  ? 5.710   -13.900 -9.534  1.00 21.06 ? 71   PHE A CA  1 
ATOM   529  C C   . PHE A 1 71  ? 5.938   -13.501 -8.069  1.00 19.74 ? 71   PHE A C   1 
ATOM   530  O O   . PHE A 1 71  ? 7.110   -13.428 -7.657  1.00 18.98 ? 71   PHE A O   1 
ATOM   531  C CB  . PHE A 1 71  ? 4.346   -13.459 -10.090 1.00 20.93 ? 71   PHE A CB  1 
ATOM   532  C CG  . PHE A 1 71  ? 4.263   -11.985 -10.324 1.00 22.49 ? 71   PHE A CG  1 
ATOM   533  C CD1 . PHE A 1 71  ? 3.553   -11.180 -9.448  1.00 21.90 ? 71   PHE A CD1 1 
ATOM   534  C CD2 . PHE A 1 71  ? 4.960   -11.388 -11.393 1.00 21.52 ? 71   PHE A CD2 1 
ATOM   535  C CE1 . PHE A 1 71  ? 3.495   -9.797  -9.652  1.00 20.01 ? 71   PHE A CE1 1 
ATOM   536  C CE2 . PHE A 1 71  ? 4.921   -10.005 -11.592 1.00 21.18 ? 71   PHE A CE2 1 
ATOM   537  C CZ  . PHE A 1 71  ? 4.183   -9.216  -10.720 1.00 21.28 ? 71   PHE A CZ  1 
ATOM   538  N N   . LEU A 1 72  ? 4.887   -13.290 -7.264  1.00 17.60 ? 72   LEU A N   1 
ATOM   539  C CA  . LEU A 1 72  ? 5.110   -12.873 -5.866  1.00 17.53 ? 72   LEU A CA  1 
ATOM   540  C C   . LEU A 1 72  ? 5.717   -13.957 -4.975  1.00 17.01 ? 72   LEU A C   1 
ATOM   541  O O   . LEU A 1 72  ? 6.320   -13.668 -3.932  1.00 14.83 ? 72   LEU A O   1 
ATOM   542  C CB  . LEU A 1 72  ? 3.833   -12.405 -5.209  1.00 17.39 ? 72   LEU A CB  1 
ATOM   543  C CG  . LEU A 1 72  ? 3.255   -11.055 -5.686  1.00 18.99 ? 72   LEU A CG  1 
ATOM   544  C CD1 . LEU A 1 72  ? 1.979   -10.792 -4.967  1.00 20.52 ? 72   LEU A CD1 1 
ATOM   545  C CD2 . LEU A 1 72  ? 4.253   -9.863  -5.422  1.00 20.58 ? 72   LEU A CD2 1 
ATOM   546  N N   . HIS A 1 73  ? 5.503   -15.206 -5.358  1.00 16.80 ? 73   HIS A N   1 
ATOM   547  C CA  . HIS A 1 73  ? 5.922   -16.342 -4.548  1.00 17.49 ? 73   HIS A CA  1 
ATOM   548  C C   . HIS A 1 73  ? 5.465   -16.248 -3.103  1.00 16.56 ? 73   HIS A C   1 
ATOM   549  O O   . HIS A 1 73  ? 6.278   -16.305 -2.167  1.00 16.13 ? 73   HIS A O   1 
ATOM   550  C CB  . HIS A 1 73  ? 7.434   -16.485 -4.628  1.00 18.88 ? 73   HIS A CB  1 
ATOM   551  C CG  . HIS A 1 73  ? 7.924   -17.868 -4.380  1.00 22.26 ? 73   HIS A CG  1 
ATOM   552  N ND1 . HIS A 1 73  ? 7.110   -18.904 -3.969  1.00 25.31 ? 73   HIS A ND1 1 
ATOM   553  C CD2 . HIS A 1 73  ? 9.168   -18.378 -4.485  1.00 23.00 ? 73   HIS A CD2 1 
ATOM   554  C CE1 . HIS A 1 73  ? 7.837   -20.001 -3.843  1.00 25.80 ? 73   HIS A CE1 1 
ATOM   555  N NE2 . HIS A 1 73  ? 9.090   -19.701 -4.135  1.00 22.97 ? 73   HIS A NE2 1 
ATOM   556  N N   . ALA A 1 74  ? 4.155   -16.085 -2.937  1.00 15.93 ? 74   ALA A N   1 
ATOM   557  C CA  . ALA A 1 74  ? 3.581   -15.789 -1.619  1.00 15.74 ? 74   ALA A CA  1 
ATOM   558  C C   . ALA A 1 74  ? 3.755   -16.912 -0.611  1.00 16.40 ? 74   ALA A C   1 
ATOM   559  O O   . ALA A 1 74  ? 3.765   -16.660 0.569   1.00 16.77 ? 74   ALA A O   1 
ATOM   560  C CB  . ALA A 1 74  ? 2.083   -15.364 -1.755  1.00 16.48 ? 74   ALA A CB  1 
ATOM   561  N N   . GLU A 1 75  ? 3.908   -18.160 -1.069  1.00 16.82 ? 75   GLU A N   1 
ATOM   562  C CA  . GLU A 1 75  ? 4.253   -19.218 -0.111  1.00 17.87 ? 75   GLU A CA  1 
ATOM   563  C C   . GLU A 1 75  ? 5.613   -19.007 0.579   1.00 17.20 ? 75   GLU A C   1 
ATOM   564  O O   . GLU A 1 75  ? 5.735   -19.236 1.794   1.00 17.63 ? 75   GLU A O   1 
ATOM   565  C CB  . GLU A 1 75  ? 4.179   -20.613 -0.780  1.00 18.82 ? 75   GLU A CB  1 
ATOM   566  C CG  . GLU A 1 75  ? 2.773   -21.194 -0.753  1.00 26.31 ? 75   GLU A CG  1 
ATOM   567  C CD  . GLU A 1 75  ? 2.255   -21.427 0.666   1.00 29.95 ? 75   GLU A CD  1 
ATOM   568  O OE1 . GLU A 1 75  ? 3.021   -21.969 1.510   1.00 32.86 ? 75   GLU A OE1 1 
ATOM   569  O OE2 . GLU A 1 75  ? 1.076   -21.058 0.938   1.00 34.28 ? 75   GLU A OE2 1 
ATOM   570  N N   . GLN A 1 76  ? 6.625   -18.559 -0.176  1.00 15.98 ? 76   GLN A N   1 
ATOM   571  C CA  . GLN A 1 76  ? 7.944   -18.305 0.429   1.00 15.49 ? 76   GLN A CA  1 
ATOM   572  C C   . GLN A 1 76  ? 7.992   -16.933 1.119   1.00 14.76 ? 76   GLN A C   1 
ATOM   573  O O   . GLN A 1 76  ? 8.667   -16.751 2.137   1.00 16.17 ? 76   GLN A O   1 
ATOM   574  C CB  . GLN A 1 76  ? 9.071   -18.394 -0.613  1.00 15.83 ? 76   GLN A CB  1 
ATOM   575  C CG  . GLN A 1 76  ? 10.437  -18.036 -0.022  1.00 18.03 ? 76   GLN A CG  1 
ATOM   576  C CD  . GLN A 1 76  ? 11.632  -18.308 -0.914  1.00 23.69 ? 76   GLN A CD  1 
ATOM   577  O OE1 . GLN A 1 76  ? 12.779  -18.091 -0.489  1.00 29.20 ? 76   GLN A OE1 1 
ATOM   578  N NE2 . GLN A 1 76  ? 11.388  -18.759 -2.146  1.00 25.43 ? 76   GLN A NE2 1 
ATOM   579  N N   . TYR A 1 77  ? 7.269   -15.985 0.539   1.00 13.56 ? 77   TYR A N   1 
ATOM   580  C CA  . TYR A 1 77  ? 7.284   -14.583 1.027   1.00 12.61 ? 77   TYR A CA  1 
ATOM   581  C C   . TYR A 1 77  ? 5.862   -14.121 1.331   1.00 11.65 ? 77   TYR A C   1 
ATOM   582  O O   . TYR A 1 77  ? 5.182   -13.504 0.501   1.00 12.98 ? 77   TYR A O   1 
ATOM   583  C CB  . TYR A 1 77  ? 7.928   -13.673 -0.024  1.00 10.28 ? 77   TYR A CB  1 
ATOM   584  C CG  . TYR A 1 77  ? 9.346   -14.052 -0.433  1.00 10.66 ? 77   TYR A CG  1 
ATOM   585  C CD1 . TYR A 1 77  ? 9.576   -14.706 -1.653  1.00 14.64 ? 77   TYR A CD1 1 
ATOM   586  C CD2 . TYR A 1 77  ? 10.435  -13.746 0.399   1.00 11.88 ? 77   TYR A CD2 1 
ATOM   587  C CE1 . TYR A 1 77  ? 10.882  -15.015 -2.062  1.00 15.05 ? 77   TYR A CE1 1 
ATOM   588  C CE2 . TYR A 1 77  ? 11.708  -14.055 0.027   1.00 15.10 ? 77   TYR A CE2 1 
ATOM   589  C CZ  . TYR A 1 77  ? 11.943  -14.695 -1.196  1.00 17.82 ? 77   TYR A CZ  1 
ATOM   590  O OH  . TYR A 1 77  ? 13.250  -14.984 -1.563  1.00 20.71 ? 77   TYR A OH  1 
ATOM   591  N N   . PRO A 1 78  ? 5.359   -14.462 2.512   1.00 13.21 ? 78   PRO A N   1 
ATOM   592  C CA  . PRO A 1 78  ? 3.962   -14.181 2.836   1.00 12.70 ? 78   PRO A CA  1 
ATOM   593  C C   . PRO A 1 78  ? 3.616   -12.699 3.015   1.00 13.39 ? 78   PRO A C   1 
ATOM   594  O O   . PRO A 1 78  ? 2.412   -12.348 2.995   1.00 12.91 ? 78   PRO A O   1 
ATOM   595  C CB  . PRO A 1 78  ? 3.741   -14.975 4.123   1.00 12.35 ? 78   PRO A CB  1 
ATOM   596  C CG  . PRO A 1 78  ? 5.096   -15.036 4.768   1.00 14.16 ? 78   PRO A CG  1 
ATOM   597  C CD  . PRO A 1 78  ? 6.066   -15.180 3.595   1.00 12.49 ? 78   PRO A CD  1 
ATOM   598  N N   . GLU A 1 79  ? 4.625   -11.844 3.140   1.00 12.11 ? 79   GLU A N   1 
ATOM   599  C CA  . GLU A 1 79  ? 4.326   -10.417 3.394   1.00 11.73 ? 79   GLU A CA  1 
ATOM   600  C C   . GLU A 1 79  ? 4.945   -9.469  2.375   1.00 11.87 ? 79   GLU A C   1 
ATOM   601  O O   . GLU A 1 79  ? 6.004   -9.738  1.830   1.00 12.17 ? 79   GLU A O   1 
ATOM   602  C CB  . GLU A 1 79  ? 4.839   -10.046 4.796   1.00 12.14 ? 79   GLU A CB  1 
ATOM   603  C CG  . GLU A 1 79  ? 4.104   -10.876 5.888   1.00 13.62 ? 79   GLU A CG  1 
ATOM   604  C CD  . GLU A 1 79  ? 4.614   -10.686 7.285   1.00 15.15 ? 79   GLU A CD  1 
ATOM   605  O OE1 . GLU A 1 79  ? 3.900   -11.092 8.237   1.00 15.80 ? 79   GLU A OE1 1 
ATOM   606  O OE2 . GLU A 1 79  ? 5.718   -10.145 7.462   1.00 17.96 ? 79   GLU A OE2 1 
ATOM   607  N N   . ILE A 1 80  ? 4.292   -8.312  2.215   1.00 11.51 ? 80   ILE A N   1 
ATOM   608  C CA  . ILE A 1 80  ? 4.872   -7.122  1.589   1.00 11.77 ? 80   ILE A CA  1 
ATOM   609  C C   . ILE A 1 80  ? 4.954   -6.135  2.741   1.00 12.18 ? 80   ILE A C   1 
ATOM   610  O O   . ILE A 1 80  ? 4.038   -6.064  3.541   1.00 13.24 ? 80   ILE A O   1 
ATOM   611  C CB  . ILE A 1 80  ? 3.946   -6.625  0.489   1.00 11.91 ? 80   ILE A CB  1 
ATOM   612  C CG1 . ILE A 1 80  ? 3.995   -7.609  -0.709  1.00 11.45 ? 80   ILE A CG1 1 
ATOM   613  C CG2 . ILE A 1 80  ? 4.301   -5.164  0.066   1.00 10.06 ? 80   ILE A CG2 1 
ATOM   614  C CD1 . ILE A 1 80  ? 3.013   -7.311  -1.843  1.00 15.84 ? 80   ILE A CD1 1 
ATOM   615  N N   . ARG A 1 81  ? 6.079   -5.460  2.901   1.00 12.23 ? 81   ARG A N   1 
ATOM   616  C CA  . ARG A 1 81  ? 6.271   -4.570  4.066   1.00 12.91 ? 81   ARG A CA  1 
ATOM   617  C C   . ARG A 1 81  ? 6.604   -3.170  3.636   1.00 12.66 ? 81   ARG A C   1 
ATOM   618  O O   . ARG A 1 81  ? 7.398   -2.973  2.756   1.00 13.34 ? 81   ARG A O   1 
ATOM   619  C CB  . ARG A 1 81  ? 7.431   -5.091  4.942   1.00 12.75 ? 81   ARG A CB  1 
ATOM   620  C CG  . ARG A 1 81  ? 7.639   -4.314  6.240   1.00 21.15 ? 81   ARG A CG  1 
ATOM   621  C CD  . ARG A 1 81  ? 8.149   -5.163  7.436   1.00 28.61 ? 81   ARG A CD  1 
ATOM   622  N NE  . ARG A 1 81  ? 8.456   -6.535  7.001   1.00 34.90 ? 81   ARG A NE  1 
ATOM   623  C CZ  . ARG A 1 81  ? 7.626   -7.576  7.115   1.00 38.56 ? 81   ARG A CZ  1 
ATOM   624  N NH1 . ARG A 1 81  ? 6.450   -7.427  7.703   1.00 39.93 ? 81   ARG A NH1 1 
ATOM   625  N NH2 . ARG A 1 81  ? 7.972   -8.773  6.646   1.00 38.79 ? 81   ARG A NH2 1 
ATOM   626  N N   . PHE A 1 82  ? 6.000   -2.202  4.308   1.00 12.69 ? 82   PHE A N   1 
ATOM   627  C CA  . PHE A 1 82  ? 6.347   -0.772  4.137   1.00 13.09 ? 82   PHE A CA  1 
ATOM   628  C C   . PHE A 1 82  ? 6.801   -0.183  5.472   1.00 12.89 ? 82   PHE A C   1 
ATOM   629  O O   . PHE A 1 82  ? 6.166   -0.363  6.509   1.00 13.47 ? 82   PHE A O   1 
ATOM   630  C CB  . PHE A 1 82  ? 5.158   0.026   3.576   1.00 12.17 ? 82   PHE A CB  1 
ATOM   631  C CG  . PHE A 1 82  ? 5.447   1.481   3.472   1.00 13.60 ? 82   PHE A CG  1 
ATOM   632  C CD1 . PHE A 1 82  ? 6.142   1.972   2.382   1.00 15.22 ? 82   PHE A CD1 1 
ATOM   633  C CD2 . PHE A 1 82  ? 5.028   2.354   4.464   1.00 16.46 ? 82   PHE A CD2 1 
ATOM   634  C CE1 . PHE A 1 82  ? 6.448   3.354   2.287   1.00 12.92 ? 82   PHE A CE1 1 
ATOM   635  C CE2 . PHE A 1 82  ? 5.341   3.727   4.372   1.00 14.88 ? 82   PHE A CE2 1 
ATOM   636  C CZ  . PHE A 1 82  ? 6.032   4.214   3.305   1.00 16.16 ? 82   PHE A CZ  1 
ATOM   637  N N   . VAL A 1 83  ? 7.925   0.545   5.457   1.00 13.36 ? 83   VAL A N   1 
ATOM   638  C CA  . VAL A 1 83  ? 8.382   1.288   6.635   1.00 13.52 ? 83   VAL A CA  1 
ATOM   639  C C   . VAL A 1 83  ? 8.829   2.685   6.145   1.00 12.92 ? 83   VAL A C   1 
ATOM   640  O O   . VAL A 1 83  ? 9.626   2.803   5.194   1.00 14.64 ? 83   VAL A O   1 
ATOM   641  C CB  . VAL A 1 83  ? 9.558   0.580   7.356   1.00 13.63 ? 83   VAL A CB  1 
ATOM   642  C CG1 . VAL A 1 83  ? 9.910   1.318   8.642   1.00 17.00 ? 83   VAL A CG1 1 
ATOM   643  C CG2 . VAL A 1 83  ? 9.204   -0.874  7.710   1.00 16.32 ? 83   VAL A CG2 1 
ATOM   644  N N   . SER A 1 84  ? 8.310   3.722   6.791   1.00 11.89 ? 84   SER A N   1 
ATOM   645  C CA  . SER A 1 84  ? 8.655   5.083   6.382   1.00 12.82 ? 84   SER A CA  1 
ATOM   646  C C   . SER A 1 84  ? 10.071  5.415   6.843   1.00 13.69 ? 84   SER A C   1 
ATOM   647  O O   . SER A 1 84  ? 10.551  4.874   7.860   1.00 15.69 ? 84   SER A O   1 
ATOM   648  C CB  . SER A 1 84  ? 7.674   6.100   6.936   1.00 12.52 ? 84   SER A CB  1 
ATOM   649  O OG  . SER A 1 84  ? 7.768   6.265   8.340   1.00 13.43 ? 84   SER A OG  1 
ATOM   650  N N   . THR A 1 85  ? 10.725  6.300   6.082   1.00 14.43 ? 85   THR A N   1 
ATOM   651  C CA  . THR A 1 85  ? 12.063  6.788   6.444   1.00 15.46 ? 85   THR A CA  1 
ATOM   652  C C   . THR A 1 85  ? 12.061  8.290   6.647   1.00 16.64 ? 85   THR A C   1 
ATOM   653  O O   . THR A 1 85  ? 12.979  8.824   7.270   1.00 17.15 ? 85   THR A O   1 
ATOM   654  C CB  . THR A 1 85  ? 13.100  6.450   5.340   1.00 17.15 ? 85   THR A CB  1 
ATOM   655  O OG1 . THR A 1 85  ? 12.608  6.847   4.068   1.00 18.44 ? 85   THR A OG1 1 
ATOM   656  C CG2 . THR A 1 85  ? 13.304  4.898   5.180   1.00 18.56 ? 85   THR A CG2 1 
ATOM   657  N N   . GLN A 1 86  ? 11.073  8.975   6.079   1.00 16.56 ? 86   GLN A N   1 
ATOM   658  C CA  . GLN A 1 86  ? 10.947  10.437  6.262   1.00 18.09 ? 86   GLN A CA  1 
ATOM   659  C C   . GLN A 1 86  ? 9.534   10.847  5.967   1.00 17.27 ? 86   GLN A C   1 
ATOM   660  O O   . GLN A 1 86  ? 8.976   10.425  4.965   1.00 17.96 ? 86   GLN A O   1 
ATOM   661  C CB  . GLN A 1 86  ? 11.900  11.186  5.320   1.00 19.51 ? 86   GLN A CB  1 
ATOM   662  C CG  . GLN A 1 86  ? 12.167  12.614  5.763   1.00 26.65 ? 86   GLN A CG  1 
ATOM   663  C CD  . GLN A 1 86  ? 11.548  13.664  4.867   1.00 33.28 ? 86   GLN A CD  1 
ATOM   664  O OE1 . GLN A 1 86  ? 11.043  13.360  3.772   1.00 37.05 ? 86   GLN A OE1 1 
ATOM   665  N NE2 . GLN A 1 86  ? 11.579  14.925  5.330   1.00 34.81 ? 86   GLN A NE2 1 
ATOM   666  N N   . ILE A 1 87  ? 8.929   11.640  6.851   1.00 17.19 ? 87   ILE A N   1 
ATOM   667  C CA  . ILE A 1 87  ? 7.635   12.236  6.521   1.00 17.23 ? 87   ILE A CA  1 
ATOM   668  C C   . ILE A 1 87  ? 7.734   13.763  6.501   1.00 17.86 ? 87   ILE A C   1 
ATOM   669  O O   . ILE A 1 87  ? 8.107   14.378  7.521   1.00 18.78 ? 87   ILE A O   1 
ATOM   670  C CB  . ILE A 1 87  ? 6.553   11.755  7.516   1.00 18.42 ? 87   ILE A CB  1 
ATOM   671  C CG1 . ILE A 1 87  ? 6.531   10.215  7.521   1.00 20.12 ? 87   ILE A CG1 1 
ATOM   672  C CG2 . ILE A 1 87  ? 5.178   12.338  7.168   1.00 17.32 ? 87   ILE A CG2 1 
ATOM   673  C CD1 . ILE A 1 87  ? 5.401   9.648   8.335   1.00 20.97 ? 87   ILE A CD1 1 
ATOM   674  N N   . GLU A 1 88  ? 7.383   14.356  5.364   1.00 17.84 ? 88   GLU A N   1 
ATOM   675  C CA  . GLU A 1 88  ? 7.456   15.810  5.179   1.00 18.73 ? 88   GLU A CA  1 
ATOM   676  C C   . GLU A 1 88  ? 6.070   16.447  5.221   1.00 17.40 ? 88   GLU A C   1 
ATOM   677  O O   . GLU A 1 88  ? 5.252   16.168  4.370   1.00 17.06 ? 88   GLU A O   1 
ATOM   678  C CB  . GLU A 1 88  ? 8.141   16.134  3.833   1.00 19.73 ? 88   GLU A CB  1 
ATOM   679  C CG  . GLU A 1 88  ? 8.599   17.600  3.785   1.00 24.20 ? 88   GLU A CG  1 
ATOM   680  C CD  . GLU A 1 88  ? 8.839   18.184  2.396   1.00 33.09 ? 88   GLU A CD  1 
ATOM   681  O OE1 . GLU A 1 88  ? 9.752   17.729  1.670   1.00 37.47 ? 88   GLU A OE1 1 
ATOM   682  O OE2 . GLU A 1 88  ? 8.130   19.158  2.040   1.00 41.37 ? 88   GLU A OE2 1 
ATOM   683  N N   . PRO A 1 89  ? 5.778   17.332  6.179   1.00 17.36 ? 89   PRO A N   1 
ATOM   684  C CA  . PRO A 1 89  ? 4.512   18.086  6.121   1.00 17.35 ? 89   PRO A CA  1 
ATOM   685  C C   . PRO A 1 89  ? 4.556   19.084  4.961   1.00 17.16 ? 89   PRO A C   1 
ATOM   686  O O   . PRO A 1 89  ? 5.560   19.803  4.845   1.00 16.14 ? 89   PRO A O   1 
ATOM   687  C CB  . PRO A 1 89  ? 4.472   18.839  7.460   1.00 18.20 ? 89   PRO A CB  1 
ATOM   688  C CG  . PRO A 1 89  ? 5.515   18.294  8.243   1.00 18.89 ? 89   PRO A CG  1 
ATOM   689  C CD  . PRO A 1 89  ? 6.571   17.663  7.368   1.00 17.71 ? 89   PRO A CD  1 
ATOM   690  N N   . LEU A 1 90  ? 3.507   19.118  4.159   1.00 15.97 ? 90   LEU A N   1 
ATOM   691  C CA  . LEU A 1 90  ? 3.478   19.985  2.981   1.00 15.68 ? 90   LEU A CA  1 
ATOM   692  C C   . LEU A 1 90  ? 2.590   21.209  3.224   1.00 17.18 ? 90   LEU A C   1 
ATOM   693  O O   . LEU A 1 90  ? 2.516   22.109  2.394   1.00 17.02 ? 90   LEU A O   1 
ATOM   694  C CB  . LEU A 1 90  ? 3.032   19.219  1.727   1.00 15.50 ? 90   LEU A CB  1 
ATOM   695  C CG  . LEU A 1 90  ? 3.772   17.893  1.389   1.00 13.39 ? 90   LEU A CG  1 
ATOM   696  C CD1 . LEU A 1 90  ? 3.192   17.224  0.137   1.00 14.67 ? 90   LEU A CD1 1 
ATOM   697  C CD2 . LEU A 1 90  ? 5.289   18.141  1.206   1.00 17.75 ? 90   LEU A CD2 1 
ATOM   698  N N   . GLY A 1 91  ? 1.925   21.229  4.357   1.00 18.30 ? 91   GLY A N   1 
ATOM   699  C CA  . GLY A 1 91  ? 0.927   22.254  4.578   1.00 20.23 ? 91   GLY A CA  1 
ATOM   700  C C   . GLY A 1 91  ? -0.473  21.693  4.563   1.00 21.10 ? 91   GLY A C   1 
ATOM   701  O O   . GLY A 1 91  ? -0.837  20.804  3.776   1.00 21.83 ? 91   GLY A O   1 
ATOM   702  N N   . GLY A 1 92  ? -1.286  22.215  5.470   1.00 22.92 ? 92   GLY A N   1 
ATOM   703  C CA  . GLY A 1 92  ? -2.667  21.799  5.507   1.00 23.32 ? 92   GLY A CA  1 
ATOM   704  C C   . GLY A 1 92  ? -2.608  20.369  6.013   1.00 24.21 ? 92   GLY A C   1 
ATOM   705  O O   . GLY A 1 92  ? -1.829  20.070  6.914   1.00 25.02 ? 92   GLY A O   1 
ATOM   706  N N   . ASN A 1 93  ? -3.384  19.504  5.377   1.00 22.59 ? 93   ASN A N   1 
ATOM   707  C CA  . ASN A 1 93  ? -3.465  18.110  5.797   1.00 22.99 ? 93   ASN A CA  1 
ATOM   708  C C   . ASN A 1 93  ? -2.574  17.211  4.935   1.00 20.33 ? 93   ASN A C   1 
ATOM   709  O O   . ASN A 1 93  ? -2.738  15.984  4.991   1.00 20.21 ? 93   ASN A O   1 
ATOM   710  C CB  . ASN A 1 93  ? -4.916  17.641  5.715   1.00 23.02 ? 93   ASN A CB  1 
ATOM   711  C CG  . ASN A 1 93  ? -5.480  17.702  4.290   1.00 27.46 ? 93   ASN A CG  1 
ATOM   712  O OD1 . ASN A 1 93  ? -4.924  18.362  3.407   1.00 32.76 ? 93   ASN A OD1 1 
ATOM   713  N ND2 . ASN A 1 93  ? -6.611  17.012  4.064   1.00 32.99 ? 93   ASN A ND2 1 
ATOM   714  N N   . ARG A 1 94  ? -1.674  17.818  4.145   1.00 18.81 ? 94   ARG A N   1 
ATOM   715  C CA  . ARG A 1 94  ? -0.871  17.067  3.179   1.00 18.00 ? 94   ARG A CA  1 
ATOM   716  C C   . ARG A 1 94  ? 0.508   16.697  3.735   1.00 16.53 ? 94   ARG A C   1 
ATOM   717  O O   . ARG A 1 94  ? 1.156   17.497  4.396   1.00 17.37 ? 94   ARG A O   1 
ATOM   718  C CB  . ARG A 1 94  ? -0.680  17.862  1.866   1.00 17.72 ? 94   ARG A CB  1 
ATOM   719  C CG  . ARG A 1 94  ? -1.943  18.038  1.015   1.00 21.20 ? 94   ARG A CG  1 
ATOM   720  C CD  . ARG A 1 94  ? -2.176  16.947  -0.068  1.00 26.58 ? 94   ARG A CD  1 
ATOM   721  N NE  . ARG A 1 94  ? -1.021  16.706  -0.941  1.00 26.86 ? 94   ARG A NE  1 
ATOM   722  C CZ  . ARG A 1 94  ? -0.884  17.149  -2.184  1.00 30.39 ? 94   ARG A CZ  1 
ATOM   723  N NH1 . ARG A 1 94  ? -1.810  17.923  -2.749  1.00 34.20 ? 94   ARG A NH1 1 
ATOM   724  N NH2 . ARG A 1 94  ? 0.207   16.817  -2.874  1.00 30.01 ? 94   ARG A NH2 1 
ATOM   725  N N   . TYR A 1 95  ? 0.967   15.483  3.407   1.00 16.87 ? 95   TYR A N   1 
ATOM   726  C CA  . TYR A 1 95  ? 2.280   14.963  3.833   1.00 15.52 ? 95   TYR A CA  1 
ATOM   727  C C   . TYR A 1 95  ? 2.874   14.140  2.697   1.00 14.75 ? 95   TYR A C   1 
ATOM   728  O O   . TYR A 1 95  ? 2.144   13.417  2.047   1.00 17.68 ? 95   TYR A O   1 
ATOM   729  C CB  . TYR A 1 95  ? 2.122   14.018  5.024   1.00 15.70 ? 95   TYR A CB  1 
ATOM   730  C CG  . TYR A 1 95  ? 1.623   14.750  6.220   1.00 18.22 ? 95   TYR A CG  1 
ATOM   731  C CD1 . TYR A 1 95  ? 0.260   14.900  6.452   1.00 20.30 ? 95   TYR A CD1 1 
ATOM   732  C CD2 . TYR A 1 95  ? 2.518   15.348  7.086   1.00 19.94 ? 95   TYR A CD2 1 
ATOM   733  C CE1 . TYR A 1 95  ? -0.204  15.635  7.532   1.00 22.54 ? 95   TYR A CE1 1 
ATOM   734  C CE2 . TYR A 1 95  ? 2.073   16.088  8.163   1.00 21.44 ? 95   TYR A CE2 1 
ATOM   735  C CZ  . TYR A 1 95  ? 0.707   16.216  8.383   1.00 23.65 ? 95   TYR A CZ  1 
ATOM   736  O OH  . TYR A 1 95  ? 0.244   16.942  9.441   1.00 27.36 ? 95   TYR A OH  1 
ATOM   737  N N   . ARG A 1 96  ? 4.186   14.239  2.496   1.00 13.84 ? 96   ARG A N   1 
ATOM   738  C CA  . ARG A 1 96  ? 4.896   13.355  1.560   1.00 14.58 ? 96   ARG A CA  1 
ATOM   739  C C   . ARG A 1 96  ? 5.627   12.320  2.395   1.00 14.02 ? 96   ARG A C   1 
ATOM   740  O O   . ARG A 1 96  ? 6.426   12.669  3.260   1.00 15.22 ? 96   ARG A O   1 
ATOM   741  C CB  . ARG A 1 96  ? 5.892   14.145  0.719   1.00 14.55 ? 96   ARG A CB  1 
ATOM   742  C CG  . ARG A 1 96  ? 6.467   13.310  -0.456  1.00 14.91 ? 96   ARG A CG  1 
ATOM   743  C CD  . ARG A 1 96  ? 7.204   14.149  -1.508  1.00 17.43 ? 96   ARG A CD  1 
ATOM   744  N NE  . ARG A 1 96  ? 6.378   15.255  -2.021  1.00 18.63 ? 96   ARG A NE  1 
ATOM   745  C CZ  . ARG A 1 96  ? 6.626   16.542  -1.804  1.00 16.61 ? 96   ARG A CZ  1 
ATOM   746  N NH1 . ARG A 1 96  ? 7.672   16.892  -1.052  1.00 16.14 ? 96   ARG A NH1 1 
ATOM   747  N NH2 . ARG A 1 96  ? 5.812   17.478  -2.325  1.00 15.92 ? 96   ARG A NH2 1 
ATOM   748  N N   . ILE A 1 97  ? 5.351   11.036  2.159   1.00 14.40 ? 97   ILE A N   1 
ATOM   749  C CA  . ILE A 1 97  ? 5.975   9.981   2.959   1.00 14.72 ? 97   ILE A CA  1 
ATOM   750  C C   . ILE A 1 97  ? 6.963   9.215   2.106   1.00 14.55 ? 97   ILE A C   1 
ATOM   751  O O   . ILE A 1 97  ? 6.568   8.591   1.119   1.00 15.54 ? 97   ILE A O   1 
ATOM   752  C CB  . ILE A 1 97  ? 4.867   9.001   3.472   1.00 14.35 ? 97   ILE A CB  1 
ATOM   753  C CG1 . ILE A 1 97  ? 3.812   9.737   4.306   1.00 15.45 ? 97   ILE A CG1 1 
ATOM   754  C CG2 . ILE A 1 97  ? 5.473   7.864   4.299   1.00 13.94 ? 97   ILE A CG2 1 
ATOM   755  C CD1 . ILE A 1 97  ? 2.521   8.866   4.592   1.00 18.61 ? 97   ILE A CD1 1 
ATOM   756  N N   . GLN A 1 98  ? 8.234   9.266   2.476   1.00 13.93 ? 98   GLN A N   1 
ATOM   757  C CA  . GLN A 1 98  ? 9.257   8.472   1.796   1.00 14.30 ? 98   GLN A CA  1 
ATOM   758  C C   . GLN A 1 98  ? 9.373   7.220   2.647   1.00 13.03 ? 98   GLN A C   1 
ATOM   759  O O   . GLN A 1 98  ? 9.282   7.276   3.874   1.00 15.10 ? 98   GLN A O   1 
ATOM   760  C CB  . GLN A 1 98  ? 10.636  9.160   1.800   1.00 14.48 ? 98   GLN A CB  1 
ATOM   761  C CG  . GLN A 1 98  ? 10.611  10.585  1.294   1.00 16.79 ? 98   GLN A CG  1 
ATOM   762  C CD  . GLN A 1 98  ? 10.295  10.670  -0.193  1.00 20.97 ? 98   GLN A CD  1 
ATOM   763  O OE1 . GLN A 1 98  ? 10.393  9.676   -0.916  1.00 21.02 ? 98   GLN A OE1 1 
ATOM   764  N NE2 . GLN A 1 98  ? 9.917   11.871  -0.661  1.00 21.68 ? 98   GLN A NE2 1 
ATOM   765  N N   . GLY A 1 99  ? 9.570   6.078   1.993   1.00 12.84 ? 99   GLY A N   1 
ATOM   766  C CA  . GLY A 1 99  ? 9.706   4.848   2.771   1.00 13.22 ? 99   GLY A CA  1 
ATOM   767  C C   . GLY A 1 99  ? 10.316  3.742   1.941   1.00 12.58 ? 99   GLY A C   1 
ATOM   768  O O   . GLY A 1 99  ? 10.659  3.933   0.750   1.00 14.50 ? 99   GLY A O   1 
ATOM   769  N N   . ASN A 1 100 ? 10.439  2.575   2.567   1.00 13.02 ? 100  ASN A N   1 
ATOM   770  C CA  . ASN A 1 100 ? 11.069  1.441   1.945   1.00 12.15 ? 100  ASN A CA  1 
ATOM   771  C C   . ASN A 1 100 ? 10.000  0.363   1.796   1.00 11.92 ? 100  ASN A C   1 
ATOM   772  O O   . ASN A 1 100 ? 9.332   0.039   2.789   1.00 12.45 ? 100  ASN A O   1 
ATOM   773  C CB  . ASN A 1 100 ? 12.198  0.930   2.814   1.00 11.61 ? 100  ASN A CB  1 
ATOM   774  C CG  . ASN A 1 100 ? 13.425  1.802   2.719   1.00 14.52 ? 100  ASN A CG  1 
ATOM   775  O OD1 . ASN A 1 100 ? 13.693  2.378   1.677   1.00 18.88 ? 100  ASN A OD1 1 
ATOM   776  N ND2 . ASN A 1 100 ? 14.178  1.876   3.794   1.00 19.22 ? 100  ASN A ND2 1 
ATOM   777  N N   . LEU A 1 101 ? 9.823   -0.138  0.571   1.00 12.21 ? 101  LEU A N   1 
ATOM   778  C CA  . LEU A 1 101 ? 8.837   -1.158  0.316   1.00 12.24 ? 101  LEU A CA  1 
ATOM   779  C C   . LEU A 1 101 ? 9.568   -2.456  -0.050  1.00 11.34 ? 101  LEU A C   1 
ATOM   780  O O   . LEU A 1 101 ? 10.385  -2.464  -0.972  1.00 11.53 ? 101  LEU A O   1 
ATOM   781  C CB  . LEU A 1 101 ? 7.904   -0.736  -0.812  1.00 12.89 ? 101  LEU A CB  1 
ATOM   782  C CG  . LEU A 1 101 ? 6.782   -1.737  -1.235  1.00 11.97 ? 101  LEU A CG  1 
ATOM   783  C CD1 . LEU A 1 101 ? 5.738   -1.689  -0.151  1.00 14.73 ? 101  LEU A CD1 1 
ATOM   784  C CD2 . LEU A 1 101 ? 6.202   -1.334  -2.567  1.00 13.97 ? 101  LEU A CD2 1 
ATOM   785  N N   . THR A 1 102 ? 9.242   -3.508  0.705   1.00 11.70 ? 102  THR A N   1 
ATOM   786  C CA  . THR A 1 102 ? 9.786   -4.863  0.514   1.00 11.54 ? 102  THR A CA  1 
ATOM   787  C C   . THR A 1 102 ? 8.775   -5.779  -0.142  1.00 11.24 ? 102  THR A C   1 
ATOM   788  O O   . THR A 1 102 ? 7.688   -5.985  0.377   1.00 12.22 ? 102  THR A O   1 
ATOM   789  C CB  . THR A 1 102 ? 10.170  -5.468  1.856   1.00 11.56 ? 102  THR A CB  1 
ATOM   790  O OG1 . THR A 1 102 ? 11.135  -4.605  2.506   1.00 12.42 ? 102  THR A OG1 1 
ATOM   791  C CG2 . THR A 1 102 ? 10.932  -6.810  1.628   1.00 13.30 ? 102  THR A CG2 1 
ATOM   792  N N   . ILE A 1 103 ? 9.179   -6.326  -1.286  1.00 11.31 ? 103  ILE A N   1 
ATOM   793  C CA  . ILE A 1 103 ? 8.403   -7.349  -1.979  1.00 11.77 ? 103  ILE A CA  1 
ATOM   794  C C   . ILE A 1 103 ? 9.389   -8.475  -2.253  1.00 11.97 ? 103  ILE A C   1 
ATOM   795  O O   . ILE A 1 103 ? 10.469  -8.247  -2.834  1.00 11.47 ? 103  ILE A O   1 
ATOM   796  C CB  . ILE A 1 103 ? 7.798   -6.806  -3.303  1.00 11.85 ? 103  ILE A CB  1 
ATOM   797  C CG1 . ILE A 1 103 ? 7.020   -5.503  -3.089  1.00 11.16 ? 103  ILE A CG1 1 
ATOM   798  C CG2 . ILE A 1 103 ? 6.928   -7.876  -4.034  1.00 13.21 ? 103  ILE A CG2 1 
ATOM   799  C CD1 . ILE A 1 103 ? 6.561   -4.900  -4.422  1.00 12.39 ? 103  ILE A CD1 1 
ATOM   800  N N   . ARG A 1 104 ? 8.995   -9.676  -1.843  1.00 11.79 ? 104  ARG A N   1 
ATOM   801  C CA  . ARG A 1 104 ? 9.898   -10.841 -1.752  1.00 11.78 ? 104  ARG A CA  1 
ATOM   802  C C   . ARG A 1 104 ? 11.115  -10.487 -0.921  1.00 11.84 ? 104  ARG A C   1 
ATOM   803  O O   . ARG A 1 104 ? 10.970  -9.996  0.192   1.00 13.19 ? 104  ARG A O   1 
ATOM   804  C CB  . ARG A 1 104 ? 10.264  -11.387 -3.145  1.00 11.38 ? 104  ARG A CB  1 
ATOM   805  C CG  . ARG A 1 104 ? 9.026   -11.864 -3.910  1.00 12.41 ? 104  ARG A CG  1 
ATOM   806  C CD  . ARG A 1 104 ? 9.291   -12.576 -5.223  1.00 15.25 ? 104  ARG A CD  1 
ATOM   807  N NE  . ARG A 1 104 ? 10.034  -11.726 -6.152  1.00 16.78 ? 104  ARG A NE  1 
ATOM   808  C CZ  . ARG A 1 104 ? 10.394  -12.056 -7.386  1.00 26.10 ? 104  ARG A CZ  1 
ATOM   809  N NH1 . ARG A 1 104 ? 10.063  -13.237 -7.888  1.00 25.58 ? 104  ARG A NH1 1 
ATOM   810  N NH2 . ARG A 1 104 ? 11.090  -11.188 -8.125  1.00 26.71 ? 104  ARG A NH2 1 
ATOM   811  N N   . ASP A 1 105 ? 12.293  -10.673 -1.496  1.00 12.46 ? 105  ASP A N   1 
ATOM   812  C CA  . ASP A 1 105 ? 13.540  -10.345 -0.815  1.00 11.84 ? 105  ASP A CA  1 
ATOM   813  C C   . ASP A 1 105 ? 14.135  -8.973  -1.157  1.00 12.52 ? 105  ASP A C   1 
ATOM   814  O O   . ASP A 1 105 ? 15.269  -8.687  -0.769  1.00 13.77 ? 105  ASP A O   1 
ATOM   815  C CB  . ASP A 1 105 ? 14.570  -11.465 -1.055  1.00 12.21 ? 105  ASP A CB  1 
ATOM   816  C CG  . ASP A 1 105 ? 14.896  -11.701 -2.501  1.00 17.37 ? 105  ASP A CG  1 
ATOM   817  O OD1 . ASP A 1 105 ? 14.203  -11.225 -3.438  1.00 15.21 ? 105  ASP A OD1 1 
ATOM   818  O OD2 . ASP A 1 105 ? 15.841  -12.469 -2.784  1.00 21.18 ? 105  ASP A OD2 1 
ATOM   819  N N   . ILE A 1 106 ? 13.427  -8.178  -1.955  1.00 12.13 ? 106  ILE A N   1 
ATOM   820  C CA  . ILE A 1 106 ? 13.962  -6.883  -2.431  1.00 12.77 ? 106  ILE A CA  1 
ATOM   821  C C   . ILE A 1 106 ? 13.251  -5.714  -1.764  1.00 13.32 ? 106  ILE A C   1 
ATOM   822  O O   . ILE A 1 106 ? 12.015  -5.703  -1.676  1.00 12.76 ? 106  ILE A O   1 
ATOM   823  C CB  . ILE A 1 106 ? 13.848  -6.802  -3.983  1.00 12.89 ? 106  ILE A CB  1 
ATOM   824  C CG1 . ILE A 1 106 ? 14.715  -7.935  -4.593  1.00 14.45 ? 106  ILE A CG1 1 
ATOM   825  C CG2 . ILE A 1 106 ? 14.214  -5.417  -4.529  1.00 13.45 ? 106  ILE A CG2 1 
ATOM   826  C CD1 . ILE A 1 106 ? 14.479  -8.171  -6.070  1.00 17.48 ? 106  ILE A CD1 1 
ATOM   827  N N   . THR A 1 107 ? 14.044  -4.736  -1.298  1.00 12.74 ? 107  THR A N   1 
ATOM   828  C CA  . THR A 1 107 ? 13.519  -3.530  -0.670  1.00 13.67 ? 107  THR A CA  1 
ATOM   829  C C   . THR A 1 107 ? 13.978  -2.351  -1.501  1.00 14.83 ? 107  THR A C   1 
ATOM   830  O O   . THR A 1 107 ? 15.200  -2.197  -1.704  1.00 14.92 ? 107  THR A O   1 
ATOM   831  C CB  . THR A 1 107 ? 14.077  -3.416  0.773   1.00 13.42 ? 107  THR A CB  1 
ATOM   832  O OG1 . THR A 1 107 ? 13.616  -4.508  1.571   1.00 14.72 ? 107  THR A OG1 1 
ATOM   833  C CG2 . THR A 1 107 ? 13.516  -2.172  1.505   1.00 16.01 ? 107  THR A CG2 1 
ATOM   834  N N   . LYS A 1 108 ? 13.045  -1.477  -1.913  1.00 13.14 ? 108  LYS A N   1 
ATOM   835  C CA  . LYS A 1 108 ? 13.359  -0.248  -2.684  1.00 14.28 ? 108  LYS A CA  1 
ATOM   836  C C   . LYS A 1 108 ? 12.588  0.951   -2.135  1.00 14.41 ? 108  LYS A C   1 
ATOM   837  O O   . LYS A 1 108 ? 11.531  0.780   -1.517  1.00 13.21 ? 108  LYS A O   1 
ATOM   838  C CB  . LYS A 1 108 ? 12.995  -0.396  -4.168  1.00 14.76 ? 108  LYS A CB  1 
ATOM   839  C CG  . LYS A 1 108 ? 13.372  -1.697  -4.876  1.00 15.46 ? 108  LYS A CG  1 
ATOM   840  C CD  . LYS A 1 108 ? 14.867  -1.895  -4.920  1.00 19.37 ? 108  LYS A CD  1 
ATOM   841  C CE  . LYS A 1 108 ? 15.561  -0.873  -5.800  1.00 20.42 ? 108  LYS A CE  1 
ATOM   842  N NZ  . LYS A 1 108 ? 17.066  -1.030  -5.706  1.00 25.24 ? 108  LYS A NZ  1 
ATOM   843  N N   . PRO A 1 109 ? 13.108  2.166   -2.320  1.00 14.21 ? 109  PRO A N   1 
ATOM   844  C CA  . PRO A 1 109 ? 12.397  3.372   -1.863  1.00 14.89 ? 109  PRO A CA  1 
ATOM   845  C C   . PRO A 1 109 ? 11.102  3.624   -2.671  1.00 15.32 ? 109  PRO A C   1 
ATOM   846  O O   . PRO A 1 109 ? 11.022  3.302   -3.867  1.00 14.96 ? 109  PRO A O   1 
ATOM   847  C CB  . PRO A 1 109 ? 13.413  4.499   -2.110  1.00 16.30 ? 109  PRO A CB  1 
ATOM   848  C CG  . PRO A 1 109 ? 14.360  3.974   -3.120  1.00 17.80 ? 109  PRO A CG  1 
ATOM   849  C CD  . PRO A 1 109 ? 14.407  2.484   -2.972  1.00 15.96 ? 109  PRO A CD  1 
ATOM   850  N N   . VAL A 1 110 ? 10.078  4.141   -1.994  1.00 14.57 ? 110  VAL A N   1 
ATOM   851  C CA  . VAL A 1 110 ? 8.821   4.520   -2.643  1.00 15.33 ? 110  VAL A CA  1 
ATOM   852  C C   . VAL A 1 110 ? 8.394   5.855   -1.994  1.00 15.36 ? 110  VAL A C   1 
ATOM   853  O O   . VAL A 1 110 ? 8.797   6.174   -0.880  1.00 15.75 ? 110  VAL A O   1 
ATOM   854  C CB  . VAL A 1 110 ? 7.726   3.414   -2.481  1.00 13.96 ? 110  VAL A CB  1 
ATOM   855  C CG1 . VAL A 1 110 ? 7.421   3.170   -1.022  1.00 18.63 ? 110  VAL A CG1 1 
ATOM   856  C CG2 . VAL A 1 110 ? 6.395   3.804   -3.164  1.00 20.40 ? 110  VAL A CG2 1 
ATOM   857  N N   . THR A 1 111 ? 7.587   6.619   -2.717  1.00 15.83 ? 111  THR A N   1 
ATOM   858  C CA  . THR A 1 111 ? 7.041   7.880   -2.216  1.00 16.91 ? 111  THR A CA  1 
ATOM   859  C C   . THR A 1 111 ? 5.525   7.761   -2.199  1.00 17.59 ? 111  THR A C   1 
ATOM   860  O O   . THR A 1 111 ? 4.930   7.242   -3.152  1.00 18.08 ? 111  THR A O   1 
ATOM   861  C CB  . THR A 1 111 ? 7.501   9.037   -3.134  1.00 18.78 ? 111  THR A CB  1 
ATOM   862  O OG1 . THR A 1 111 ? 8.929   9.115   -3.109  1.00 20.07 ? 111  THR A OG1 1 
ATOM   863  C CG2 . THR A 1 111 ? 7.028   10.383  -2.576  1.00 18.24 ? 111  THR A CG2 1 
ATOM   864  N N   . LEU A 1 112 ? 4.904   8.188   -1.095  1.00 16.94 ? 112  LEU A N   1 
ATOM   865  C CA  . LEU A 1 112 ? 3.452   8.283   -1.000  1.00 17.40 ? 112  LEU A CA  1 
ATOM   866  C C   . LEU A 1 112 ? 3.083   9.751   -0.839  1.00 16.62 ? 112  LEU A C   1 
ATOM   867  O O   . LEU A 1 112 ? 3.744   10.466  -0.128  1.00 18.26 ? 112  LEU A O   1 
ATOM   868  C CB  . LEU A 1 112 ? 2.930   7.571   0.240   1.00 18.08 ? 112  LEU A CB  1 
ATOM   869  C CG  . LEU A 1 112 ? 3.211   6.089   0.476   1.00 21.03 ? 112  LEU A CG  1 
ATOM   870  C CD1 . LEU A 1 112 ? 4.700   5.768   0.470   1.00 26.79 ? 112  LEU A CD1 1 
ATOM   871  C CD2 . LEU A 1 112 ? 2.580   5.551   1.766   1.00 21.67 ? 112  LEU A CD2 1 
ATOM   872  N N   . GLU A 1 113 ? 2.017   10.165  -1.497  1.00 17.00 ? 113  GLU A N   1 
ATOM   873  C CA  . GLU A 1 113 ? 1.400   11.464  -1.212  1.00 16.85 ? 113  GLU A CA  1 
ATOM   874  C C   . GLU A 1 113 ? 0.140   11.198  -0.423  1.00 17.52 ? 113  GLU A C   1 
ATOM   875  O O   . GLU A 1 113 ? -0.774  10.513  -0.913  1.00 17.18 ? 113  GLU A O   1 
ATOM   876  C CB  . GLU A 1 113 ? 1.089   12.175  -2.526  1.00 17.86 ? 113  GLU A CB  1 
ATOM   877  C CG  . GLU A 1 113 ? 2.333   12.504  -3.354  1.00 18.48 ? 113  GLU A CG  1 
ATOM   878  C CD  . GLU A 1 113 ? 3.121   13.691  -2.824  1.00 22.96 ? 113  GLU A CD  1 
ATOM   879  O OE1 . GLU A 1 113 ? 2.622   14.448  -1.957  1.00 22.63 ? 113  GLU A OE1 1 
ATOM   880  O OE2 . GLU A 1 113 ? 4.274   13.851  -3.239  1.00 19.45 ? 113  GLU A OE2 1 
ATOM   881  N N   . ALA A 1 114 ? 0.081   11.732  0.799   1.00 17.06 ? 114  ALA A N   1 
ATOM   882  C CA  . ALA A 1 114 ? -0.989  11.427  1.712   1.00 17.60 ? 114  ALA A CA  1 
ATOM   883  C C   . ALA A 1 114 ? -1.749  12.702  2.145   1.00 18.49 ? 114  ALA A C   1 
ATOM   884  O O   . ALA A 1 114 ? -1.199  13.783  2.162   1.00 17.87 ? 114  ALA A O   1 
ATOM   885  C CB  . ALA A 1 114 ? -0.437  10.714  2.919   1.00 17.62 ? 114  ALA A CB  1 
ATOM   886  N N   . GLU A 1 115 ? -3.026  12.531  2.468   1.00 18.71 ? 115  GLU A N   1 
ATOM   887  C CA  . GLU A 1 115 ? -3.876  13.590  3.036   1.00 20.14 ? 115  GLU A CA  1 
ATOM   888  C C   . GLU A 1 115 ? -4.473  12.985  4.295   1.00 21.00 ? 115  GLU A C   1 
ATOM   889  O O   . GLU A 1 115 ? -5.037  11.911  4.215   1.00 21.15 ? 115  GLU A O   1 
ATOM   890  C CB  . GLU A 1 115 ? -5.073  13.823  2.138   1.00 21.10 ? 115  GLU A CB  1 
ATOM   891  C CG  . GLU A 1 115 ? -4.939  14.586  0.851   1.00 26.57 ? 115  GLU A CG  1 
ATOM   892  C CD  . GLU A 1 115 ? -6.315  14.655  0.197   1.00 32.50 ? 115  GLU A CD  1 
ATOM   893  O OE1 . GLU A 1 115 ? -6.687  13.744  -0.583  1.00 36.99 ? 115  GLU A OE1 1 
ATOM   894  O OE2 . GLU A 1 115 ? -7.065  15.587  0.542   1.00 35.45 ? 115  GLU A OE2 1 
ATOM   895  N N   . VAL A 1 116 ? -4.445  13.679  5.430   1.00 20.72 ? 116  VAL A N   1 
ATOM   896  C CA  . VAL A 1 116 ? -4.948  13.097  6.684   1.00 21.62 ? 116  VAL A CA  1 
ATOM   897  C C   . VAL A 1 116 ? -6.182  13.869  7.177   1.00 22.35 ? 116  VAL A C   1 
ATOM   898  O O   . VAL A 1 116 ? -6.247  15.091  7.027   1.00 24.20 ? 116  VAL A O   1 
ATOM   899  C CB  . VAL A 1 116 ? -3.883  13.081  7.811   1.00 22.20 ? 116  VAL A CB  1 
ATOM   900  C CG1 . VAL A 1 116 ? -2.677  12.224  7.415   1.00 19.37 ? 116  VAL A CG1 1 
ATOM   901  C CG2 . VAL A 1 116 ? -3.418  14.481  8.128   1.00 25.35 ? 116  VAL A CG2 1 
ATOM   902  N N   . SER A 1 117 ? -7.148  13.154  7.730   1.00 22.25 ? 117  SER A N   1 
ATOM   903  C CA  . SER A 1 117 ? -8.381  13.775  8.236   1.00 23.70 ? 117  SER A CA  1 
ATOM   904  C C   . SER A 1 117 ? -8.195  14.224  9.693   1.00 23.47 ? 117  SER A C   1 
ATOM   905  O O   . SER A 1 117 ? -7.208  13.873  10.348  1.00 22.87 ? 117  SER A O   1 
ATOM   906  C CB  . SER A 1 117 ? -9.557  12.801  8.110   1.00 24.06 ? 117  SER A CB  1 
ATOM   907  O OG  . SER A 1 117 ? -9.703  11.953  9.254   1.00 25.91 ? 117  SER A OG  1 
ATOM   908  N N   . ALA A 1 118 ? -9.144  15.016  10.200  1.00 24.92 ? 118  ALA A N   1 
ATOM   909  C CA  . ALA A 1 118 ? -9.181  15.247  11.637  1.00 25.06 ? 118  ALA A CA  1 
ATOM   910  C C   . ALA A 1 118 ? -9.713  13.991  12.331  1.00 25.87 ? 118  ALA A C   1 
ATOM   911  O O   . ALA A 1 118 ? -10.567 13.310  11.784  1.00 24.90 ? 118  ALA A O   1 
ATOM   912  C CB  . ALA A 1 118 ? -10.079 16.472  11.981  1.00 26.04 ? 118  ALA A CB  1 
ATOM   913  N N   . PRO A 1 119 ? -9.225  13.702  13.534  1.00 26.65 ? 119  PRO A N   1 
ATOM   914  C CA  . PRO A 1 119 ? -9.665  12.512  14.260  1.00 27.91 ? 119  PRO A CA  1 
ATOM   915  C C   . PRO A 1 119 ? -11.062 12.741  14.800  1.00 28.31 ? 119  PRO A C   1 
ATOM   916  O O   . PRO A 1 119 ? -11.473 13.893  15.010  1.00 29.49 ? 119  PRO A O   1 
ATOM   917  C CB  . PRO A 1 119 ? -8.663  12.374  15.393  1.00 28.30 ? 119  PRO A CB  1 
ATOM   918  C CG  . PRO A 1 119 ? -7.990  13.678  15.510  1.00 28.16 ? 119  PRO A CG  1 
ATOM   919  C CD  . PRO A 1 119 ? -8.254  14.495  14.299  1.00 27.61 ? 119  PRO A CD  1 
ATOM   920  N N   . ILE A 1 120 ? -11.784 11.651  14.986  1.00 28.80 ? 120  ILE A N   1 
ATOM   921  C CA  . ILE A 1 120 ? -13.112 11.711  15.569  1.00 28.67 ? 120  ILE A CA  1 
ATOM   922  C C   . ILE A 1 120 ? -13.163 10.804  16.793  1.00 29.07 ? 120  ILE A C   1 
ATOM   923  O O   . ILE A 1 120 ? -12.261 9.979   17.023  1.00 28.70 ? 120  ILE A O   1 
ATOM   924  C CB  . ILE A 1 120 ? -14.188 11.319  14.511  1.00 28.36 ? 120  ILE A CB  1 
ATOM   925  C CG1 . ILE A 1 120 ? -13.851 9.984   13.837  1.00 29.88 ? 120  ILE A CG1 1 
ATOM   926  C CG2 . ILE A 1 120 ? -14.313 12.361  13.438  1.00 28.02 ? 120  ILE A CG2 1 
ATOM   927  C CD1 . ILE A 1 120 ? -14.767 8.892   14.225  1.00 30.89 ? 120  ILE A CD1 1 
ATOM   928  N N   . LYS A 1 121 ? -14.197 10.960  17.613  1.00 29.53 ? 121  LYS A N   1 
ATOM   929  C CA  . LYS A 1 121 ? -14.490 9.941   18.605  1.00 30.75 ? 121  LYS A CA  1 
ATOM   930  C C   . LYS A 1 121 ? -15.514 9.068   17.905  1.00 31.03 ? 121  LYS A C   1 
ATOM   931  O O   . LYS A 1 121 ? -16.542 9.568   17.436  1.00 31.16 ? 121  LYS A O   1 
ATOM   932  C CB  . LYS A 1 121 ? -15.045 10.545  19.906  1.00 32.09 ? 121  LYS A CB  1 
ATOM   933  C CG  . LYS A 1 121 ? -14.112 11.554  20.588  1.00 34.40 ? 121  LYS A CG  1 
ATOM   934  C CD  . LYS A 1 121 ? -14.841 12.860  20.913  1.00 38.36 ? 121  LYS A CD  1 
ATOM   935  C CE  . LYS A 1 121 ? -14.074 14.066  20.365  1.00 41.12 ? 121  LYS A CE  1 
ATOM   936  N NZ  . LYS A 1 121 ? -14.779 14.789  19.265  1.00 42.57 ? 121  LYS A NZ  1 
ATOM   937  N N   . ASP A 1 122 ? -15.207 7.784   17.763  1.00 31.39 ? 122  ASP A N   1 
ATOM   938  C CA  . ASP A 1 122 ? -16.090 6.914   16.998  1.00 32.51 ? 122  ASP A CA  1 
ATOM   939  C C   . ASP A 1 122 ? -17.235 6.399   17.858  1.00 33.60 ? 122  ASP A C   1 
ATOM   940  O O   . ASP A 1 122 ? -17.223 6.602   19.085  1.00 33.42 ? 122  ASP A O   1 
ATOM   941  C CB  . ASP A 1 122 ? -15.316 5.799   16.262  1.00 32.26 ? 122  ASP A CB  1 
ATOM   942  C CG  . ASP A 1 122 ? -14.780 4.732   17.175  1.00 32.53 ? 122  ASP A CG  1 
ATOM   943  O OD1 . ASP A 1 122 ? -13.916 3.963   16.694  1.00 32.14 ? 122  ASP A OD1 1 
ATOM   944  O OD2 . ASP A 1 122 ? -15.156 4.524   18.350  1.00 32.07 ? 122  ASP A OD2 1 
ATOM   945  N N   . PRO A 1 123 ? -18.239 5.777   17.235  1.00 34.59 ? 123  PRO A N   1 
ATOM   946  C CA  . PRO A 1 123 ? -19.409 5.318   17.986  1.00 35.42 ? 123  PRO A CA  1 
ATOM   947  C C   . PRO A 1 123 ? -19.115 4.216   19.019  1.00 36.50 ? 123  PRO A C   1 
ATOM   948  O O   . PRO A 1 123 ? -20.077 3.795   19.663  1.00 37.14 ? 123  PRO A O   1 
ATOM   949  C CB  . PRO A 1 123 ? -20.352 4.819   16.878  1.00 35.22 ? 123  PRO A CB  1 
ATOM   950  C CG  . PRO A 1 123 ? -19.898 5.533   15.634  1.00 35.19 ? 123  PRO A CG  1 
ATOM   951  C CD  . PRO A 1 123 ? -18.390 5.520   15.789  1.00 34.46 ? 123  PRO A CD  1 
ATOM   952  N N   . TRP A 1 124 ? -17.859 3.797   19.214  1.00 36.77 ? 124  TRP A N   1 
ATOM   953  C CA  . TRP A 1 124 ? -17.527 2.688   20.147  1.00 38.17 ? 124  TRP A CA  1 
ATOM   954  C C   . TRP A 1 124 ? -16.431 2.967   21.217  1.00 37.48 ? 124  TRP A C   1 
ATOM   955  O O   . TRP A 1 124 ? -15.768 2.043   21.723  1.00 37.83 ? 124  TRP A O   1 
ATOM   956  C CB  . TRP A 1 124 ? -17.199 1.390   19.381  1.00 38.64 ? 124  TRP A CB  1 
ATOM   957  C CG  . TRP A 1 124 ? -17.166 1.544   17.889  1.00 41.80 ? 124  TRP A CG  1 
ATOM   958  C CD1 . TRP A 1 124 ? -16.100 1.946   17.126  1.00 44.91 ? 124  TRP A CD1 1 
ATOM   959  C CD2 . TRP A 1 124 ? -18.238 1.303   16.974  1.00 43.89 ? 124  TRP A CD2 1 
ATOM   960  N NE1 . TRP A 1 124 ? -16.446 1.970   15.795  1.00 45.47 ? 124  TRP A NE1 1 
ATOM   961  C CE2 . TRP A 1 124 ? -17.753 1.578   15.673  1.00 45.01 ? 124  TRP A CE2 1 
ATOM   962  C CE3 . TRP A 1 124 ? -19.561 0.866   17.117  1.00 45.01 ? 124  TRP A CE3 1 
ATOM   963  C CZ2 . TRP A 1 124 ? -18.543 1.444   14.535  1.00 44.85 ? 124  TRP A CZ2 1 
ATOM   964  C CZ3 . TRP A 1 124 ? -20.337 0.733   15.988  1.00 45.79 ? 124  TRP A CZ3 1 
ATOM   965  C CH2 . TRP A 1 124 ? -19.827 1.020   14.712  1.00 46.29 ? 124  TRP A CH2 1 
ATOM   966  N N   . GLY A 1 125 ? -16.250 4.228   21.577  1.00 36.68 ? 125  GLY A N   1 
ATOM   967  C CA  . GLY A 1 125 ? -15.253 4.559   22.574  1.00 35.27 ? 125  GLY A CA  1 
ATOM   968  C C   . GLY A 1 125 ? -13.960 5.087   21.975  1.00 34.49 ? 125  GLY A C   1 
ATOM   969  O O   . GLY A 1 125 ? -13.420 6.074   22.482  1.00 34.93 ? 125  GLY A O   1 
ATOM   970  N N   . MET A 1 126 ? -13.488 4.485   20.878  1.00 33.10 ? 126  MET A N   1 
ATOM   971  C CA  . MET A 1 126 ? -12.145 4.816   20.337  1.00 31.55 ? 126  MET A CA  1 
ATOM   972  C C   . MET A 1 126 ? -11.973 6.171   19.598  1.00 29.00 ? 126  MET A C   1 
ATOM   973  O O   . MET A 1 126 ? -12.927 6.754   19.078  1.00 29.72 ? 126  MET A O   1 
ATOM   974  C CB  . MET A 1 126 ? -11.619 3.669   19.461  1.00 32.42 ? 126  MET A CB  1 
ATOM   975  C CG  . MET A 1 126 ? -11.785 2.267   20.063  1.00 35.92 ? 126  MET A CG  1 
ATOM   976  S SD  . MET A 1 126 ? -10.356 1.684   21.024  1.00 45.74 ? 126  MET A SD  1 
ATOM   977  C CE  . MET A 1 126 ? -9.882  0.255   20.016  1.00 44.30 ? 126  MET A CE  1 
ATOM   978  N N   . GLN A 1 127 ? -10.735 6.676   19.595  1.00 26.70 ? 127  GLN A N   1 
ATOM   979  C CA  . GLN A 1 127 ? -10.326 7.768   18.730  1.00 23.79 ? 127  GLN A CA  1 
ATOM   980  C C   . GLN A 1 127 ? -10.027 7.141   17.369  1.00 22.36 ? 127  GLN A C   1 
ATOM   981  O O   . GLN A 1 127 ? -9.433  6.067   17.315  1.00 20.49 ? 127  GLN A O   1 
ATOM   982  C CB  . GLN A 1 127 ? -9.028  8.408   19.232  1.00 25.03 ? 127  GLN A CB  1 
ATOM   983  C CG  . GLN A 1 127 ? -9.097  8.999   20.633  1.00 28.64 ? 127  GLN A CG  1 
ATOM   984  C CD  . GLN A 1 127 ? -7.738  9.493   21.115  1.00 31.58 ? 127  GLN A CD  1 
ATOM   985  O OE1 . GLN A 1 127 ? -7.241  10.512  20.638  1.00 38.55 ? 127  GLN A OE1 1 
ATOM   986  N NE2 . GLN A 1 127 ? -7.136  8.766   22.055  1.00 33.55 ? 127  GLN A NE2 1 
ATOM   987  N N   . ARG A 1 128 ? -10.446 7.806   16.301  1.00 20.26 ? 128  ARG A N   1 
ATOM   988  C CA  . ARG A 1 128 ? -10.311 7.252   14.944  1.00 20.41 ? 128  ARG A CA  1 
ATOM   989  C C   . ARG A 1 128 ? -9.960  8.365   13.963  1.00 20.04 ? 128  ARG A C   1 
ATOM   990  O O   . ARG A 1 128 ? -10.481 9.488   14.012  1.00 19.85 ? 128  ARG A O   1 
ATOM   991  C CB  . ARG A 1 128 ? -11.603 6.493   14.555  1.00 20.55 ? 128  ARG A CB  1 
ATOM   992  C CG  . ARG A 1 128 ? -11.574 5.752   13.212  1.00 20.23 ? 128  ARG A CG  1 
ATOM   993  C CD  . ARG A 1 128 ? -12.887 5.029   12.928  1.00 19.41 ? 128  ARG A CD  1 
ATOM   994  N NE  . ARG A 1 128 ? -13.014 3.849   13.778  1.00 19.42 ? 128  ARG A NE  1 
ATOM   995  C CZ  . ARG A 1 128 ? -12.663 2.612   13.400  1.00 21.36 ? 128  ARG A CZ  1 
ATOM   996  N NH1 . ARG A 1 128 ? -12.205 2.395   12.174  1.00 20.38 ? 128  ARG A NH1 1 
ATOM   997  N NH2 . ARG A 1 128 ? -12.786 1.602   14.246  1.00 23.57 ? 128  ARG A NH2 1 
ATOM   998  N N   . VAL A 1 129 ? -9.061  8.055   13.041  1.00 18.61 ? 129  VAL A N   1 
ATOM   999  C CA  . VAL A 1 129 ? -8.555  9.017   12.094  1.00 18.60 ? 129  VAL A CA  1 
ATOM   1000 C C   . VAL A 1 129 ? -8.428  8.306   10.738  1.00 18.68 ? 129  VAL A C   1 
ATOM   1001 O O   . VAL A 1 129 ? -8.191  7.087   10.696  1.00 18.68 ? 129  VAL A O   1 
ATOM   1002 C CB  . VAL A 1 129 ? -7.223  9.632   12.610  1.00 18.36 ? 129  VAL A CB  1 
ATOM   1003 C CG1 . VAL A 1 129 ? -6.078  8.624   12.536  1.00 18.48 ? 129  VAL A CG1 1 
ATOM   1004 C CG2 . VAL A 1 129 ? -6.875  10.908  11.828  1.00 20.38 ? 129  VAL A CG2 1 
ATOM   1005 N N   . ALA A 1 130 ? -8.638  9.048   9.651   1.00 17.18 ? 130  ALA A N   1 
ATOM   1006 C CA  . ALA A 1 130 ? -8.505  8.510   8.296   1.00 17.94 ? 130  ALA A CA  1 
ATOM   1007 C C   . ALA A 1 130 ? -7.478  9.234   7.469   1.00 17.14 ? 130  ALA A C   1 
ATOM   1008 O O   . ALA A 1 130 ? -7.085  10.364  7.808   1.00 16.69 ? 130  ALA A O   1 
ATOM   1009 C CB  . ALA A 1 130 ? -9.836  8.562   7.588   1.00 18.02 ? 130  ALA A CB  1 
ATOM   1010 N N   . ALA A 1 131 ? -7.066  8.597   6.366   1.00 16.15 ? 131  ALA A N   1 
ATOM   1011 C CA  . ALA A 1 131 ? -6.111  9.170   5.469   1.00 17.17 ? 131  ALA A CA  1 
ATOM   1012 C C   . ALA A 1 131 ? -6.324  8.543   4.093   1.00 17.39 ? 131  ALA A C   1 
ATOM   1013 O O   . ALA A 1 131 ? -6.865  7.433   3.968   1.00 16.74 ? 131  ALA A O   1 
ATOM   1014 C CB  . ALA A 1 131 ? -4.685  8.913   5.985   1.00 17.47 ? 131  ALA A CB  1 
ATOM   1015 N N   . SER A 1 132 ? -5.928  9.272   3.065   1.00 17.79 ? 132  SER A N   1 
ATOM   1016 C CA  . SER A 1 132 ? -5.872  8.721   1.730   1.00 19.59 ? 132  SER A CA  1 
ATOM   1017 C C   . SER A 1 132 ? -4.460  8.976   1.217   1.00 19.13 ? 132  SER A C   1 
ATOM   1018 O O   . SER A 1 132 ? -3.800  9.958   1.607   1.00 20.37 ? 132  SER A O   1 
ATOM   1019 C CB  . SER A 1 132 ? -6.922  9.403   0.854   1.00 19.90 ? 132  SER A CB  1 
ATOM   1020 O OG  . SER A 1 132 ? -6.601  10.761  0.672   1.00 25.38 ? 132  SER A OG  1 
ATOM   1021 N N   . ALA A 1 133 ? -3.948  8.077   0.391   1.00 17.98 ? 133  ALA A N   1 
ATOM   1022 C CA  . ALA A 1 133 ? -2.620  8.279   -0.148  1.00 17.20 ? 133  ALA A CA  1 
ATOM   1023 C C   . ALA A 1 133 ? -2.554  7.676   -1.545  1.00 17.62 ? 133  ALA A C   1 
ATOM   1024 O O   . ALA A 1 133 ? -3.329  6.763   -1.868  1.00 17.81 ? 133  ALA A O   1 
ATOM   1025 C CB  . ALA A 1 133 ? -1.551  7.673   0.784   1.00 17.11 ? 133  ALA A CB  1 
ATOM   1026 N N   . SER A 1 134 ? -1.665  8.215   -2.367  1.00 17.30 ? 134  SER A N   1 
ATOM   1027 C CA  . SER A 1 134 ? -1.470  7.714   -3.724  1.00 18.24 ? 134  SER A CA  1 
ATOM   1028 C C   . SER A 1 134 ? 0.015   7.541   -3.992  1.00 18.69 ? 134  SER A C   1 
ATOM   1029 O O   . SER A 1 134 ? 0.867   8.152   -3.322  1.00 18.15 ? 134  SER A O   1 
ATOM   1030 C CB  . SER A 1 134 ? -2.061  8.722   -4.736  1.00 19.54 ? 134  SER A CB  1 
ATOM   1031 O OG  . SER A 1 134 ? -1.348  9.942   -4.696  1.00 22.96 ? 134  SER A OG  1 
ATOM   1032 N N   . GLY A 1 135 ? 0.340   6.722   -4.998  1.00 18.40 ? 135  GLY A N   1 
ATOM   1033 C CA  . GLY A 1 135 ? 1.712   6.662   -5.480  1.00 18.09 ? 135  GLY A CA  1 
ATOM   1034 C C   . GLY A 1 135 ? 1.792   5.710   -6.646  1.00 18.87 ? 135  GLY A C   1 
ATOM   1035 O O   . GLY A 1 135 ? 0.788   5.181   -7.111  1.00 16.58 ? 135  GLY A O   1 
ATOM   1036 N N   . GLN A 1 136 ? 3.006   5.490   -7.126  1.00 19.02 ? 136  GLN A N   1 
ATOM   1037 C CA  . GLN A 1 136 ? 3.252   4.554   -8.206  1.00 20.20 ? 136  GLN A CA  1 
ATOM   1038 C C   . GLN A 1 136 ? 4.627   3.932   -7.995  1.00 19.26 ? 136  GLN A C   1 
ATOM   1039 O O   . GLN A 1 136 ? 5.532   4.573   -7.456  1.00 20.48 ? 136  GLN A O   1 
ATOM   1040 C CB  . GLN A 1 136 ? 3.216   5.249   -9.577  1.00 20.71 ? 136  GLN A CB  1 
ATOM   1041 C CG  . GLN A 1 136 ? 3.636   6.750   -9.566  1.00 26.06 ? 136  GLN A CG  1 
ATOM   1042 C CD  . GLN A 1 136 ? 2.447   7.728   -9.691  1.00 32.14 ? 136  GLN A CD  1 
ATOM   1043 O OE1 . GLN A 1 136 ? 1.941   8.262   -8.687  1.00 34.58 ? 136  GLN A OE1 1 
ATOM   1044 N NE2 . GLN A 1 136 ? 2.021   7.976   -10.920 1.00 36.82 ? 136  GLN A NE2 1 
ATOM   1045 N N   . ILE A 1 137 ? 4.764   2.689   -8.452  1.00 18.16 ? 137  ILE A N   1 
ATOM   1046 C CA  . ILE A 1 137 ? 6.038   1.981   -8.454  1.00 16.86 ? 137  ILE A CA  1 
ATOM   1047 C C   . ILE A 1 137 ? 6.221   1.298   -9.801  1.00 16.73 ? 137  ILE A C   1 
ATOM   1048 O O   . ILE A 1 137 ? 5.279   1.076   -10.551 1.00 16.42 ? 137  ILE A O   1 
ATOM   1049 C CB  . ILE A 1 137 ? 6.141   0.915   -7.308  1.00 16.29 ? 137  ILE A CB  1 
ATOM   1050 C CG1 . ILE A 1 137 ? 5.037   -0.144  -7.430  1.00 17.59 ? 137  ILE A CG1 1 
ATOM   1051 C CG2 . ILE A 1 137 ? 5.996   1.579   -5.934  1.00 17.45 ? 137  ILE A CG2 1 
ATOM   1052 C CD1 . ILE A 1 137 ? 5.226   -1.308  -6.522  1.00 17.73 ? 137  ILE A CD1 1 
ATOM   1053 N N   . ASN A 1 138 ? 7.466   0.972   -10.109 1.00 16.78 ? 138  ASN A N   1 
ATOM   1054 C CA  . ASN A 1 138 ? 7.745   0.186   -11.280 1.00 16.96 ? 138  ASN A CA  1 
ATOM   1055 C C   . ASN A 1 138 ? 8.098   -1.208  -10.833 1.00 16.30 ? 138  ASN A C   1 
ATOM   1056 O O   . ASN A 1 138 ? 9.078   -1.395  -10.095 1.00 15.68 ? 138  ASN A O   1 
ATOM   1057 C CB  . ASN A 1 138 ? 8.914   0.795   -12.075 1.00 17.53 ? 138  ASN A CB  1 
ATOM   1058 C CG  . ASN A 1 138 ? 9.143   0.091   -13.379 1.00 18.08 ? 138  ASN A CG  1 
ATOM   1059 O OD1 . ASN A 1 138 ? 9.196   -1.125  -13.440 1.00 18.27 ? 138  ASN A OD1 1 
ATOM   1060 N ND2 . ASN A 1 138 ? 9.255   0.865   -14.453 1.00 19.35 ? 138  ASN A ND2 1 
ATOM   1061 N N   . ARG A 1 139 ? 7.294   -2.190  -11.246 1.00 16.17 ? 139  ARG A N   1 
ATOM   1062 C CA  . ARG A 1 139 ? 7.453   -3.551  -10.722 1.00 15.85 ? 139  ARG A CA  1 
ATOM   1063 C C   . ARG A 1 139 ? 8.818   -4.152  -11.047 1.00 16.87 ? 139  ARG A C   1 
ATOM   1064 O O   . ARG A 1 139 ? 9.273   -5.044  -10.336 1.00 15.81 ? 139  ARG A O   1 
ATOM   1065 C CB  . ARG A 1 139 ? 6.328   -4.502  -11.222 1.00 16.93 ? 139  ARG A CB  1 
ATOM   1066 C CG  . ARG A 1 139 ? 6.161   -4.536  -12.737 1.00 17.08 ? 139  ARG A CG  1 
ATOM   1067 C CD  . ARG A 1 139 ? 5.135   -5.555  -13.267 1.00 16.35 ? 139  ARG A CD  1 
ATOM   1068 N NE  . ARG A 1 139 ? 4.969   -5.402  -14.720 1.00 16.89 ? 139  ARG A NE  1 
ATOM   1069 C CZ  . ARG A 1 139 ? 5.867   -5.804  -15.614 1.00 20.49 ? 139  ARG A CZ  1 
ATOM   1070 N NH1 . ARG A 1 139 ? 6.974   -6.441  -15.228 1.00 21.35 ? 139  ARG A NH1 1 
ATOM   1071 N NH2 . ARG A 1 139 ? 5.656   -5.571  -16.912 1.00 19.96 ? 139  ARG A NH2 1 
ATOM   1072 N N   . LYS A 1 140 ? 9.471   -3.664  -12.108 1.00 17.81 ? 140  LYS A N   1 
ATOM   1073 C CA  . LYS A 1 140 ? 10.759  -4.216  -12.501 1.00 19.73 ? 140  LYS A CA  1 
ATOM   1074 C C   . LYS A 1 140 ? 11.835  -3.886  -11.463 1.00 18.26 ? 140  LYS A C   1 
ATOM   1075 O O   . LYS A 1 140 ? 12.862  -4.580  -11.421 1.00 17.77 ? 140  LYS A O   1 
ATOM   1076 C CB  . LYS A 1 140 ? 11.192  -3.724  -13.903 1.00 20.47 ? 140  LYS A CB  1 
ATOM   1077 C CG  . LYS A 1 140 ? 10.243  -4.120  -15.059 1.00 24.91 ? 140  LYS A CG  1 
ATOM   1078 C CD  . LYS A 1 140 ? 10.948  -4.202  -16.384 1.00 30.66 ? 140  LYS A CD  1 
ATOM   1079 C CE  . LYS A 1 140 ? 11.449  -5.621  -16.616 1.00 33.98 ? 140  LYS A CE  1 
ATOM   1080 N NZ  . LYS A 1 140 ? 11.994  -5.761  -17.985 1.00 36.73 ? 140  LYS A NZ  1 
ATOM   1081 N N   . ASP A 1 141 ? 11.609  -2.847  -10.643 1.00 17.59 ? 141  ASP A N   1 
ATOM   1082 C CA  . ASP A 1 141 ? 12.559  -2.459  -9.600  1.00 17.38 ? 141  ASP A CA  1 
ATOM   1083 C C   . ASP A 1 141 ? 12.666  -3.585  -8.570  1.00 15.69 ? 141  ASP A C   1 
ATOM   1084 O O   . ASP A 1 141 ? 13.674  -3.671  -7.828  1.00 15.53 ? 141  ASP A O   1 
ATOM   1085 C CB  . ASP A 1 141 ? 12.159  -1.155  -8.901  1.00 18.09 ? 141  ASP A CB  1 
ATOM   1086 C CG  . ASP A 1 141 ? 12.334  0.090   -9.780  1.00 21.40 ? 141  ASP A CG  1 
ATOM   1087 O OD1 . ASP A 1 141 ? 12.929  0.003   -10.870 1.00 25.28 ? 141  ASP A OD1 1 
ATOM   1088 O OD2 . ASP A 1 141 ? 11.921  1.233   -9.427  1.00 23.23 ? 141  ASP A OD2 1 
ATOM   1089 N N   . TRP A 1 142 ? 11.646  -4.434  -8.527  1.00 15.64 ? 142  TRP A N   1 
ATOM   1090 C CA  . TRP A 1 142 ? 11.626  -5.579  -7.598  1.00 15.09 ? 142  TRP A CA  1 
ATOM   1091 C C   . TRP A 1 142 ? 11.833  -6.907  -8.336  1.00 15.98 ? 142  TRP A C   1 
ATOM   1092 O O   . TRP A 1 142 ? 11.572  -7.975  -7.795  1.00 16.22 ? 142  TRP A O   1 
ATOM   1093 C CB  . TRP A 1 142 ? 10.316  -5.628  -6.769  1.00 14.47 ? 142  TRP A CB  1 
ATOM   1094 C CG  . TRP A 1 142 ? 10.245  -4.606  -5.706  1.00 13.66 ? 142  TRP A CG  1 
ATOM   1095 C CD1 . TRP A 1 142 ? 10.519  -4.771  -4.382  1.00 14.44 ? 142  TRP A CD1 1 
ATOM   1096 C CD2 . TRP A 1 142 ? 9.860   -3.245  -5.879  1.00 13.04 ? 142  TRP A CD2 1 
ATOM   1097 N NE1 . TRP A 1 142 ? 10.320  -3.584  -3.720  1.00 12.48 ? 142  TRP A NE1 1 
ATOM   1098 C CE2 . TRP A 1 142 ? 9.927   -2.624  -4.616  1.00 12.84 ? 142  TRP A CE2 1 
ATOM   1099 C CE3 . TRP A 1 142 ? 9.461   -2.469  -6.995  1.00 14.60 ? 142  TRP A CE3 1 
ATOM   1100 C CZ2 . TRP A 1 142 ? 9.598   -1.270  -4.415  1.00 15.20 ? 142  TRP A CZ2 1 
ATOM   1101 C CZ3 . TRP A 1 142 ? 9.163   -1.107  -6.807  1.00 16.38 ? 142  TRP A CZ3 1 
ATOM   1102 C CH2 . TRP A 1 142 ? 9.242   -0.526  -5.510  1.00 15.78 ? 142  TRP A CH2 1 
ATOM   1103 N N   . ASN A 1 143 ? 12.325  -6.820  -9.568  1.00 17.14 ? 143  ASN A N   1 
ATOM   1104 C CA  . ASN A 1 143 ? 12.562  -7.971  -10.415 1.00 19.38 ? 143  ASN A CA  1 
ATOM   1105 C C   . ASN A 1 143 ? 11.308  -8.783  -10.690 1.00 18.67 ? 143  ASN A C   1 
ATOM   1106 O O   . ASN A 1 143 ? 11.363  -10.010 -10.867 1.00 19.48 ? 143  ASN A O   1 
ATOM   1107 C CB  . ASN A 1 143 ? 13.663  -8.863  -9.829  1.00 20.73 ? 143  ASN A CB  1 
ATOM   1108 C CG  . ASN A 1 143 ? 15.012  -8.247  -9.976  1.00 23.55 ? 143  ASN A CG  1 
ATOM   1109 O OD1 . ASN A 1 143 ? 15.142  -7.157  -10.532 1.00 29.25 ? 143  ASN A OD1 1 
ATOM   1110 N ND2 . ASN A 1 143 ? 16.037  -8.911  -9.445  1.00 28.65 ? 143  ASN A ND2 1 
ATOM   1111 N N   . LEU A 1 144 ? 10.171  -8.090  -10.721 1.00 18.41 ? 144  LEU A N   1 
ATOM   1112 C CA  . LEU A 1 144 ? 8.883   -8.753  -10.968 1.00 19.51 ? 144  LEU A CA  1 
ATOM   1113 C C   . LEU A 1 144 ? 8.586   -8.570  -12.446 1.00 22.31 ? 144  LEU A C   1 
ATOM   1114 O O   . LEU A 1 144 ? 8.062   -7.548  -12.850 1.00 21.78 ? 144  LEU A O   1 
ATOM   1115 C CB  . LEU A 1 144 ? 7.798   -8.085  -10.118 1.00 18.47 ? 144  LEU A CB  1 
ATOM   1116 C CG  . LEU A 1 144 ? 7.818   -8.445  -8.615  1.00 19.44 ? 144  LEU A CG  1 
ATOM   1117 C CD1 . LEU A 1 144 ? 6.859   -7.614  -7.855  1.00 18.17 ? 144  LEU A CD1 1 
ATOM   1118 C CD2 . LEU A 1 144 ? 7.448   -9.872  -8.396  1.00 19.58 ? 144  LEU A CD2 1 
ATOM   1119 N N   . THR A 1 145 ? 8.989   -9.549  -13.246 1.00 25.33 ? 145  THR A N   1 
ATOM   1120 C CA  . THR A 1 145 ? 8.966   -9.414  -14.706 1.00 28.85 ? 145  THR A CA  1 
ATOM   1121 C C   . THR A 1 145 ? 7.762   -10.164 -15.232 1.00 30.69 ? 145  THR A C   1 
ATOM   1122 O O   . THR A 1 145 ? 7.205   -10.970 -14.508 1.00 33.00 ? 145  THR A O   1 
ATOM   1123 C CB  . THR A 1 145 ? 10.246  -10.025 -15.293 1.00 29.26 ? 145  THR A CB  1 
ATOM   1124 O OG1 . THR A 1 145 ? 10.415  -11.340 -14.751 1.00 29.86 ? 145  THR A OG1 1 
ATOM   1125 C CG2 . THR A 1 145 ? 11.500  -9.272  -14.770 1.00 28.66 ? 145  THR A CG2 1 
ATOM   1126 N N   . TRP A 1 146 ? 7.375   -9.925  -16.482 1.00 34.32 ? 146  TRP A N   1 
ATOM   1127 C CA  . TRP A 1 146 ? 6.251   -10.657 -17.055 1.00 37.04 ? 146  TRP A CA  1 
ATOM   1128 C C   . TRP A 1 146 ? 6.510   -11.646 -18.203 1.00 40.17 ? 146  TRP A C   1 
ATOM   1129 O O   . TRP A 1 146 ? 6.431   -12.860 -17.997 1.00 40.92 ? 146  TRP A O   1 
ATOM   1130 C CB  . TRP A 1 146 ? 5.093   -9.727  -17.396 1.00 35.98 ? 146  TRP A CB  1 
ATOM   1131 C CG  . TRP A 1 146 ? 3.793   -10.463 -17.347 1.00 34.48 ? 146  TRP A CG  1 
ATOM   1132 C CD1 . TRP A 1 146 ? 3.132   -11.034 -18.396 1.00 34.92 ? 146  TRP A CD1 1 
ATOM   1133 C CD2 . TRP A 1 146 ? 3.005   -10.735 -16.186 1.00 33.30 ? 146  TRP A CD2 1 
ATOM   1134 N NE1 . TRP A 1 146 ? 1.982   -11.642 -17.958 1.00 31.57 ? 146  TRP A NE1 1 
ATOM   1135 C CE2 . TRP A 1 146 ? 1.877   -11.474 -16.604 1.00 31.87 ? 146  TRP A CE2 1 
ATOM   1136 C CE3 . TRP A 1 146 ? 3.132   -10.422 -14.822 1.00 31.90 ? 146  TRP A CE3 1 
ATOM   1137 C CZ2 . TRP A 1 146 ? 0.881   -11.893 -15.717 1.00 31.09 ? 146  TRP A CZ2 1 
ATOM   1138 C CZ3 . TRP A 1 146 ? 2.141   -10.840 -13.942 1.00 31.75 ? 146  TRP A CZ3 1 
ATOM   1139 C CH2 . TRP A 1 146 ? 1.028   -11.573 -14.393 1.00 31.71 ? 146  TRP A CH2 1 
ATOM   1140 N N   . ASN A 1 147 ? 6.771   -11.156 -19.415 1.00 43.99 ? 147  ASN A N   1 
ATOM   1141 C CA  . ASN A 1 147 ? 6.702   -12.053 -20.578 1.00 47.06 ? 147  ASN A CA  1 
ATOM   1142 C C   . ASN A 1 147 ? 7.514   -11.723 -21.830 1.00 49.15 ? 147  ASN A C   1 
ATOM   1143 O O   . ASN A 1 147 ? 8.195   -10.697 -21.902 1.00 49.96 ? 147  ASN A O   1 
ATOM   1144 C CB  . ASN A 1 147 ? 5.233   -12.237 -20.993 1.00 47.18 ? 147  ASN A CB  1 
ATOM   1145 C CG  . ASN A 1 147 ? 4.555   -10.922 -21.363 1.00 47.55 ? 147  ASN A CG  1 
ATOM   1146 O OD1 . ASN A 1 147 ? 5.149   -9.838  -21.249 1.00 46.59 ? 147  ASN A OD1 1 
ATOM   1147 N ND2 . ASN A 1 147 ? 3.305   -11.009 -21.801 1.00 48.81 ? 147  ASN A ND2 1 
ATOM   1148 N N   . GLN A 1 148 ? 7.406   -12.632 -22.807 1.00 51.38 ? 148  GLN A N   1 
ATOM   1149 C CA  . GLN A 1 148 ? 7.871   -12.453 -24.194 1.00 53.22 ? 148  GLN A CA  1 
ATOM   1150 C C   . GLN A 1 148 ? 7.202   -11.286 -24.902 1.00 54.11 ? 148  GLN A C   1 
ATOM   1151 O O   . GLN A 1 148 ? 7.456   -11.049 -26.097 1.00 54.51 ? 148  GLN A O   1 
ATOM   1152 C CB  . GLN A 1 148 ? 7.593   -13.719 -25.017 1.00 53.37 ? 148  GLN A CB  1 
ATOM   1153 C CG  . GLN A 1 148 ? 6.109   -14.075 -25.158 1.00 54.11 ? 148  GLN A CG  1 
ATOM   1154 C CD  . GLN A 1 148 ? 5.561   -14.778 -23.921 1.00 54.82 ? 148  GLN A CD  1 
ATOM   1155 O OE1 . GLN A 1 148 ? 4.599   -14.310 -23.312 1.00 55.58 ? 148  GLN A OE1 1 
ATOM   1156 N NE2 . GLN A 1 148 ? 6.171   -15.901 -23.552 1.00 56.06 ? 148  GLN A NE2 1 
ATOM   1157 N N   . VAL A 1 149 ? 6.358   -10.581 -24.145 1.00 55.17 ? 149  VAL A N   1 
ATOM   1158 C CA  . VAL A 1 149 ? 5.419   -9.569  -24.629 1.00 55.95 ? 149  VAL A CA  1 
ATOM   1159 C C   . VAL A 1 149 ? 5.780   -8.844  -25.912 1.00 56.56 ? 149  VAL A C   1 
ATOM   1160 O O   . VAL A 1 149 ? 6.897   -8.322  -26.075 1.00 56.95 ? 149  VAL A O   1 
ATOM   1161 C CB  . VAL A 1 149 ? 5.125   -8.510  -23.548 1.00 56.08 ? 149  VAL A CB  1 
ATOM   1162 C CG1 . VAL A 1 149 ? 6.421   -7.827  -23.078 1.00 56.59 ? 149  VAL A CG1 1 
ATOM   1163 C CG2 . VAL A 1 149 ? 4.118   -7.512  -24.059 1.00 55.34 ? 149  VAL A CG2 1 
ATOM   1164 N N   . LEU A 1 150 ? 4.790   -8.811  -26.802 1.00 57.14 ? 150  LEU A N   1 
ATOM   1165 C CA  . LEU A 1 150 ? 4.905   -8.230  -28.125 1.00 57.34 ? 150  LEU A CA  1 
ATOM   1166 C C   . LEU A 1 150 ? 3.538   -7.713  -28.548 1.00 57.17 ? 150  LEU A C   1 
ATOM   1167 O O   . LEU A 1 150 ? 2.525   -8.371  -28.312 1.00 57.24 ? 150  LEU A O   1 
ATOM   1168 C CB  . LEU A 1 150 ? 5.381   -9.302  -29.100 1.00 57.63 ? 150  LEU A CB  1 
ATOM   1169 C CG  . LEU A 1 150 ? 6.074   -8.817  -30.365 1.00 58.00 ? 150  LEU A CG  1 
ATOM   1170 C CD1 . LEU A 1 150 ? 7.589   -8.841  -30.165 1.00 58.12 ? 150  LEU A CD1 1 
ATOM   1171 C CD2 . LEU A 1 150 ? 5.621   -9.687  -31.533 1.00 58.48 ? 150  LEU A CD2 1 
ATOM   1172 N N   . GLU A 1 151 ? 3.516   -6.530  -29.161 1.00 56.82 ? 151  GLU A N   1 
ATOM   1173 C CA  . GLU A 1 151 ? 2.277   -5.897  -29.637 1.00 56.33 ? 151  GLU A CA  1 
ATOM   1174 C C   . GLU A 1 151 ? 2.597   -4.918  -30.769 1.00 55.90 ? 151  GLU A C   1 
ATOM   1175 O O   . GLU A 1 151 ? 1.825   -4.776  -31.728 1.00 56.35 ? 151  GLU A O   1 
ATOM   1176 C CB  . GLU A 1 151 ? 1.545   -5.152  -28.508 1.00 56.42 ? 151  GLU A CB  1 
ATOM   1177 C CG  . GLU A 1 151 ? 1.815   -5.653  -27.096 1.00 56.01 ? 151  GLU A CG  1 
ATOM   1178 C CD  . GLU A 1 151 ? 0.549   -5.812  -26.282 1.00 56.57 ? 151  GLU A CD  1 
ATOM   1179 O OE1 . GLU A 1 151 ? 0.190   -6.960  -25.930 1.00 56.36 ? 151  GLU A OE1 1 
ATOM   1180 O OE2 . GLU A 1 151 ? -0.087  -4.780  -25.991 1.00 56.58 ? 151  GLU A OE2 1 
ATOM   1181 N N   . LEU A 1 152 ? 3.733   -4.236  -30.600 1.00 54.98 ? 152  LEU A N   1 
ATOM   1182 C CA  . LEU A 1 152 ? 4.371   -3.336  -31.568 1.00 53.73 ? 152  LEU A CA  1 
ATOM   1183 C C   . LEU A 1 152 ? 5.736   -3.020  -30.946 1.00 52.61 ? 152  LEU A C   1 
ATOM   1184 O O   . LEU A 1 152 ? 6.467   -2.131  -31.406 1.00 52.69 ? 152  LEU A O   1 
ATOM   1185 C CB  . LEU A 1 152 ? 3.551   -2.046  -31.749 1.00 53.79 ? 152  LEU A CB  1 
ATOM   1186 C CG  . LEU A 1 152 ? 2.788   -1.846  -33.063 1.00 53.63 ? 152  LEU A CG  1 
ATOM   1187 C CD1 . LEU A 1 152 ? 1.333   -1.471  -32.789 1.00 53.37 ? 152  LEU A CD1 1 
ATOM   1188 C CD2 . LEU A 1 152 ? 3.464   -0.802  -33.934 1.00 53.29 ? 152  LEU A CD2 1 
ATOM   1189 N N   . GLY A 1 153 ? 6.080   -3.797  -29.918 1.00 50.76 ? 153  GLY A N   1 
ATOM   1190 C CA  . GLY A 1 153 ? 7.119   -3.448  -28.962 1.00 49.02 ? 153  GLY A CA  1 
ATOM   1191 C C   . GLY A 1 153 ? 6.453   -3.144  -27.625 1.00 47.50 ? 153  GLY A C   1 
ATOM   1192 O O   . GLY A 1 153 ? 7.040   -3.370  -26.551 1.00 48.53 ? 153  GLY A O   1 
ATOM   1193 N N   . ALA A 1 154 ? 5.216   -2.639  -27.720 1.00 44.89 ? 154  ALA A N   1 
ATOM   1194 C CA  . ALA A 1 154 ? 4.308   -2.330  -26.610 1.00 41.93 ? 154  ALA A CA  1 
ATOM   1195 C C   . ALA A 1 154 ? 4.164   -3.485  -25.604 1.00 39.57 ? 154  ALA A C   1 
ATOM   1196 O O   . ALA A 1 154 ? 4.734   -4.568  -25.801 1.00 39.92 ? 154  ALA A O   1 
ATOM   1197 C CB  . ALA A 1 154 ? 2.929   -1.928  -27.172 1.00 42.22 ? 154  ALA A CB  1 
ATOM   1198 N N   . LEU A 1 155 ? 3.388   -3.264  -24.537 1.00 35.96 ? 155  LEU A N   1 
ATOM   1199 C CA  . LEU A 1 155 ? 3.341   -4.214  -23.424 1.00 31.34 ? 155  LEU A CA  1 
ATOM   1200 C C   . LEU A 1 155 ? 1.974   -4.807  -23.117 1.00 29.05 ? 155  LEU A C   1 
ATOM   1201 O O   . LEU A 1 155 ? 0.991   -4.078  -22.999 1.00 27.10 ? 155  LEU A O   1 
ATOM   1202 C CB  . LEU A 1 155 ? 3.887   -3.550  -22.159 1.00 31.29 ? 155  LEU A CB  1 
ATOM   1203 C CG  . LEU A 1 155 ? 5.352   -3.120  -22.191 1.00 31.17 ? 155  LEU A CG  1 
ATOM   1204 C CD1 . LEU A 1 155 ? 5.741   -2.570  -20.835 1.00 31.89 ? 155  LEU A CD1 1 
ATOM   1205 C CD2 . LEU A 1 155 ? 6.266   -4.281  -22.620 1.00 29.95 ? 155  LEU A CD2 1 
ATOM   1206 N N   . LEU A 1 156 ? 1.927   -6.129  -22.971 1.00 25.79 ? 156  LEU A N   1 
ATOM   1207 C CA  . LEU A 1 156 ? 0.708   -6.789  -22.517 1.00 24.39 ? 156  LEU A CA  1 
ATOM   1208 C C   . LEU A 1 156 ? 0.419   -6.309  -21.105 1.00 22.49 ? 156  LEU A C   1 
ATOM   1209 O O   . LEU A 1 156 ? -0.729  -5.963  -20.780 1.00 20.49 ? 156  LEU A O   1 
ATOM   1210 C CB  . LEU A 1 156 ? 0.859   -8.312  -22.514 1.00 24.77 ? 156  LEU A CB  1 
ATOM   1211 C CG  . LEU A 1 156 ? -0.351  -9.119  -22.004 1.00 28.02 ? 156  LEU A CG  1 
ATOM   1212 C CD1 . LEU A 1 156 ? -1.437  -9.284  -23.069 1.00 32.07 ? 156  LEU A CD1 1 
ATOM   1213 C CD2 . LEU A 1 156 ? 0.081   -10.487 -21.453 1.00 30.12 ? 156  LEU A CD2 1 
ATOM   1214 N N   . VAL A 1 157 ? 1.463   -6.303  -20.281 1.00 20.44 ? 157  VAL A N   1 
ATOM   1215 C CA  . VAL A 1 157 ? 1.305   -5.923  -18.876 1.00 20.55 ? 157  VAL A CA  1 
ATOM   1216 C C   . VAL A 1 157 ? 2.277   -4.816  -18.592 1.00 19.46 ? 157  VAL A C   1 
ATOM   1217 O O   . VAL A 1 157 ? 3.496   -4.982  -18.756 1.00 19.87 ? 157  VAL A O   1 
ATOM   1218 C CB  . VAL A 1 157 ? 1.590   -7.097  -17.918 1.00 19.48 ? 157  VAL A CB  1 
ATOM   1219 C CG1 . VAL A 1 157 ? 1.554   -6.626  -16.437 1.00 20.86 ? 157  VAL A CG1 1 
ATOM   1220 C CG2 . VAL A 1 157 ? 0.626   -8.250  -18.137 1.00 20.98 ? 157  VAL A CG2 1 
ATOM   1221 N N   . GLY A 1 158 ? 1.739   -3.686  -18.166 1.00 19.14 ? 158  GLY A N   1 
ATOM   1222 C CA  . GLY A 1 158 ? 2.524   -2.497  -17.954 1.00 17.80 ? 158  GLY A CA  1 
ATOM   1223 C C   . GLY A 1 158 ? 3.522   -2.676  -16.846 1.00 17.61 ? 158  GLY A C   1 
ATOM   1224 O O   . GLY A 1 158 ? 3.351   -3.551  -15.974 1.00 16.78 ? 158  GLY A O   1 
ATOM   1225 N N   . GLU A 1 159 ? 4.556   -1.838  -16.856 1.00 17.66 ? 159  GLU A N   1 
ATOM   1226 C CA  . GLU A 1 159 ? 5.552   -1.844  -15.773 1.00 17.80 ? 159  GLU A CA  1 
ATOM   1227 C C   . GLU A 1 159 ? 5.077   -1.062  -14.565 1.00 18.07 ? 159  GLU A C   1 
ATOM   1228 O O   . GLU A 1 159 ? 5.404   -1.426  -13.420 1.00 16.94 ? 159  GLU A O   1 
ATOM   1229 C CB  . GLU A 1 159 ? 6.894   -1.296  -16.264 1.00 18.24 ? 159  GLU A CB  1 
ATOM   1230 C CG  . GLU A 1 159 ? 7.493   -2.120  -17.410 1.00 20.89 ? 159  GLU A CG  1 
ATOM   1231 C CD  . GLU A 1 159 ? 8.788   -1.512  -17.923 1.00 24.33 ? 159  GLU A CD  1 
ATOM   1232 O OE1 . GLU A 1 159 ? 9.356   -2.045  -18.918 1.00 26.99 ? 159  GLU A OE1 1 
ATOM   1233 O OE2 . GLU A 1 159 ? 9.226   -0.504  -17.312 1.00 25.89 ? 159  GLU A OE2 1 
ATOM   1234 N N   . GLU A 1 160 ? 4.314   0.013   -14.799 1.00 17.66 ? 160  GLU A N   1 
ATOM   1235 C CA  . GLU A 1 160 ? 3.907   0.932   -13.722 1.00 19.28 ? 160  GLU A CA  1 
ATOM   1236 C C   . GLU A 1 160 ? 2.718   0.369   -12.942 1.00 19.61 ? 160  GLU A C   1 
ATOM   1237 O O   . GLU A 1 160 ? 1.719   -0.080  -13.538 1.00 21.50 ? 160  GLU A O   1 
ATOM   1238 C CB  . GLU A 1 160 ? 3.570   2.342   -14.250 1.00 21.00 ? 160  GLU A CB  1 
ATOM   1239 C CG  . GLU A 1 160 ? 3.126   3.282   -13.126 1.00 27.06 ? 160  GLU A CG  1 
ATOM   1240 C CD  . GLU A 1 160 ? 2.763   4.711   -13.558 1.00 34.00 ? 160  GLU A CD  1 
ATOM   1241 O OE1 . GLU A 1 160 ? 2.380   4.958   -14.728 1.00 39.18 ? 160  GLU A OE1 1 
ATOM   1242 O OE2 . GLU A 1 160 ? 2.840   5.607   -12.693 1.00 37.68 ? 160  GLU A OE2 1 
ATOM   1243 N N   . VAL A 1 161 ? 2.836   0.386   -11.618 1.00 17.88 ? 161  VAL A N   1 
ATOM   1244 C CA  . VAL A 1 161 ? 1.739   -0.034  -10.765 1.00 17.38 ? 161  VAL A CA  1 
ATOM   1245 C C   . VAL A 1 161 ? 1.317   1.207   -9.972  1.00 17.60 ? 161  VAL A C   1 
ATOM   1246 O O   . VAL A 1 161 ? 2.030   1.669   -9.097  1.00 17.43 ? 161  VAL A O   1 
ATOM   1247 C CB  . VAL A 1 161 ? 2.120   -1.218  -9.836  1.00 17.14 ? 161  VAL A CB  1 
ATOM   1248 C CG1 . VAL A 1 161 ? 0.903   -1.702  -9.050  1.00 15.47 ? 161  VAL A CG1 1 
ATOM   1249 C CG2 . VAL A 1 161 ? 2.690   -2.365  -10.632 1.00 19.68 ? 161  VAL A CG2 1 
ATOM   1250 N N   . LYS A 1 162 ? 0.158   1.746   -10.332 1.00 16.65 ? 162  LYS A N   1 
ATOM   1251 C CA  . LYS A 1 162 ? -0.396  2.928   -9.686  1.00 17.71 ? 162  LYS A CA  1 
ATOM   1252 C C   . LYS A 1 162 ? -1.185  2.424   -8.533  1.00 18.60 ? 162  LYS A C   1 
ATOM   1253 O O   . LYS A 1 162 ? -1.814  1.378   -8.647  1.00 18.25 ? 162  LYS A O   1 
ATOM   1254 C CB  . LYS A 1 162 ? -1.328  3.643   -10.669 1.00 18.79 ? 162  LYS A CB  1 
ATOM   1255 C CG  . LYS A 1 162 ? -0.628  4.566   -11.608 1.00 23.70 ? 162  LYS A CG  1 
ATOM   1256 C CD  . LYS A 1 162 ? -1.595  5.665   -12.070 1.00 29.99 ? 162  LYS A CD  1 
ATOM   1257 C CE  . LYS A 1 162 ? -1.626  5.784   -13.567 1.00 32.18 ? 162  LYS A CE  1 
ATOM   1258 N NZ  . LYS A 1 162 ? -0.250  5.821   -14.117 1.00 36.38 ? 162  LYS A NZ  1 
ATOM   1259 N N   . PHE A 1 163 ? -1.143  3.100   -7.388  1.00 17.36 ? 163  PHE A N   1 
ATOM   1260 C CA  . PHE A 1 163 ? -1.942  2.581   -6.265  1.00 17.42 ? 163  PHE A CA  1 
ATOM   1261 C C   . PHE A 1 163 ? -2.592  3.683   -5.446  1.00 16.89 ? 163  PHE A C   1 
ATOM   1262 O O   . PHE A 1 163 ? -2.131  4.825   -5.458  1.00 17.24 ? 163  PHE A O   1 
ATOM   1263 C CB  . PHE A 1 163 ? -1.128  1.655   -5.369  1.00 18.59 ? 163  PHE A CB  1 
ATOM   1264 C CG  . PHE A 1 163 ? 0.089   2.306   -4.793  1.00 19.06 ? 163  PHE A CG  1 
ATOM   1265 C CD1 . PHE A 1 163 ? -0.013  3.073   -3.629  1.00 23.33 ? 163  PHE A CD1 1 
ATOM   1266 C CD2 . PHE A 1 163 ? 1.337   2.201   -5.440  1.00 21.95 ? 163  PHE A CD2 1 
ATOM   1267 C CE1 . PHE A 1 163 ? 1.098   3.716   -3.090  1.00 25.87 ? 163  PHE A CE1 1 
ATOM   1268 C CE2 . PHE A 1 163 ? 2.453   2.827   -4.898  1.00 21.98 ? 163  PHE A CE2 1 
ATOM   1269 C CZ  . PHE A 1 163 ? 2.341   3.581   -3.736  1.00 22.20 ? 163  PHE A CZ  1 
ATOM   1270 N N   . ASN A 1 164 ? -3.686  3.323   -4.773  1.00 17.46 ? 164  ASN A N   1 
ATOM   1271 C CA  . ASN A 1 164 ? -4.408  4.236   -3.899  1.00 19.41 ? 164  ASN A CA  1 
ATOM   1272 C C   . ASN A 1 164 ? -4.682  3.555   -2.587  1.00 18.13 ? 164  ASN A C   1 
ATOM   1273 O O   . ASN A 1 164 ? -5.075  2.383   -2.540  1.00 19.16 ? 164  ASN A O   1 
ATOM   1274 C CB  . ASN A 1 164 ? -5.747  4.687   -4.546  1.00 20.49 ? 164  ASN A CB  1 
ATOM   1275 C CG  . ASN A 1 164 ? -5.541  5.678   -5.671  1.00 27.30 ? 164  ASN A CG  1 
ATOM   1276 O OD1 . ASN A 1 164 ? -5.298  6.871   -5.441  1.00 34.21 ? 164  ASN A OD1 1 
ATOM   1277 N ND2 . ASN A 1 164 ? -5.614  5.187   -6.917  1.00 33.18 ? 164  ASN A ND2 1 
ATOM   1278 N N   . LEU A 1 165 ? -4.443  4.270   -1.495  1.00 17.41 ? 165  LEU A N   1 
ATOM   1279 C CA  . LEU A 1 165 ? -4.674  3.702   -0.165  1.00 17.32 ? 165  LEU A CA  1 
ATOM   1280 C C   . LEU A 1 165 ? -5.798  4.481   0.492   1.00 15.98 ? 165  LEU A C   1 
ATOM   1281 O O   . LEU A 1 165 ? -5.830  5.694   0.346   1.00 16.65 ? 165  LEU A O   1 
ATOM   1282 C CB  . LEU A 1 165 ? -3.412  3.804   0.695   1.00 16.87 ? 165  LEU A CB  1 
ATOM   1283 C CG  . LEU A 1 165 ? -2.087  3.387   0.054   1.00 17.15 ? 165  LEU A CG  1 
ATOM   1284 C CD1 . LEU A 1 165 ? -0.867  3.646   0.963   1.00 20.47 ? 165  LEU A CD1 1 
ATOM   1285 C CD2 . LEU A 1 165 ? -2.138  1.908   -0.427  1.00 19.46 ? 165  LEU A CD2 1 
ATOM   1286 N N   . GLU A 1 166 ? -6.730  3.791   1.148   1.00 15.45 ? 166  GLU A N   1 
ATOM   1287 C CA  . GLU A 1 166 ? -7.695  4.431   2.080   1.00 16.99 ? 166  GLU A CA  1 
ATOM   1288 C C   . GLU A 1 166 ? -7.422  3.850   3.453   1.00 17.09 ? 166  GLU A C   1 
ATOM   1289 O O   . GLU A 1 166 ? -7.457  2.632   3.622   1.00 18.32 ? 166  GLU A O   1 
ATOM   1290 C CB  . GLU A 1 166 ? -9.150  4.128   1.681   1.00 17.97 ? 166  GLU A CB  1 
ATOM   1291 C CG  . GLU A 1 166 ? -9.582  4.680   0.327   1.00 23.64 ? 166  GLU A CG  1 
ATOM   1292 C CD  . GLU A 1 166 ? -9.476  6.187   0.221   1.00 29.49 ? 166  GLU A CD  1 
ATOM   1293 O OE1 . GLU A 1 166 ? -9.330  6.688   -0.925  1.00 33.94 ? 166  GLU A OE1 1 
ATOM   1294 O OE2 . GLU A 1 166 ? -9.512  6.863   1.272   1.00 30.65 ? 166  GLU A OE2 1 
ATOM   1295 N N   . VAL A 1 167 ? -7.107  4.693   4.441   1.00 15.06 ? 167  VAL A N   1 
ATOM   1296 C CA  . VAL A 1 167 ? -6.666  4.156   5.735   1.00 15.43 ? 167  VAL A CA  1 
ATOM   1297 C C   . VAL A 1 167 ? -7.573  4.663   6.872   1.00 15.10 ? 167  VAL A C   1 
ATOM   1298 O O   . VAL A 1 167 ? -7.965  5.814   6.851   1.00 16.45 ? 167  VAL A O   1 
ATOM   1299 C CB  . VAL A 1 167 ? -5.196  4.580   5.986   1.00 16.32 ? 167  VAL A CB  1 
ATOM   1300 C CG1 . VAL A 1 167 ? -4.652  4.016   7.222   1.00 19.00 ? 167  VAL A CG1 1 
ATOM   1301 C CG2 . VAL A 1 167 ? -4.315  4.167   4.784   1.00 18.23 ? 167  VAL A CG2 1 
ATOM   1302 N N   . GLU A 1 168 ? -7.887  3.793   7.837   1.00 15.18 ? 168  GLU A N   1 
ATOM   1303 C CA  . GLU A 1 168 ? -8.445  4.202   9.126   1.00 15.21 ? 168  GLU A CA  1 
ATOM   1304 C C   . GLU A 1 168 ? -7.545  3.650   10.201  1.00 14.75 ? 168  GLU A C   1 
ATOM   1305 O O   . GLU A 1 168 ? -7.095  2.485   10.117  1.00 15.78 ? 168  GLU A O   1 
ATOM   1306 C CB  . GLU A 1 168 ? -9.868  3.675   9.305   1.00 15.07 ? 168  GLU A CB  1 
ATOM   1307 C CG  . GLU A 1 168 ? -10.817 4.232   8.239   1.00 17.23 ? 168  GLU A CG  1 
ATOM   1308 C CD  . GLU A 1 168 ? -12.299 3.960   8.496   1.00 21.84 ? 168  GLU A CD  1 
ATOM   1309 O OE1 . GLU A 1 168 ? -13.079 4.092   7.522   1.00 21.22 ? 168  GLU A OE1 1 
ATOM   1310 O OE2 . GLU A 1 168 ? -12.700 3.631   9.634   1.00 20.14 ? 168  GLU A OE2 1 
ATOM   1311 N N   . ALA A 1 169 ? -7.259  4.482   11.217  1.00 14.05 ? 169  ALA A N   1 
ATOM   1312 C CA  . ALA A 1 169 ? -6.398  4.100   12.313  1.00 14.80 ? 169  ALA A CA  1 
ATOM   1313 C C   . ALA A 1 169 ? -7.099  4.471   13.617  1.00 16.28 ? 169  ALA A C   1 
ATOM   1314 O O   . ALA A 1 169 ? -7.936  5.355   13.620  1.00 16.90 ? 169  ALA A O   1 
ATOM   1315 C CB  . ALA A 1 169 ? -5.062  4.774   12.208  1.00 14.49 ? 169  ALA A CB  1 
ATOM   1316 N N   . VAL A 1 170 ? -6.761  3.770   14.683  1.00 16.42 ? 170  VAL A N   1 
ATOM   1317 C CA  . VAL A 1 170 ? -7.471  3.866   15.967  1.00 18.87 ? 170  VAL A CA  1 
ATOM   1318 C C   . VAL A 1 170 ? -6.491  3.969   17.140  1.00 20.23 ? 170  VAL A C   1 
ATOM   1319 O O   . VAL A 1 170 ? -5.429  3.381   17.119  1.00 19.62 ? 170  VAL A O   1 
ATOM   1320 C CB  . VAL A 1 170 ? -8.423  2.647   16.130  1.00 19.79 ? 170  VAL A CB  1 
ATOM   1321 C CG1 . VAL A 1 170 ? -8.845  2.441   17.547  1.00 22.50 ? 170  VAL A CG1 1 
ATOM   1322 C CG2 . VAL A 1 170 ? -9.630  2.816   15.219  1.00 17.14 ? 170  VAL A CG2 1 
ATOM   1323 N N   . ALA A 1 171 ? -6.891  4.713   18.169  1.00 22.39 ? 171  ALA A N   1 
ATOM   1324 C CA  . ALA A 1 171 ? -6.219  4.703   19.464  1.00 25.20 ? 171  ALA A CA  1 
ATOM   1325 C C   . ALA A 1 171 ? -7.272  4.598   20.600  1.00 28.36 ? 171  ALA A C   1 
ATOM   1326 O O   . ALA A 1 171 ? -8.398  5.064   20.411  1.00 27.82 ? 171  ALA A O   1 
ATOM   1327 C CB  . ALA A 1 171 ? -5.418  5.956   19.601  1.00 24.32 ? 171  ALA A CB  1 
ATOM   1328 N N   . PRO A 1 172 ? -6.913  4.013   21.753  1.00 31.06 ? 172  PRO A N   1 
ATOM   1329 C CA  . PRO A 1 172 ? -7.842  3.892   22.884  1.00 34.09 ? 172  PRO A CA  1 
ATOM   1330 C C   . PRO A 1 172 ? -8.353  5.251   23.337  1.00 37.02 ? 172  PRO A C   1 
ATOM   1331 O O   . PRO A 1 172 ? -7.673  6.258   23.084  1.00 37.31 ? 172  PRO A O   1 
ATOM   1332 C CB  . PRO A 1 172 ? -6.974  3.257   23.975  1.00 33.38 ? 172  PRO A CB  1 
ATOM   1333 C CG  . PRO A 1 172 ? -5.931  2.494   23.211  1.00 33.70 ? 172  PRO A CG  1 
ATOM   1334 C CD  . PRO A 1 172 ? -5.597  3.427   22.086  1.00 31.49 ? 172  PRO A CD  1 
ATOM   1335 N N   . ALA A 1 173 ? -9.536  5.240   23.969  1.00 40.60 ? 173  ALA A N   1 
ATOM   1336 C CA  . ALA A 1 173 ? -10.294 6.397   24.497  1.00 44.15 ? 173  ALA A CA  1 
ATOM   1337 C C   . ALA A 1 173 ? -9.513  7.708   24.702  1.00 46.93 ? 173  ALA A C   1 
ATOM   1338 O O   . ALA A 1 173 ? -8.479  7.908   24.073  1.00 47.73 ? 173  ALA A O   1 
ATOM   1339 C CB  . ALA A 1 173 ? -11.012 5.978   25.795  1.00 43.69 ? 173  ALA A CB  1 
ATOM   1340 N N   . PRO A 1 174 ? -9.993  8.627   25.547  1.00 49.33 ? 174  PRO A N   1 
ATOM   1341 C CA  . PRO A 1 174 ? -9.142  9.743   25.975  1.00 50.89 ? 174  PRO A CA  1 
ATOM   1342 C C   . PRO A 1 174 ? -8.011  9.271   26.888  1.00 52.45 ? 174  PRO A C   1 
ATOM   1343 O O   . PRO A 1 174 ? -7.495  10.091  27.655  1.00 53.03 ? 174  PRO A O   1 
ATOM   1344 C CB  . PRO A 1 174 ? -10.105 10.624  26.771  1.00 50.82 ? 174  PRO A CB  1 
ATOM   1345 C CG  . PRO A 1 174 ? -11.137 9.674   27.281  1.00 50.83 ? 174  PRO A CG  1 
ATOM   1346 C CD  . PRO A 1 174 ? -11.355 8.739   26.116  1.00 49.68 ? 174  PRO A CD  1 
ATOM   1347 N N   . VAL A 1 175 ? -7.644  7.987   26.818  1.00 53.76 ? 175  VAL A N   1 
ATOM   1348 C CA  . VAL A 1 175 ? -6.656  7.411   27.737  1.00 55.01 ? 175  VAL A CA  1 
ATOM   1349 C C   . VAL A 1 175 ? -5.838  6.266   27.126  1.00 55.65 ? 175  VAL A C   1 
ATOM   1350 O O   . VAL A 1 175 ? -6.325  5.130   27.021  1.00 55.92 ? 175  VAL A O   1 
ATOM   1351 C CB  . VAL A 1 175 ? -7.303  6.902   29.053  1.00 54.97 ? 175  VAL A CB  1 
ATOM   1352 C CG1 . VAL A 1 175 ? -6.390  7.180   30.223  1.00 55.02 ? 175  VAL A CG1 1 
ATOM   1353 C CG2 . VAL A 1 175 ? -8.699  7.499   29.278  1.00 55.31 ? 175  VAL A CG2 1 
ATOM   1354 N N   . ALA A 1 176 ? -4.593  6.571   26.749  1.00 56.12 ? 176  ALA A N   1 
ATOM   1355 C CA  . ALA A 1 176 ? -3.667  5.582   26.190  1.00 56.55 ? 176  ALA A CA  1 
ATOM   1356 C C   . ALA A 1 176 ? -2.371  5.504   27.001  1.00 56.92 ? 176  ALA A C   1 
ATOM   1357 O O   . ALA A 1 176 ? -1.967  4.428   27.457  1.00 57.18 ? 176  ALA A O   1 
ATOM   1358 C CB  . ALA A 1 176 ? -3.362  5.900   24.732  1.00 56.61 ? 176  ALA A CB  1 
HETATM 1359 O O7  . OTP B 2 .   ? -1.993  -13.162 -15.430 1.00 53.04 ? 1001 OTP A O7  1 
HETATM 1360 P P2  . OTP B 2 .   ? -2.459  -13.737 -16.752 1.00 50.08 ? 1001 OTP A P2  1 
HETATM 1361 O O5  . OTP B 2 .   ? -1.401  -14.526 -17.478 1.00 53.57 ? 1001 OTP A O5  1 
HETATM 1362 O O6  . OTP B 2 .   ? -3.808  -14.426 -16.703 1.00 52.75 ? 1001 OTP A O6  1 
HETATM 1363 O O4  . OTP B 2 .   ? -2.637  -12.409 -17.671 1.00 46.72 ? 1001 OTP A O4  1 
HETATM 1364 P P1  . OTP B 2 .   ? -4.022  -11.577 -17.891 1.00 40.96 ? 1001 OTP A P1  1 
HETATM 1365 O O2  . OTP B 2 .   ? -3.926  -10.974 -19.280 1.00 39.96 ? 1001 OTP A O2  1 
HETATM 1366 O O3  . OTP B 2 .   ? -5.184  -12.498 -17.624 1.00 40.73 ? 1001 OTP A O3  1 
HETATM 1367 O O1  . OTP B 2 .   ? -3.936  -10.346 -16.851 1.00 38.54 ? 1001 OTP A O1  1 
HETATM 1368 C C40 . OTP B 2 .   ? -3.113  -9.201  -17.072 1.00 34.06 ? 1001 OTP A C40 1 
HETATM 1369 C C39 . OTP B 2 .   ? -2.304  -8.925  -15.802 1.00 27.23 ? 1001 OTP A C39 1 
HETATM 1370 C C37 . OTP B 2 .   ? -1.821  -7.491  -15.618 1.00 24.60 ? 1001 OTP A C37 1 
HETATM 1371 C C38 . OTP B 2 .   ? -2.461  -6.443  -16.522 1.00 26.55 ? 1001 OTP A C38 1 
HETATM 1372 C C36 . OTP B 2 .   ? -1.908  -7.123  -14.142 1.00 24.89 ? 1001 OTP A C36 1 
HETATM 1373 C C35 . OTP B 2 .   ? -1.273  -8.203  -13.265 1.00 23.82 ? 1001 OTP A C35 1 
HETATM 1374 C C34 . OTP B 2 .   ? -1.040  -7.482  -11.954 1.00 24.55 ? 1001 OTP A C34 1 
HETATM 1375 C C32 . OTP B 2 .   ? 0.131   -7.000  -11.480 1.00 24.48 ? 1001 OTP A C32 1 
HETATM 1376 C C33 . OTP B 2 .   ? 1.446   -7.128  -12.225 1.00 25.55 ? 1001 OTP A C33 1 
HETATM 1377 C C31 . OTP B 2 .   ? 0.033   -6.265  -10.140 1.00 29.19 ? 1001 OTP A C31 1 
HETATM 1378 C C30 . OTP B 2 .   ? 1.222   -6.194  -9.228  1.00 28.74 ? 1001 OTP A C30 1 
HETATM 1379 C C29 . OTP B 2 .   ? 1.203   -5.717  -7.947  1.00 25.60 ? 1001 OTP A C29 1 
HETATM 1380 C C27 . OTP B 2 .   ? 2.369   -5.763  -7.258  1.00 24.69 ? 1001 OTP A C27 1 
HETATM 1381 C C28 . OTP B 2 .   ? 3.593   -6.274  -7.913  1.00 25.15 ? 1001 OTP A C28 1 
HETATM 1382 C C26 . OTP B 2 .   ? 2.696   -5.318  -5.833  1.00 27.13 ? 1001 OTP A C26 1 
HETATM 1383 C C25 . OTP B 2 .   ? 2.050   -4.081  -5.341  1.00 29.54 ? 1001 OTP A C25 1 
HETATM 1384 C C24 . OTP B 2 .   ? 2.140   -3.687  -4.054  1.00 23.93 ? 1001 OTP A C24 1 
HETATM 1385 C C22 . OTP B 2 .   ? 1.446   -2.582  -3.725  1.00 21.12 ? 1001 OTP A C22 1 
HETATM 1386 C C23 . OTP B 2 .   ? 0.586   -1.897  -4.765  1.00 20.72 ? 1001 OTP A C23 1 
HETATM 1387 C C21 . OTP B 2 .   ? 1.392   -2.039  -2.302  1.00 19.58 ? 1001 OTP A C21 1 
HETATM 1388 C C20 . OTP B 2 .   ? 2.110   -0.761  -1.938  1.00 23.86 ? 1001 OTP A C20 1 
HETATM 1389 C C19 . OTP B 2 .   ? 1.980   -0.332  -0.655  1.00 20.03 ? 1001 OTP A C19 1 
HETATM 1390 C C17 . OTP B 2 .   ? 2.621   0.761   -0.247  1.00 18.84 ? 1001 OTP A C17 1 
HETATM 1391 C C18 . OTP B 2 .   ? 3.515   1.452   -1.229  1.00 21.34 ? 1001 OTP A C18 1 
HETATM 1392 C C16 . OTP B 2 .   ? 2.553   1.295   1.181   1.00 18.85 ? 1001 OTP A C16 1 
HETATM 1393 C C15 . OTP B 2 .   ? 1.412   0.878   2.107   1.00 18.74 ? 1001 OTP A C15 1 
HETATM 1394 C C14 . OTP B 2 .   ? 1.275   1.643   3.243   1.00 14.33 ? 1001 OTP A C14 1 
HETATM 1395 C C12 . OTP B 2 .   ? 0.288   1.522   4.163   1.00 17.20 ? 1001 OTP A C12 1 
HETATM 1396 C C13 . OTP B 2 .   ? -0.735  0.436   3.965   1.00 18.59 ? 1001 OTP A C13 1 
HETATM 1397 C C11 . OTP B 2 .   ? 0.125   2.407   5.408   1.00 18.53 ? 1001 OTP A C11 1 
HETATM 1398 C C10 . OTP B 2 .   ? -0.387  3.803   5.015   1.00 21.10 ? 1001 OTP A C10 1 
HETATM 1399 C C9  . OTP B 2 .   ? -0.373  4.803   5.960   1.00 21.42 ? 1001 OTP A C9  1 
HETATM 1400 C C7  . OTP B 2 .   ? -0.675  6.111   5.789   1.00 19.93 ? 1001 OTP A C7  1 
HETATM 1401 C C8  . OTP B 2 .   ? -1.078  6.698   4.482   1.00 23.15 ? 1001 OTP A C8  1 
HETATM 1402 C C6  . OTP B 2 .   ? -0.578  7.152   6.916   1.00 21.64 ? 1001 OTP A C6  1 
HETATM 1403 C C5  . OTP B 2 .   ? -1.774  7.411   7.768   1.00 24.62 ? 1001 OTP A C5  1 
HETATM 1404 C C4  . OTP B 2 .   ? -1.766  8.373   8.733   1.00 20.91 ? 1001 OTP A C4  1 
HETATM 1405 C C2  . OTP B 2 .   ? -2.808  8.533   9.567   1.00 22.90 ? 1001 OTP A C2  1 
HETATM 1406 C C3  . OTP B 2 .   ? -4.058  7.699   9.470   1.00 22.80 ? 1001 OTP A C3  1 
HETATM 1407 C C1  . OTP B 2 .   ? -2.713  9.575   10.628  1.00 18.91 ? 1001 OTP A C1  1 
HETATM 1408 O O   . HOH C 3 .   ? -2.823  -2.903  12.885  1.00 14.09 ? 1002 HOH A O   1 
HETATM 1409 O O   . HOH C 3 .   ? 8.818   -10.104 1.937   1.00 17.09 ? 1003 HOH A O   1 
HETATM 1410 O O   . HOH C 3 .   ? 7.566   -12.250 3.305   1.00 13.78 ? 1004 HOH A O   1 
HETATM 1411 O O   . HOH C 3 .   ? 5.212   -12.176 -1.930  1.00 13.39 ? 1005 HOH A O   1 
HETATM 1412 O O   . HOH C 3 .   ? 6.422   -9.962  -0.860  1.00 14.70 ? 1006 HOH A O   1 
HETATM 1413 O O   . HOH C 3 .   ? 10.337  -2.485  4.069   1.00 15.32 ? 1007 HOH A O   1 
HETATM 1414 O O   . HOH C 3 .   ? 5.090   12.336  -5.214  1.00 18.79 ? 1008 HOH A O   1 
HETATM 1415 O O   . HOH C 3 .   ? 4.652   -18.451 4.183   1.00 20.50 ? 1009 HOH A O   1 
HETATM 1416 O O   . HOH C 3 .   ? 1.370   -8.043  10.507  1.00 22.46 ? 1010 HOH A O   1 
HETATM 1417 O O   . HOH C 3 .   ? 3.718   -19.095 -3.837  1.00 19.62 ? 1011 HOH A O   1 
HETATM 1418 O O   . HOH C 3 .   ? 15.170  -6.742  1.366   0.50 12.26 ? 1012 HOH A O   1 
HETATM 1419 O O   . HOH C 3 .   ? 0.926   19.398  6.338   1.00 20.71 ? 1013 HOH A O   1 
HETATM 1420 O O   . HOH C 3 .   ? 7.523   5.676   -5.663  1.00 21.04 ? 1014 HOH A O   1 
HETATM 1421 O O   . HOH C 3 .   ? 4.780   7.532   -5.776  1.00 22.17 ? 1015 HOH A O   1 
HETATM 1422 O O   . HOH C 3 .   ? 5.630   15.047  9.683   1.00 27.54 ? 1016 HOH A O   1 
HETATM 1423 O O   . HOH C 3 .   ? 3.793   -9.575  10.486  1.00 20.76 ? 1017 HOH A O   1 
HETATM 1424 O O   . HOH C 3 .   ? -6.823  -4.438  4.678   1.00 22.32 ? 1018 HOH A O   1 
HETATM 1425 O O   . HOH C 3 .   ? 9.416   8.093   9.123   1.00 19.20 ? 1019 HOH A O   1 
HETATM 1426 O O   . HOH C 3 .   ? -7.153  -8.212  -1.577  1.00 22.16 ? 1020 HOH A O   1 
HETATM 1427 O O   . HOH C 3 .   ? -0.824  -2.611  14.907  1.00 23.46 ? 1021 HOH A O   1 
HETATM 1428 O O   . HOH C 3 .   ? 4.659   3.370   13.448  1.00 28.80 ? 1022 HOH A O   1 
HETATM 1429 O O   . HOH C 3 .   ? 1.408   -16.937 2.038   1.00 21.82 ? 1023 HOH A O   1 
HETATM 1430 O O   . HOH C 3 .   ? 12.473  -1.921  5.709   1.00 24.64 ? 1024 HOH A O   1 
HETATM 1431 O O   . HOH C 3 .   ? -7.786  -3.549  0.047   1.00 25.19 ? 1025 HOH A O   1 
HETATM 1432 O O   . HOH C 3 .   ? 9.655   1.993   -8.738  1.00 20.18 ? 1026 HOH A O   1 
HETATM 1433 O O   . HOH C 3 .   ? -3.595  -5.552  12.851  1.00 17.54 ? 1027 HOH A O   1 
HETATM 1434 O O   . HOH C 3 .   ? 0.551   14.907  -0.333  1.00 22.82 ? 1028 HOH A O   1 
HETATM 1435 O O   . HOH C 3 .   ? 6.526   -18.360 6.051   1.00 22.98 ? 1029 HOH A O   1 
HETATM 1436 O O   . HOH C 3 .   ? 0.978   -0.037  -16.122 1.00 21.00 ? 1030 HOH A O   1 
HETATM 1437 O O   . HOH C 3 .   ? 0.986   10.339  -5.974  1.00 23.04 ? 1031 HOH A O   1 
HETATM 1438 O O   . HOH C 3 .   ? -9.705  -2.433  -1.738  1.00 28.77 ? 1032 HOH A O   1 
HETATM 1439 O O   . HOH C 3 .   ? 10.547  -8.865  -5.565  1.00 21.96 ? 1033 HOH A O   1 
HETATM 1440 O O   . HOH C 3 .   ? 0.571   -14.318 2.886   1.00 24.92 ? 1034 HOH A O   1 
HETATM 1441 O O   . HOH C 3 .   ? -2.762  25.023  4.478   1.00 24.09 ? 1035 HOH A O   1 
HETATM 1442 O O   . HOH C 3 .   ? 9.487   3.634   -6.216  1.00 26.00 ? 1036 HOH A O   1 
HETATM 1443 O O   . HOH C 3 .   ? 12.571  2.564   -6.131  1.00 25.96 ? 1037 HOH A O   1 
HETATM 1444 O O   . HOH C 3 .   ? -10.270 -4.287  -15.845 1.00 34.85 ? 1038 HOH A O   1 
HETATM 1445 O O   . HOH C 3 .   ? 1.046   13.048  -7.091  1.00 29.58 ? 1039 HOH A O   1 
HETATM 1446 O O   . HOH C 3 .   ? 3.321   16.749  -3.582  1.00 27.91 ? 1040 HOH A O   1 
HETATM 1447 O O   . HOH C 3 .   ? 9.076   -8.570  4.266   1.00 31.41 ? 1041 HOH A O   1 
HETATM 1448 O O   . HOH C 3 .   ? 3.283   12.312  -9.151  1.00 26.42 ? 1042 HOH A O   1 
HETATM 1449 O O   . HOH C 3 .   ? 0.004   -2.355  -21.128 1.00 27.37 ? 1043 HOH A O   1 
HETATM 1450 O O   . HOH C 3 .   ? -7.932  1.922   -1.806  1.00 27.53 ? 1044 HOH A O   1 
HETATM 1451 O O   . HOH C 3 .   ? -13.423 2.408   5.476   1.00 33.21 ? 1045 HOH A O   1 
HETATM 1452 O O   . HOH C 3 .   ? -0.878  1.797   -14.160 1.00 27.43 ? 1046 HOH A O   1 
HETATM 1453 O O   . HOH C 3 .   ? -1.579  6.761   -8.248  1.00 31.59 ? 1047 HOH A O   1 
HETATM 1454 O O   . HOH C 3 .   ? -0.280  -1.092  20.063  1.00 42.69 ? 1048 HOH A O   1 
HETATM 1455 O O   . HOH C 3 .   ? 1.857   -2.394  13.787  1.00 30.11 ? 1049 HOH A O   1 
HETATM 1456 O O   . HOH C 3 .   ? 12.662  -16.383 5.435   1.00 39.58 ? 1050 HOH A O   1 
HETATM 1457 O O   . HOH C 3 .   ? -9.939  -6.064  -12.184 1.00 35.31 ? 1051 HOH A O   1 
HETATM 1458 O O   . HOH C 3 .   ? 11.808  7.458   -0.980  1.00 26.77 ? 1052 HOH A O   1 
HETATM 1459 O O   . HOH C 3 .   ? 13.554  -17.217 2.053   1.00 32.76 ? 1053 HOH A O   1 
HETATM 1460 O O   . HOH C 3 .   ? 6.153   -3.077  8.832   1.00 31.18 ? 1054 HOH A O   1 
HETATM 1461 O O   . HOH C 3 .   ? -13.726 -1.159  13.080  1.00 39.54 ? 1055 HOH A O   1 
HETATM 1462 O O   . HOH C 3 .   ? 11.420  2.840   11.615  1.00 39.66 ? 1056 HOH A O   1 
HETATM 1463 O O   . HOH C 3 .   ? -5.606  -11.192 4.406   1.00 35.36 ? 1057 HOH A O   1 
HETATM 1464 O O   . HOH C 3 .   ? -0.291  24.351  7.591   1.00 40.44 ? 1058 HOH A O   1 
HETATM 1465 O O   . HOH C 3 .   ? 9.251   13.512  1.922   1.00 34.92 ? 1059 HOH A O   1 
HETATM 1466 O O   . HOH C 3 .   ? -4.042  -9.362  10.762  1.00 24.57 ? 1060 HOH A O   1 
HETATM 1467 O O   . HOH C 3 .   ? -9.904  9.813   4.140   1.00 38.33 ? 1061 HOH A O   1 
HETATM 1468 O O   . HOH C 3 .   ? 16.984  -11.303 -5.770  1.00 41.53 ? 1062 HOH A O   1 
HETATM 1469 O O   . HOH C 3 .   ? -8.478  11.926  4.348   1.00 32.68 ? 1063 HOH A O   1 
HETATM 1470 O O   . HOH C 3 .   ? 1.695   -0.239  -21.127 1.00 34.14 ? 1064 HOH A O   1 
HETATM 1471 O O   . HOH C 3 .   ? 13.566  1.035   6.449   1.00 35.54 ? 1065 HOH A O   1 
HETATM 1472 O O   . HOH C 3 .   ? -4.807  -14.090 1.796   1.00 39.39 ? 1066 HOH A O   1 
HETATM 1473 O O   . HOH C 3 .   ? 13.704  -15.810 -3.852  1.00 35.19 ? 1067 HOH A O   1 
HETATM 1474 O O   . HOH C 3 .   ? -2.071  12.318  16.759  1.00 38.43 ? 1068 HOH A O   1 
HETATM 1475 O O   . HOH C 3 .   ? 3.805   1.332   -18.043 1.00 27.30 ? 1069 HOH A O   1 
HETATM 1476 O O   . HOH C 3 .   ? 12.520  -10.317 2.801   1.00 31.47 ? 1070 HOH A O   1 
HETATM 1477 O O   . HOH C 3 .   ? 10.058  -15.158 3.938   1.00 32.09 ? 1071 HOH A O   1 
HETATM 1478 O O   . HOH C 3 .   ? 14.246  -6.108  -13.399 1.00 38.60 ? 1072 HOH A O   1 
HETATM 1479 O O   . HOH C 3 .   ? -0.253  -20.139 -6.986  1.00 31.57 ? 1073 HOH A O   1 
HETATM 1480 O O   . HOH C 3 .   ? -1.816  -5.253  15.060  1.00 34.43 ? 1074 HOH A O   1 
HETATM 1481 O O   . HOH C 3 .   ? -8.826  4.059   -3.155  1.00 61.38 ? 1075 HOH A O   1 
HETATM 1482 O O   . HOH C 3 .   ? -13.459 1.249   17.152  1.00 36.05 ? 1076 HOH A O   1 
HETATM 1483 O O   . HOH C 3 .   ? 8.933   -4.810  -19.823 1.00 33.46 ? 1077 HOH A O   1 
HETATM 1484 O O   . HOH C 3 .   ? -2.989  1.995   -15.047 1.00 46.02 ? 1078 HOH A O   1 
HETATM 1485 O O   . HOH C 3 .   ? 14.214  9.159   3.395   1.00 35.38 ? 1079 HOH A O   1 
HETATM 1486 O O   . HOH C 3 .   ? 8.748   -18.925 3.941   1.00 36.27 ? 1080 HOH A O   1 
HETATM 1487 O O   . HOH C 3 .   ? -3.151  28.252  5.276   1.00 40.12 ? 1081 HOH A O   1 
HETATM 1488 O O   . HOH C 3 .   ? -13.938 -15.369 -11.597 1.00 36.03 ? 1082 HOH A O   1 
HETATM 1489 O O   . HOH C 3 .   ? 10.735  7.019   -4.040  1.00 34.41 ? 1083 HOH A O   1 
HETATM 1490 O O   . HOH C 3 .   ? -2.772  -3.636  16.993  1.00 45.75 ? 1084 HOH A O   1 
HETATM 1491 O O   . HOH C 3 .   ? -11.843 -3.324  -3.367  1.00 37.56 ? 1085 HOH A O   1 
HETATM 1492 O O   . HOH C 3 .   ? -11.123 -7.043  -2.697  1.00 40.84 ? 1086 HOH A O   1 
HETATM 1493 O O   . HOH C 3 .   ? 3.849   10.102  -5.563  1.00 29.54 ? 1087 HOH A O   1 
HETATM 1494 O O   . HOH C 3 .   ? -10.553 -4.522  12.525  1.00 39.32 ? 1088 HOH A O   1 
HETATM 1495 O O   . HOH C 3 .   ? -0.124  6.657   22.433  1.00 38.26 ? 1089 HOH A O   1 
HETATM 1496 O O   . HOH C 3 .   ? -2.766  17.272  9.537   1.00 41.31 ? 1090 HOH A O   1 
HETATM 1497 O O   . HOH C 3 .   ? 14.584  -3.719  4.924   1.00 36.88 ? 1091 HOH A O   1 
HETATM 1498 O O   . HOH C 3 .   ? 16.505  3.577   3.922   1.00 38.15 ? 1092 HOH A O   1 
HETATM 1499 O O   . HOH C 3 .   ? 11.329  -15.842 -5.382  1.00 40.21 ? 1093 HOH A O   1 
HETATM 1500 O O   . HOH C 3 .   ? -3.705  13.309  13.736  1.00 43.72 ? 1094 HOH A O   1 
HETATM 1501 O O   . HOH C 3 .   ? 16.920  -0.156  -1.361  1.00 25.23 ? 1095 HOH A O   1 
HETATM 1502 O O   . HOH C 3 .   ? 6.564   -10.454 10.026  1.00 38.92 ? 1096 HOH A O   1 
HETATM 1503 O O   . HOH C 3 .   ? -4.241  -11.378 -21.135 1.00 27.27 ? 1097 HOH A O   1 
HETATM 1504 O O   . HOH C 3 .   ? -11.761 -17.796 -14.454 1.00 44.57 ? 1098 HOH A O   1 
HETATM 1505 O O   . HOH C 3 .   ? -5.319  -16.779 -0.819  1.00 47.11 ? 1099 HOH A O   1 
HETATM 1506 O O   . HOH C 3 .   ? 4.080   -21.669 -7.481  1.00 34.89 ? 1100 HOH A O   1 
HETATM 1507 O O   . HOH C 3 .   ? -6.676  -18.192 -7.075  1.00 41.90 ? 1101 HOH A O   1 
HETATM 1508 O O   . HOH C 3 .   ? 16.580  0.542   7.344   1.00 50.10 ? 1102 HOH A O   1 
HETATM 1509 O O   . HOH C 3 .   ? -5.028  14.336  11.641  1.00 49.74 ? 1103 HOH A O   1 
# 
